data_7L8S
#
_entry.id   7L8S
#
loop_
_entity.id
_entity.type
_entity.pdbx_description
1 polymer 'BG505 SOSIP.v5.2(7S) - gp120'
2 polymer 'BG505 SOSIP.v5.2(7S) - gp41'
3 polymer 'Rh.33172 pAbC-4 - Heavy Chain'
4 polymer 'Rh.33172 pAbC-4 - Light Chain'
5 branched alpha-D-mannopyranose-(1-3)-[alpha-D-mannopyranose-(1-6)]beta-D-mannopyranose-(1-4)-2-acetamido-2-deoxy-beta-D-glucopyranose-(1-4)-2-acetamido-2-deoxy-beta-D-glucopyranose
6 branched 2-acetamido-2-deoxy-beta-D-glucopyranose-(1-4)-2-acetamido-2-deoxy-beta-D-glucopyranose
7 branched beta-D-mannopyranose-(1-4)-2-acetamido-2-deoxy-beta-D-glucopyranose-(1-4)-2-acetamido-2-deoxy-beta-D-glucopyranose
8 non-polymer 2-acetamido-2-deoxy-beta-D-glucopyranose
#
loop_
_entity_poly.entity_id
_entity_poly.type
_entity_poly.pdbx_seq_one_letter_code
_entity_poly.pdbx_strand_id
1 'polypeptide(L)'
;MKRGLCCVLLLCGAVFVSPSQEIHARFRRGARAENLWVTVYYGVPVWKDAETTLFCASDAKAYETKKHNVWATHCCVPTD
PNPQEIHLENVTEEFNMWKNNMVEQMHTDIISLWDQSLKPCVKLTPLCVTLQCTNVTNNITDDMRGELKNCSFNMTTELR
DKKQKVYSLFYRLDVVQINENQGNRSNNSNKEYRLINCNTSAITQACPKVSFEPIPIHYCAPAGFAILKCKDKKFNGTGP
CTNVSTVQCTHGIKPVVSTQLLLNGSLAEEEVIIRSENITNNAKNILVQLNESVQINCTRPNNNTVKSIRIGPGQWFYYT
GDIIGDIRQAHCNVSKATWNETLGKVVKQLRKHFGNNTIIRFANSSGGDLEVTTHSFNCGGEFFYCNTSGLFNSTWISNT
SVQGSNSTGSNDSITLPCRIKQIINMWQRIGQAMYAPPIQGVIRCVSNITGLILTRDGGSTNSTTETFRPGGGDMRDNWR
SELYKYKVVKIEPLGVAPTRCKRRVV
;
C,E,A
2 'polypeptide(L)'
;LGFLGAAGSTMGAASMTLTVQARNLLSGIVQQQSNLLRAPECQQHLLKDTHWGIKQLQARVLAVEHYLRDQQLLGIWGCS
GKLICCTNVPWNSSWSNRNLSEIWDNMTWLQWDKEISNYTQIIYGLLEESQNQQEKNEQDLLELD
;
D,F,B
3 'polypeptide(L)'
;(UNK)(UNK)(UNK)(UNK)(UNK)(UNK)(UNK)(UNK)(UNK)(UNK)(UNK)(UNK)(UNK)(UNK)(UNK)(UNK)
(UNK)(UNK)(UNK)(UNK)(UNK)(UNK)(UNK)(UNK)(UNK)(UNK)(UNK)(UNK)(UNK)(UNK)(UNK)(UNK)
(UNK)(UNK)(UNK)(UNK)(UNK)(UNK)(UNK)(UNK)(UNK)(UNK)(UNK)(UNK)(UNK)(UNK)(UNK)(UNK)
(UNK)(UNK)(UNK)(UNK)(UNK)(UNK)(UNK)(UNK)(UNK)(UNK)(UNK)(UNK)(UNK)(UNK)(UNK)(UNK)
(UNK)(UNK)(UNK)(UNK)(UNK)(UNK)(UNK)(UNK)(UNK)(UNK)(UNK)(UNK)(UNK)(UNK)(UNK)(UNK)
(UNK)(UNK)(UNK)(UNK)(UNK)(UNK)(UNK)(UNK)(UNK)(UNK)(UNK)(UNK)(UNK)(UNK)(UNK)(UNK)
(UNK)(UNK)(UNK)(UNK)(UNK)(UNK)(UNK)(UNK)(UNK)(UNK)(UNK)(UNK)(UNK)(UNK)(UNK)(UNK)
;
H
4 'polypeptide(L)'
;(UNK)(UNK)(UNK)(UNK)(UNK)(UNK)(UNK)(UNK)(UNK)(UNK)(UNK)(UNK)(UNK)(UNK)(UNK)(UNK)
(UNK)(UNK)(UNK)(UNK)(UNK)(UNK)(UNK)(UNK)(UNK)(UNK)(UNK)(UNK)(UNK)(UNK)(UNK)(UNK)
(UNK)(UNK)(UNK)(UNK)(UNK)(UNK)(UNK)(UNK)(UNK)(UNK)(UNK)(UNK)(UNK)(UNK)(UNK)(UNK)
(UNK)(UNK)(UNK)(UNK)(UNK)(UNK)(UNK)(UNK)(UNK)(UNK)(UNK)(UNK)(UNK)(UNK)(UNK)(UNK)
(UNK)(UNK)(UNK)(UNK)(UNK)(UNK)(UNK)(UNK)(UNK)(UNK)(UNK)(UNK)(UNK)(UNK)(UNK)(UNK)
(UNK)(UNK)(UNK)(UNK)(UNK)(UNK)(UNK)(UNK)(UNK)(UNK)(UNK)(UNK)(UNK)(UNK)(UNK)(UNK)
(UNK)(UNK)(UNK)(UNK)
;
L
#
loop_
_chem_comp.id
_chem_comp.type
_chem_comp.name
_chem_comp.formula
BMA D-saccharide, beta linking beta-D-mannopyranose 'C6 H12 O6'
MAN D-saccharide, alpha linking alpha-D-mannopyranose 'C6 H12 O6'
NAG D-saccharide, beta linking 2-acetamido-2-deoxy-beta-D-glucopyranose 'C8 H15 N O6'
#
# COMPACT_ATOMS: atom_id res chain seq x y z
N ASN A 35 -24.07 26.87 -52.03
CA ASN A 35 -22.76 27.10 -52.65
C ASN A 35 -21.61 26.49 -51.84
N LEU A 36 -21.66 26.60 -50.50
CA LEU A 36 -20.65 26.12 -49.56
C LEU A 36 -21.23 25.11 -48.60
N TRP A 37 -20.39 24.17 -48.18
CA TRP A 37 -20.69 23.11 -47.24
C TRP A 37 -19.64 22.99 -46.15
N VAL A 38 -20.02 22.42 -45.02
CA VAL A 38 -19.09 22.28 -43.91
C VAL A 38 -18.11 21.10 -44.07
N THR A 39 -16.85 21.40 -44.23
CA THR A 39 -15.87 20.33 -44.41
C THR A 39 -15.09 20.16 -43.14
N VAL A 40 -14.97 18.92 -42.71
CA VAL A 40 -14.31 18.60 -41.47
C VAL A 40 -12.84 18.33 -41.69
N TYR A 41 -12.01 18.99 -40.89
CA TYR A 41 -10.57 18.86 -40.95
C TYR A 41 -9.98 18.30 -39.66
N TYR A 42 -9.28 17.18 -39.77
CA TYR A 42 -8.69 16.56 -38.59
C TYR A 42 -7.20 16.59 -38.61
N GLY A 43 -6.63 17.09 -37.53
CA GLY A 43 -5.20 17.24 -37.40
C GLY A 43 -4.84 18.71 -37.57
N VAL A 44 -5.79 19.59 -37.29
CA VAL A 44 -5.62 21.02 -37.39
C VAL A 44 -4.67 21.53 -36.28
N PRO A 45 -3.59 22.29 -36.60
CA PRO A 45 -2.57 22.76 -35.67
C PRO A 45 -2.99 23.95 -34.81
N VAL A 46 -3.96 23.73 -33.96
CA VAL A 46 -4.48 24.76 -33.06
C VAL A 46 -4.55 24.29 -31.61
N TRP A 47 -4.69 25.22 -30.68
CA TRP A 47 -4.75 24.89 -29.27
C TRP A 47 -5.54 25.88 -28.42
N LYS A 48 -5.81 25.45 -27.19
CA LYS A 48 -6.49 26.25 -26.18
C LYS A 48 -5.72 26.27 -24.86
N ASP A 49 -5.96 27.29 -24.05
CA ASP A 49 -5.31 27.35 -22.74
C ASP A 49 -5.67 26.11 -21.97
N ALA A 50 -4.71 25.52 -21.26
CA ALA A 50 -5.07 24.32 -20.52
C ALA A 50 -4.21 24.07 -19.31
N GLU A 51 -4.74 23.25 -18.41
CA GLU A 51 -3.96 22.84 -17.26
C GLU A 51 -3.91 21.32 -17.25
N THR A 52 -2.74 20.78 -16.97
CA THR A 52 -2.55 19.35 -16.89
C THR A 52 -1.31 19.07 -16.09
N THR A 53 -1.23 17.89 -15.51
CA THR A 53 -0.07 17.47 -14.76
C THR A 53 1.13 17.25 -15.64
N LEU A 54 2.28 17.78 -15.25
CA LEU A 54 3.49 17.57 -16.03
C LEU A 54 4.35 16.44 -15.48
N PHE A 55 5.22 15.87 -16.30
CA PHE A 55 6.06 14.82 -15.69
C PHE A 55 7.52 15.28 -15.59
N CYS A 56 8.07 14.99 -14.42
CA CYS A 56 9.35 15.44 -13.89
C CYS A 56 10.45 14.55 -14.46
N ALA A 57 11.44 15.16 -15.11
CA ALA A 57 12.55 14.37 -15.64
C ALA A 57 13.90 15.06 -15.41
N SER A 58 14.94 14.23 -15.25
CA SER A 58 16.31 14.69 -15.04
C SER A 58 17.28 14.20 -16.11
N ASP A 59 18.40 14.89 -16.26
CA ASP A 59 19.43 14.45 -17.23
C ASP A 59 20.19 13.17 -16.84
N ALA A 60 20.39 12.91 -15.52
CA ALA A 60 21.11 11.75 -14.95
C ALA A 60 22.54 11.66 -15.52
N HIS A 68 22.33 9.20 -5.02
CA HIS A 68 21.05 8.87 -4.39
C HIS A 68 20.33 10.11 -3.79
N ASN A 69 20.41 11.26 -4.50
CA ASN A 69 19.79 12.56 -4.17
C ASN A 69 18.28 12.45 -4.24
N VAL A 70 17.59 13.08 -3.30
CA VAL A 70 16.16 12.95 -3.26
C VAL A 70 15.49 13.42 -4.53
N TRP A 71 16.04 14.46 -5.14
CA TRP A 71 15.41 15.00 -6.30
C TRP A 71 15.53 14.05 -7.43
N ALA A 72 16.73 13.51 -7.58
CA ALA A 72 17.07 12.58 -8.64
C ALA A 72 16.40 11.22 -8.48
N THR A 73 16.21 10.80 -7.24
CA THR A 73 15.62 9.50 -6.98
C THR A 73 14.19 9.51 -7.41
N HIS A 74 13.48 10.57 -7.04
CA HIS A 74 12.10 10.72 -7.44
C HIS A 74 11.92 11.10 -8.91
N CYS A 75 12.63 12.16 -9.36
CA CYS A 75 12.56 12.73 -10.69
C CYS A 75 13.62 11.96 -11.49
N CYS A 76 13.35 10.67 -11.59
CA CYS A 76 14.25 9.69 -12.15
C CYS A 76 14.00 9.47 -13.63
N VAL A 77 12.91 10.00 -14.12
CA VAL A 77 12.60 9.79 -15.50
C VAL A 77 13.66 10.55 -16.26
N PRO A 78 14.36 9.94 -17.19
CA PRO A 78 15.39 10.60 -17.93
C PRO A 78 14.82 11.58 -18.90
N THR A 79 15.56 12.62 -19.19
CA THR A 79 15.22 13.55 -20.24
C THR A 79 15.78 13.04 -21.55
N ASP A 80 15.26 13.57 -22.63
CA ASP A 80 15.79 13.26 -23.94
C ASP A 80 16.98 14.15 -24.23
N PRO A 81 18.02 13.68 -24.92
CA PRO A 81 19.14 14.47 -25.40
C PRO A 81 18.68 15.17 -26.65
N ASN A 82 17.70 16.03 -26.49
CA ASN A 82 17.03 16.67 -27.60
C ASN A 82 16.52 18.06 -27.29
N PRO A 83 17.20 19.13 -27.68
CA PRO A 83 16.83 20.50 -27.44
C PRO A 83 15.75 20.84 -28.45
N GLN A 84 14.59 20.22 -28.27
CA GLN A 84 13.50 20.33 -29.21
C GLN A 84 12.77 21.62 -29.04
N GLU A 85 12.67 22.38 -30.12
CA GLU A 85 11.99 23.65 -30.13
C GLU A 85 11.47 23.96 -31.53
N ILE A 86 10.25 24.46 -31.64
CA ILE A 86 9.73 24.84 -32.96
C ILE A 86 9.32 26.29 -33.00
N HIS A 87 9.91 27.05 -33.91
CA HIS A 87 9.62 28.46 -33.94
C HIS A 87 8.32 28.69 -34.60
N LEU A 88 7.43 29.34 -33.89
CA LEU A 88 6.11 29.53 -34.43
C LEU A 88 6.06 30.80 -35.19
N GLU A 89 6.50 30.68 -36.42
CA GLU A 89 6.64 31.84 -37.23
C GLU A 89 5.24 32.36 -37.47
N ASN A 90 5.07 33.70 -37.40
CA ASN A 90 3.82 34.46 -37.55
C ASN A 90 2.71 34.03 -36.56
N VAL A 91 3.09 33.68 -35.30
CA VAL A 91 2.17 33.31 -34.21
C VAL A 91 2.39 34.21 -33.02
N THR A 92 1.31 34.77 -32.50
CA THR A 92 1.38 35.63 -31.30
C THR A 92 0.59 34.95 -30.21
N GLU A 93 1.14 34.97 -29.00
CA GLU A 93 0.49 34.34 -27.85
C GLU A 93 0.55 35.25 -26.63
N GLU A 94 -0.41 35.12 -25.73
CA GLU A 94 -0.38 35.94 -24.51
C GLU A 94 -0.02 35.14 -23.29
N PHE A 95 0.92 35.67 -22.52
CA PHE A 95 1.37 34.98 -21.33
C PHE A 95 1.04 35.78 -20.09
N ASN A 96 0.78 35.09 -18.99
CA ASN A 96 0.55 35.77 -17.72
C ASN A 96 1.12 34.93 -16.61
N MET A 97 2.31 35.28 -16.20
CA MET A 97 3.06 34.51 -15.22
C MET A 97 2.40 34.47 -13.86
N TRP A 98 1.53 35.41 -13.58
CA TRP A 98 0.99 35.48 -12.23
C TRP A 98 -0.15 34.52 -12.08
N LYS A 99 -0.54 33.90 -13.18
CA LYS A 99 -1.66 32.98 -13.19
C LYS A 99 -1.17 31.63 -13.66
N ASN A 100 0.14 31.42 -13.66
CA ASN A 100 0.71 30.22 -14.22
C ASN A 100 0.60 29.00 -13.31
N ASN A 101 -0.20 28.03 -13.76
CA ASN A 101 -0.51 26.78 -13.06
C ASN A 101 0.69 25.93 -12.74
N MET A 102 1.73 26.09 -13.54
CA MET A 102 2.91 25.29 -13.36
C MET A 102 3.61 25.62 -12.06
N VAL A 103 3.39 26.84 -11.56
CA VAL A 103 4.05 27.24 -10.35
C VAL A 103 3.42 26.46 -9.22
N GLU A 104 2.11 26.37 -9.26
CA GLU A 104 1.39 25.66 -8.24
C GLU A 104 1.75 24.20 -8.29
N GLN A 105 1.92 23.63 -9.49
CA GLN A 105 2.29 22.23 -9.50
C GLN A 105 3.67 22.06 -8.95
N MET A 106 4.59 22.95 -9.30
CA MET A 106 5.93 22.78 -8.79
C MET A 106 5.89 22.77 -7.29
N HIS A 107 5.12 23.66 -6.71
CA HIS A 107 5.05 23.74 -5.28
C HIS A 107 4.48 22.48 -4.69
N THR A 108 3.37 22.01 -5.23
CA THR A 108 2.70 20.87 -4.68
C THR A 108 3.58 19.63 -4.72
N ASP A 109 4.26 19.43 -5.84
CA ASP A 109 5.10 18.26 -5.97
C ASP A 109 6.27 18.33 -5.03
N ILE A 110 6.81 19.51 -4.83
CA ILE A 110 7.90 19.66 -3.92
C ILE A 110 7.50 19.34 -2.51
N ILE A 111 6.35 19.80 -2.07
CA ILE A 111 5.97 19.54 -0.70
C ILE A 111 5.84 18.05 -0.54
N SER A 112 5.20 17.41 -1.52
CA SER A 112 4.98 15.99 -1.43
C SER A 112 6.28 15.24 -1.35
N LEU A 113 7.24 15.60 -2.18
CA LEU A 113 8.50 14.89 -2.16
C LEU A 113 9.20 15.07 -0.87
N TRP A 114 9.19 16.28 -0.35
CA TRP A 114 9.88 16.53 0.87
C TRP A 114 9.35 15.59 1.95
N ASP A 115 8.02 15.51 2.07
CA ASP A 115 7.47 14.65 3.09
C ASP A 115 7.78 13.20 2.83
N GLN A 116 7.77 12.79 1.57
CA GLN A 116 8.03 11.40 1.28
C GLN A 116 9.41 11.01 1.72
N SER A 117 10.34 11.95 1.59
CA SER A 117 11.71 11.72 1.99
C SER A 117 11.80 11.46 3.47
N LEU A 118 11.01 12.19 4.25
CA LEU A 118 11.02 12.06 5.70
C LEU A 118 10.17 10.91 6.24
N LYS A 119 9.20 10.43 5.48
CA LYS A 119 8.36 9.36 5.99
C LYS A 119 9.07 8.16 6.64
N PRO A 120 10.15 7.59 6.08
CA PRO A 120 10.84 6.46 6.67
C PRO A 120 11.92 6.76 7.74
N CYS A 121 12.08 8.04 8.19
CA CYS A 121 13.14 8.46 9.09
C CYS A 121 12.68 8.38 10.55
N VAL A 122 13.66 8.22 11.43
CA VAL A 122 13.45 8.14 12.87
C VAL A 122 12.83 9.37 13.51
N LYS A 123 11.89 9.13 14.41
CA LYS A 123 11.23 10.20 15.14
C LYS A 123 12.05 10.55 16.34
N LEU A 124 12.04 11.81 16.73
CA LEU A 124 12.76 12.24 17.89
C LEU A 124 11.87 12.54 19.05
N THR A 125 10.66 12.08 18.99
CA THR A 125 9.70 12.32 20.04
C THR A 125 10.14 11.74 21.39
N PRO A 126 10.93 10.64 21.47
CA PRO A 126 11.47 10.11 22.70
C PRO A 126 12.36 11.12 23.38
N LEU A 127 12.81 12.14 22.67
CA LEU A 127 13.68 13.14 23.26
C LEU A 127 12.97 14.38 23.82
N CYS A 128 11.62 14.41 23.85
CA CYS A 128 10.83 15.51 24.41
C CYS A 128 10.79 15.41 25.93
N VAL A 129 11.94 15.73 26.50
CA VAL A 129 12.22 15.65 27.92
C VAL A 129 12.74 16.97 28.41
N THR A 130 12.79 17.14 29.71
CA THR A 130 13.32 18.34 30.30
C THR A 130 14.81 18.30 30.13
N LEU A 131 15.37 19.39 29.69
CA LEU A 131 16.79 19.53 29.53
C LEU A 131 17.31 20.34 30.71
N GLN A 132 18.48 20.00 31.21
CA GLN A 132 19.13 20.80 32.26
C GLN A 132 20.23 21.57 31.59
N CYS A 133 20.02 22.88 31.34
CA CYS A 133 20.93 23.68 30.51
C CYS A 133 21.62 24.81 31.26
N THR A 134 22.88 24.99 30.91
CA THR A 134 23.68 26.12 31.36
C THR A 134 24.35 26.75 30.13
N ASN A 135 24.85 27.99 30.27
CA ASN A 135 25.55 28.73 29.21
C ASN A 135 26.94 28.13 28.95
N VAL A 136 27.38 28.11 27.68
CA VAL A 136 28.72 27.66 27.29
C VAL A 136 29.63 28.88 27.33
N THR A 137 30.77 28.78 28.00
CA THR A 137 31.72 29.91 28.10
C THR A 137 33.11 29.60 27.54
N ASN A 138 33.26 28.47 26.86
CA ASN A 138 34.56 28.04 26.36
C ASN A 138 34.93 28.61 25.01
N ASN A 139 35.85 29.56 24.99
CA ASN A 139 36.31 30.27 23.80
C ASN A 139 35.18 30.98 23.05
N ILE A 140 34.26 31.56 23.79
CA ILE A 140 33.16 32.23 23.15
C ILE A 140 33.25 33.72 23.22
N THR A 141 33.17 34.36 22.06
CA THR A 141 33.28 35.80 22.02
C THR A 141 31.97 36.52 22.27
N ASP A 142 32.06 37.84 22.29
CA ASP A 142 30.95 38.73 22.58
C ASP A 142 29.81 38.69 21.58
N ASP A 143 30.08 38.31 20.34
CA ASP A 143 29.01 38.28 19.37
C ASP A 143 28.22 36.96 19.47
N MET A 144 28.61 36.10 20.41
CA MET A 144 27.97 34.82 20.64
C MET A 144 27.35 34.75 22.03
N ARG A 145 28.16 35.00 23.04
CA ARG A 145 27.70 34.95 24.42
C ARG A 145 26.81 33.75 24.75
N GLY A 146 25.51 34.01 24.96
CA GLY A 146 24.55 33.01 25.42
C GLY A 146 23.87 32.18 24.33
N GLU A 147 24.28 32.34 23.08
CA GLU A 147 23.66 31.60 21.99
C GLU A 147 23.84 30.10 22.13
N LEU A 148 24.95 29.66 22.71
CA LEU A 148 25.12 28.23 22.89
C LEU A 148 24.90 27.78 24.31
N LYS A 149 24.22 26.64 24.43
CA LYS A 149 23.97 26.03 25.73
C LYS A 149 24.48 24.60 25.78
N ASN A 150 25.00 24.20 26.95
CA ASN A 150 25.43 22.84 27.28
C ASN A 150 24.33 22.21 28.13
N CYS A 151 23.56 21.29 27.54
CA CYS A 151 22.41 20.69 28.17
C CYS A 151 22.63 19.22 28.41
N SER A 152 22.11 18.73 29.51
CA SER A 152 22.15 17.31 29.75
C SER A 152 20.74 16.81 29.87
N PHE A 153 20.54 15.56 29.47
CA PHE A 153 19.22 14.99 29.56
C PHE A 153 19.20 13.47 29.54
N ASN A 154 18.06 12.88 29.98
CA ASN A 154 17.77 11.45 29.87
C ASN A 154 17.16 11.15 28.50
N MET A 155 17.53 10.00 27.92
CA MET A 155 17.03 9.49 26.63
C MET A 155 16.96 7.98 26.69
N THR A 156 16.24 7.40 25.75
CA THR A 156 16.10 5.95 25.71
C THR A 156 17.30 5.30 25.10
N THR A 157 17.30 4.00 25.24
CA THR A 157 18.33 3.09 24.80
C THR A 157 17.75 1.99 23.93
N GLU A 158 18.62 1.13 23.41
CA GLU A 158 18.17 0.02 22.58
C GLU A 158 17.16 -0.86 23.31
N LEU A 159 17.35 -1.05 24.61
CA LEU A 159 16.42 -1.85 25.40
C LEU A 159 15.40 -0.93 26.01
N ARG A 160 14.15 -1.34 26.02
CA ARG A 160 13.12 -0.48 26.60
C ARG A 160 13.35 -0.12 28.06
N ASP A 161 13.86 -1.05 28.84
CA ASP A 161 14.05 -0.83 30.26
C ASP A 161 15.27 0.00 30.64
N LYS A 162 16.16 0.32 29.71
CA LYS A 162 17.32 1.09 30.10
C LYS A 162 17.19 2.53 29.68
N LYS A 163 17.90 3.39 30.39
CA LYS A 163 17.93 4.80 30.09
C LYS A 163 19.36 5.27 30.18
N GLN A 164 19.67 6.32 29.47
CA GLN A 164 21.01 6.87 29.51
C GLN A 164 21.00 8.38 29.63
N LYS A 165 22.08 8.91 30.20
CA LYS A 165 22.24 10.34 30.36
C LYS A 165 23.28 10.85 29.40
N VAL A 166 22.94 11.87 28.65
CA VAL A 166 23.88 12.42 27.69
C VAL A 166 24.02 13.92 27.79
N TYR A 167 25.06 14.41 27.14
CA TYR A 167 25.30 15.84 27.02
C TYR A 167 25.27 16.24 25.56
N SER A 168 24.71 17.42 25.30
CA SER A 168 24.61 17.95 23.94
C SER A 168 24.63 19.47 23.90
N LEU A 169 25.17 19.99 22.81
CA LEU A 169 25.27 21.41 22.57
C LEU A 169 24.12 21.97 21.73
N PHE A 170 23.39 22.94 22.27
CA PHE A 170 22.24 23.46 21.56
C PHE A 170 22.30 24.92 21.21
N TYR A 171 21.59 25.27 20.15
CA TYR A 171 21.46 26.66 19.79
C TYR A 171 20.25 27.21 20.49
N ARG A 172 20.37 28.42 21.00
CA ARG A 172 19.30 29.09 21.72
C ARG A 172 18.01 29.15 20.94
N LEU A 173 18.07 29.30 19.64
CA LEU A 173 16.86 29.45 18.86
C LEU A 173 15.89 28.29 18.98
N ASP A 174 16.37 27.08 19.26
CA ASP A 174 15.49 25.93 19.31
C ASP A 174 15.15 25.47 20.73
N VAL A 175 15.59 26.22 21.74
CA VAL A 175 15.39 25.77 23.11
C VAL A 175 14.69 26.82 23.96
N VAL A 176 13.65 26.40 24.65
CA VAL A 176 12.87 27.32 25.45
C VAL A 176 12.86 27.03 26.93
N GLN A 177 13.02 28.07 27.72
CA GLN A 177 13.00 27.96 29.16
C GLN A 177 11.59 27.64 29.59
N ILE A 178 11.46 26.72 30.51
CA ILE A 178 10.16 26.31 30.98
C ILE A 178 9.58 27.13 32.14
N ASN A 179 10.37 27.39 33.22
CA ASN A 179 9.96 28.10 34.45
C ASN A 179 8.58 27.68 34.96
N ASN A 190 15.28 29.65 35.40
CA ASN A 190 15.99 28.52 35.99
C ASN A 190 16.67 27.67 34.87
N LYS A 191 17.09 26.43 35.21
CA LYS A 191 17.83 25.50 34.34
C LYS A 191 16.95 24.57 33.52
N GLU A 192 15.64 24.63 33.69
CA GLU A 192 14.77 23.70 32.99
C GLU A 192 14.30 24.26 31.66
N TYR A 193 14.68 23.56 30.61
CA TYR A 193 14.41 23.91 29.22
C TYR A 193 13.83 22.76 28.42
N ARG A 194 13.16 23.06 27.32
CA ARG A 194 12.67 22.01 26.44
C ARG A 194 12.88 22.35 24.98
N LEU A 195 12.76 21.34 24.14
CA LEU A 195 12.83 21.60 22.72
C LEU A 195 11.62 22.45 22.40
N ILE A 196 11.84 23.47 21.60
CA ILE A 196 10.79 24.42 21.31
C ILE A 196 9.52 23.85 20.73
N ASN A 197 9.59 22.82 19.91
CA ASN A 197 8.35 22.33 19.31
C ASN A 197 7.63 21.13 19.93
N CYS A 198 8.04 20.63 21.12
CA CYS A 198 7.42 19.43 21.73
C CYS A 198 6.03 19.67 22.29
N ASN A 199 5.60 20.90 22.25
CA ASN A 199 4.24 21.26 22.65
C ASN A 199 3.26 21.26 21.47
N THR A 200 3.75 21.62 20.25
CA THR A 200 2.97 21.80 19.02
C THR A 200 3.00 20.66 18.02
N SER A 201 4.14 20.03 17.80
CA SER A 201 4.20 19.00 16.76
C SER A 201 5.28 17.96 16.95
N ALA A 202 5.14 16.83 16.28
CA ALA A 202 6.19 15.83 16.32
C ALA A 202 7.40 16.30 15.55
N ILE A 203 8.58 15.93 16.04
CA ILE A 203 9.81 16.25 15.36
C ILE A 203 10.42 15.00 14.75
N THR A 204 10.70 15.05 13.46
CA THR A 204 11.31 13.93 12.72
C THR A 204 12.74 14.27 12.33
N GLN A 205 13.68 13.36 12.54
CA GLN A 205 15.05 13.63 12.13
C GLN A 205 15.19 13.39 10.67
N ALA A 206 15.79 14.29 9.94
CA ALA A 206 16.02 14.02 8.54
C ALA A 206 17.07 12.94 8.47
N CYS A 207 16.99 12.00 7.49
CA CYS A 207 17.98 10.93 7.31
C CYS A 207 19.29 11.55 6.75
N PRO A 208 20.43 11.44 7.49
CA PRO A 208 21.73 12.02 7.16
C PRO A 208 22.31 11.60 5.83
N LYS A 209 21.85 10.48 5.34
CA LYS A 209 22.34 9.96 4.10
C LYS A 209 21.72 10.65 2.90
N VAL A 210 20.64 11.39 3.10
CA VAL A 210 19.93 11.96 1.97
C VAL A 210 20.41 13.34 1.60
N SER A 211 20.72 13.47 0.32
CA SER A 211 21.16 14.73 -0.25
C SER A 211 19.94 15.49 -0.74
N PHE A 212 19.82 16.75 -0.32
CA PHE A 212 18.72 17.61 -0.72
C PHE A 212 19.12 18.75 -1.62
N GLU A 213 20.36 18.76 -2.05
CA GLU A 213 20.83 19.85 -2.88
C GLU A 213 20.03 19.79 -4.17
N PRO A 214 19.60 20.92 -4.71
CA PRO A 214 18.82 21.01 -5.90
C PRO A 214 19.60 20.58 -7.11
N ILE A 215 18.89 19.99 -8.05
CA ILE A 215 19.46 19.58 -9.31
C ILE A 215 18.53 20.27 -10.26
N PRO A 216 18.90 20.54 -11.49
CA PRO A 216 18.00 21.12 -12.44
C PRO A 216 16.95 20.10 -12.77
N ILE A 217 15.70 20.52 -12.83
CA ILE A 217 14.59 19.66 -13.22
C ILE A 217 13.85 20.15 -14.42
N HIS A 218 13.58 19.25 -15.35
CA HIS A 218 12.88 19.62 -16.55
C HIS A 218 11.44 19.14 -16.48
N TYR A 219 10.48 20.00 -16.75
CA TYR A 219 9.10 19.53 -16.76
C TYR A 219 8.66 19.31 -18.19
N CYS A 220 8.08 18.12 -18.47
CA CYS A 220 7.72 17.64 -19.79
C CYS A 220 6.21 17.49 -19.95
N ALA A 221 5.72 17.89 -21.12
CA ALA A 221 4.29 17.78 -21.39
C ALA A 221 3.86 16.34 -21.62
N PRO A 222 2.64 15.96 -21.22
CA PRO A 222 1.99 14.72 -21.55
C PRO A 222 1.53 14.81 -22.99
N ALA A 223 1.36 13.68 -23.65
CA ALA A 223 0.86 13.75 -25.02
C ALA A 223 -0.49 14.42 -25.05
N GLY A 224 -0.71 15.22 -26.09
CA GLY A 224 -1.95 15.95 -26.28
C GLY A 224 -1.79 17.39 -25.82
N PHE A 225 -0.66 17.67 -25.18
CA PHE A 225 -0.31 18.97 -24.65
C PHE A 225 1.01 19.45 -25.15
N ALA A 226 1.19 20.75 -25.06
CA ALA A 226 2.45 21.35 -25.46
C ALA A 226 2.78 22.52 -24.57
N ILE A 227 4.06 22.81 -24.45
CA ILE A 227 4.49 23.94 -23.68
C ILE A 227 4.89 25.03 -24.65
N LEU A 228 4.41 26.21 -24.47
CA LEU A 228 4.82 27.28 -25.35
C LEU A 228 5.77 28.14 -24.58
N LYS A 229 6.75 28.70 -25.27
CA LYS A 229 7.69 29.59 -24.62
C LYS A 229 7.77 30.95 -25.29
N CYS A 230 7.94 32.01 -24.45
CA CYS A 230 8.15 33.37 -24.90
C CYS A 230 9.65 33.65 -24.98
N LYS A 231 10.10 34.01 -26.16
CA LYS A 231 11.50 34.26 -26.43
C LYS A 231 11.82 35.75 -26.48
N ASP A 232 10.85 36.56 -26.16
CA ASP A 232 11.07 38.00 -26.18
C ASP A 232 11.84 38.38 -24.93
N LYS A 233 13.09 38.78 -25.13
CA LYS A 233 14.03 39.11 -24.07
C LYS A 233 13.61 40.29 -23.21
N LYS A 234 12.69 41.10 -23.72
CA LYS A 234 12.20 42.26 -22.98
C LYS A 234 10.86 41.98 -22.34
N PHE A 235 10.39 40.75 -22.44
CA PHE A 235 9.08 40.44 -21.92
C PHE A 235 9.09 40.50 -20.39
N ASN A 236 8.09 41.21 -19.81
CA ASN A 236 7.91 41.45 -18.39
C ASN A 236 7.00 40.43 -17.66
N GLY A 237 6.50 39.40 -18.39
CA GLY A 237 5.64 38.33 -17.88
C GLY A 237 4.13 38.48 -18.07
N THR A 238 3.61 39.66 -18.45
CA THR A 238 2.14 39.73 -18.59
C THR A 238 1.57 40.17 -19.92
N GLY A 239 2.37 40.71 -20.81
CA GLY A 239 1.79 41.20 -22.07
C GLY A 239 1.74 40.13 -23.14
N PRO A 240 1.33 40.49 -24.37
CA PRO A 240 1.36 39.64 -25.54
C PRO A 240 2.83 39.43 -25.83
N CYS A 241 3.19 38.28 -26.41
CA CYS A 241 4.54 37.94 -26.82
C CYS A 241 4.48 37.54 -28.28
N THR A 242 5.19 38.30 -29.11
CA THR A 242 5.16 38.07 -30.56
C THR A 242 6.29 37.17 -31.13
N ASN A 243 7.21 36.71 -30.28
CA ASN A 243 8.33 35.83 -30.60
C ASN A 243 8.21 34.60 -29.68
N VAL A 244 7.54 33.55 -30.19
CA VAL A 244 7.22 32.34 -29.44
C VAL A 244 7.63 31.09 -30.21
N SER A 245 7.77 30.01 -29.46
CA SER A 245 8.12 28.70 -29.99
C SER A 245 7.51 27.58 -29.16
N THR A 246 7.46 26.36 -29.70
CA THR A 246 6.95 25.25 -28.90
C THR A 246 8.08 24.71 -28.10
N VAL A 247 7.72 24.04 -27.03
CA VAL A 247 8.61 23.36 -26.12
C VAL A 247 8.16 21.95 -25.76
N GLN A 248 9.09 21.00 -25.82
CA GLN A 248 8.78 19.64 -25.36
C GLN A 248 8.85 19.52 -23.82
N CYS A 249 9.95 20.07 -23.23
CA CYS A 249 10.29 20.08 -21.82
C CYS A 249 10.87 21.45 -21.53
N THR A 250 10.68 21.94 -20.32
CA THR A 250 11.23 23.22 -19.91
C THR A 250 12.69 23.02 -19.69
N HIS A 251 13.40 24.11 -19.46
CA HIS A 251 14.81 24.01 -19.18
C HIS A 251 14.93 23.45 -17.79
N GLY A 252 16.14 23.20 -17.38
CA GLY A 252 16.36 22.63 -16.08
C GLY A 252 16.32 23.69 -15.01
N ILE A 253 15.28 23.62 -14.20
CA ILE A 253 15.06 24.58 -13.15
C ILE A 253 15.40 24.00 -11.82
N LYS A 254 16.33 24.61 -11.11
CA LYS A 254 16.65 24.10 -9.80
C LYS A 254 15.62 24.54 -8.77
N PRO A 255 15.12 23.64 -7.91
CA PRO A 255 14.17 23.92 -6.85
C PRO A 255 14.86 24.54 -5.65
N VAL A 256 15.35 25.74 -5.85
CA VAL A 256 16.05 26.48 -4.82
C VAL A 256 15.07 27.17 -3.90
N VAL A 257 15.32 27.07 -2.61
CA VAL A 257 14.46 27.72 -1.62
C VAL A 257 15.22 28.78 -0.86
N SER A 258 14.67 29.97 -0.85
CA SER A 258 15.27 31.08 -0.11
C SER A 258 14.24 32.14 0.22
N THR A 259 14.62 33.04 1.11
CA THR A 259 13.81 34.21 1.45
C THR A 259 14.61 35.44 1.18
N GLN A 260 13.90 36.54 0.90
CA GLN A 260 14.44 37.90 0.69
C GLN A 260 15.25 38.07 -0.62
N LEU A 261 16.29 37.27 -0.82
CA LEU A 261 17.07 37.33 -2.06
C LEU A 261 16.96 36.01 -2.78
N LEU A 262 16.81 36.10 -4.09
CA LEU A 262 16.71 34.93 -4.96
C LEU A 262 18.08 34.42 -5.31
N LEU A 263 18.28 33.13 -5.23
CA LEU A 263 19.57 32.56 -5.53
C LEU A 263 19.54 31.57 -6.70
N ASN A 264 20.67 31.51 -7.45
CA ASN A 264 21.02 30.57 -8.51
C ASN A 264 19.95 30.42 -9.62
N GLY A 265 19.30 31.54 -10.05
CA GLY A 265 18.28 31.55 -11.11
C GLY A 265 18.87 32.04 -12.42
N SER A 266 18.01 32.35 -13.36
CA SER A 266 18.42 32.84 -14.66
C SER A 266 18.62 34.34 -14.56
N LEU A 267 19.51 34.85 -15.39
CA LEU A 267 19.75 36.28 -15.47
C LEU A 267 19.12 36.87 -16.71
N ALA A 268 18.71 38.12 -16.60
CA ALA A 268 18.11 38.85 -17.71
C ALA A 268 19.14 39.21 -18.76
N GLU A 269 18.79 39.12 -20.03
CA GLU A 269 19.74 39.64 -21.00
C GLU A 269 19.70 41.16 -20.91
N GLU A 270 18.49 41.66 -20.77
CA GLU A 270 18.19 43.08 -20.81
C GLU A 270 18.31 43.80 -19.51
N GLU A 271 19.52 43.87 -19.01
CA GLU A 271 19.79 44.62 -17.79
C GLU A 271 18.91 44.22 -16.62
N VAL A 272 18.05 45.12 -16.16
CA VAL A 272 17.21 44.83 -15.02
C VAL A 272 15.75 44.92 -15.34
N ILE A 273 15.03 43.87 -15.02
CA ILE A 273 13.60 43.91 -15.23
C ILE A 273 12.88 43.80 -13.92
N ILE A 274 12.02 44.75 -13.68
CA ILE A 274 11.25 44.75 -12.47
C ILE A 274 9.83 44.44 -12.82
N ARG A 275 9.30 43.39 -12.23
CA ARG A 275 7.95 42.98 -12.55
C ARG A 275 7.13 42.59 -11.32
N SER A 276 5.83 42.78 -11.41
CA SER A 276 4.93 42.36 -10.36
C SER A 276 3.60 42.16 -11.01
N GLU A 277 2.67 41.53 -10.32
CA GLU A 277 1.34 41.40 -10.87
C GLU A 277 0.69 42.76 -11.18
N ASN A 278 0.93 43.72 -10.29
CA ASN A 278 0.45 45.13 -10.42
C ASN A 278 1.33 46.05 -9.56
N ILE A 279 2.06 46.95 -10.22
CA ILE A 279 3.03 47.88 -9.57
C ILE A 279 2.32 48.88 -8.68
N THR A 280 1.22 49.42 -9.17
CA THR A 280 0.45 50.41 -8.44
C THR A 280 -0.05 49.85 -7.12
N ASN A 281 -0.49 48.61 -7.15
CA ASN A 281 -1.03 47.96 -5.98
C ASN A 281 0.07 47.82 -4.94
N ASN A 282 -0.16 48.40 -3.79
CA ASN A 282 0.84 48.46 -2.74
C ASN A 282 0.94 47.18 -1.95
N ALA A 283 0.07 46.24 -2.26
CA ALA A 283 0.07 44.96 -1.58
C ALA A 283 0.89 43.93 -2.34
N LYS A 284 1.41 44.28 -3.52
CA LYS A 284 2.13 43.28 -4.27
C LYS A 284 3.61 43.24 -3.97
N ASN A 285 4.15 42.04 -4.00
CA ASN A 285 5.56 41.77 -3.82
C ASN A 285 6.23 41.72 -5.19
N ILE A 286 7.14 42.65 -5.40
CA ILE A 286 7.86 42.87 -6.63
C ILE A 286 9.06 41.97 -6.81
N LEU A 287 9.18 41.37 -7.98
CA LEU A 287 10.34 40.54 -8.23
C LEU A 287 11.29 41.26 -9.16
N VAL A 288 12.56 41.23 -8.82
CA VAL A 288 13.54 41.89 -9.65
C VAL A 288 14.52 40.92 -10.23
N GLN A 289 14.63 40.90 -11.55
CA GLN A 289 15.59 40.02 -12.21
C GLN A 289 16.80 40.80 -12.66
N LEU A 290 17.96 40.31 -12.28
CA LEU A 290 19.20 40.98 -12.63
C LEU A 290 19.83 40.32 -13.85
N ASN A 291 20.69 41.07 -14.60
CA ASN A 291 21.48 40.56 -15.74
C ASN A 291 22.82 39.93 -15.33
N GLU A 292 23.33 40.24 -14.13
CA GLU A 292 24.60 39.76 -13.59
C GLU A 292 24.33 39.39 -12.16
N SER A 293 25.03 38.39 -11.68
CA SER A 293 24.88 37.97 -10.31
C SER A 293 25.79 38.70 -9.36
N VAL A 294 25.44 38.60 -8.08
CA VAL A 294 26.29 39.08 -7.03
C VAL A 294 26.75 37.86 -6.27
N GLN A 295 28.04 37.64 -6.13
CA GLN A 295 28.41 36.44 -5.42
C GLN A 295 28.40 36.68 -3.94
N ILE A 296 27.87 35.71 -3.22
CA ILE A 296 27.84 35.77 -1.78
C ILE A 296 28.51 34.54 -1.14
N ASN A 297 29.53 34.79 -0.32
CA ASN A 297 30.37 33.78 0.35
C ASN A 297 29.91 33.57 1.78
N CYS A 298 29.30 32.40 2.07
CA CYS A 298 28.71 32.08 3.36
C CYS A 298 29.48 30.99 4.07
N THR A 299 29.58 31.15 5.38
CA THR A 299 30.27 30.18 6.18
C THR A 299 29.85 30.08 7.62
N ARG A 300 30.08 28.90 8.14
CA ARG A 300 30.00 28.61 9.55
C ARG A 300 31.39 28.16 9.94
N PRO A 301 32.21 29.03 10.54
CA PRO A 301 33.61 28.83 10.83
C PRO A 301 33.92 27.78 11.87
N ASN A 302 32.95 27.43 12.70
CA ASN A 302 33.25 26.46 13.72
C ASN A 302 33.31 25.02 13.24
N ASN A 303 34.38 24.36 13.68
CA ASN A 303 34.63 22.91 13.47
C ASN A 303 33.85 22.12 14.52
N ASN A 304 32.75 21.50 14.10
CA ASN A 304 31.87 20.73 14.96
C ASN A 304 32.22 19.27 15.00
N THR A 305 32.12 18.69 16.18
CA THR A 305 32.36 17.27 16.35
C THR A 305 31.06 16.58 16.56
N VAL A 306 30.74 15.68 15.64
CA VAL A 306 29.47 14.98 15.62
C VAL A 306 29.57 13.55 16.12
N LYS A 307 28.63 13.18 16.95
CA LYS A 307 28.57 11.83 17.54
C LYS A 307 27.15 11.29 17.39
N SER A 308 26.96 9.98 17.54
CA SER A 308 25.59 9.48 17.48
C SER A 308 25.33 8.40 18.51
N ILE A 309 24.09 8.35 18.98
CA ILE A 309 23.61 7.37 19.96
C ILE A 309 22.31 6.70 19.59
N ARG A 310 22.21 5.39 19.80
CA ARG A 310 20.93 4.76 19.52
C ARG A 310 19.92 4.98 20.62
N ILE A 311 18.69 5.23 20.19
CA ILE A 311 17.54 5.39 21.06
C ILE A 311 16.59 4.24 20.89
N GLY A 312 16.90 3.39 19.92
CA GLY A 312 16.12 2.18 19.65
C GLY A 312 16.87 1.32 18.63
N PRO A 313 16.34 0.14 18.29
CA PRO A 313 16.93 -0.86 17.40
C PRO A 313 17.45 -0.37 16.06
N GLY A 314 16.82 0.62 15.47
CA GLY A 314 17.31 1.11 14.19
C GLY A 314 17.26 2.61 14.22
N GLN A 315 17.26 3.13 15.43
CA GLN A 315 17.09 4.54 15.63
C GLN A 315 18.29 5.26 16.17
N TRP A 316 19.00 5.96 15.28
CA TRP A 316 20.19 6.71 15.65
C TRP A 316 19.91 8.18 15.73
N PHE A 317 20.32 8.80 16.83
CA PHE A 317 20.21 10.23 17.00
C PHE A 317 21.54 10.92 16.88
N TYR A 318 21.58 11.95 16.05
CA TYR A 318 22.83 12.67 15.83
C TYR A 318 22.97 13.94 16.63
N TYR A 319 24.04 14.01 17.43
CA TYR A 319 24.18 15.20 18.31
C TYR A 319 25.48 15.97 18.01
N THR A 320 25.31 17.29 18.09
CA THR A 320 26.17 18.40 17.75
C THR A 320 27.50 18.32 18.45
N GLY A 321 27.56 17.48 19.49
CA GLY A 321 28.78 17.24 20.22
C GLY A 321 29.38 18.46 20.86
N ASP A 322 30.55 18.81 20.37
CA ASP A 322 31.29 19.94 20.89
C ASP A 322 32.05 20.70 19.79
N ILE A 323 32.74 21.78 20.16
CA ILE A 323 33.45 22.61 19.18
C ILE A 323 34.94 22.70 19.38
N ILE A 324 35.64 22.48 18.28
CA ILE A 324 37.07 22.57 18.22
C ILE A 324 37.47 23.99 17.83
N GLY A 325 38.32 24.60 18.66
CA GLY A 325 38.78 25.96 18.41
C GLY A 325 37.86 27.03 18.98
N ASP A 326 38.02 28.24 18.45
CA ASP A 326 37.29 29.43 18.88
C ASP A 326 35.90 29.48 18.33
N ILE A 327 34.97 30.01 19.10
CA ILE A 327 33.58 30.13 18.69
C ILE A 327 33.18 31.53 18.30
N ARG A 328 32.76 31.62 17.03
CA ARG A 328 32.44 32.86 16.36
C ARG A 328 31.15 32.75 15.57
N GLN A 329 30.51 33.87 15.27
CA GLN A 329 29.30 33.78 14.45
C GLN A 329 29.53 33.41 13.01
N ALA A 330 28.53 32.71 12.47
CA ALA A 330 28.43 32.41 11.07
C ALA A 330 28.16 33.73 10.38
N HIS A 331 28.57 33.83 9.14
CA HIS A 331 28.40 35.06 8.39
C HIS A 331 28.46 34.87 6.87
N CYS A 332 28.01 35.89 6.10
CA CYS A 332 28.09 35.93 4.63
C CYS A 332 28.71 37.24 4.12
N ASN A 333 29.55 37.17 3.08
CA ASN A 333 30.16 38.37 2.52
C ASN A 333 29.80 38.60 1.04
N VAL A 334 29.60 39.90 0.69
CA VAL A 334 29.45 40.40 -0.72
C VAL A 334 30.33 41.63 -0.91
N SER A 335 30.68 41.97 -2.15
CA SER A 335 31.40 43.21 -2.41
C SER A 335 30.52 44.44 -2.23
N LYS A 336 31.01 45.48 -1.55
CA LYS A 336 30.16 46.66 -1.40
C LYS A 336 29.84 47.31 -2.71
N ALA A 337 30.85 47.45 -3.55
CA ALA A 337 30.60 48.09 -4.81
C ALA A 337 29.67 47.27 -5.66
N THR A 338 29.83 45.95 -5.66
CA THR A 338 28.99 45.19 -6.55
C THR A 338 27.55 45.38 -6.15
N TRP A 339 27.31 45.29 -4.85
CA TRP A 339 25.97 45.47 -4.35
C TRP A 339 25.41 46.87 -4.69
N ASN A 340 26.22 47.94 -4.50
CA ASN A 340 25.86 49.33 -4.75
C ASN A 340 25.52 49.60 -6.22
N GLU A 341 26.31 49.01 -7.17
CA GLU A 341 26.13 49.13 -8.61
C GLU A 341 24.83 48.48 -9.02
N THR A 342 24.55 47.35 -8.39
CA THR A 342 23.34 46.64 -8.64
C THR A 342 22.16 47.47 -8.23
N LEU A 343 22.20 48.04 -7.02
CA LEU A 343 21.05 48.80 -6.59
C LEU A 343 20.86 50.04 -7.41
N GLY A 344 21.94 50.69 -7.82
CA GLY A 344 21.75 51.89 -8.59
C GLY A 344 20.99 51.59 -9.86
N LYS A 345 21.29 50.45 -10.49
CA LYS A 345 20.58 50.12 -11.71
C LYS A 345 19.12 49.80 -11.41
N VAL A 346 18.87 49.15 -10.29
CA VAL A 346 17.51 48.82 -9.91
C VAL A 346 16.73 50.10 -9.72
N VAL A 347 17.34 51.09 -9.09
CA VAL A 347 16.70 52.36 -8.88
C VAL A 347 16.37 53.05 -10.17
N LYS A 348 17.27 53.05 -11.12
CA LYS A 348 16.93 53.69 -12.37
C LYS A 348 15.71 53.01 -12.97
N GLN A 349 15.67 51.68 -12.88
CA GLN A 349 14.52 50.98 -13.38
C GLN A 349 13.28 51.29 -12.55
N LEU A 350 13.40 51.47 -11.23
CA LEU A 350 12.24 51.81 -10.43
C LEU A 350 11.68 53.15 -10.84
N ARG A 351 12.53 54.12 -11.14
CA ARG A 351 12.04 55.44 -11.51
C ARG A 351 11.17 55.37 -12.76
N LYS A 352 11.47 54.45 -13.64
CA LYS A 352 10.65 54.30 -14.84
C LYS A 352 9.20 53.98 -14.50
N HIS A 353 8.96 53.44 -13.29
CA HIS A 353 7.64 53.05 -12.86
C HIS A 353 7.13 53.99 -11.74
N PHE A 354 8.05 54.58 -10.97
CA PHE A 354 7.71 55.43 -9.83
C PHE A 354 7.94 56.94 -9.94
N GLY A 355 8.52 57.44 -11.04
CA GLY A 355 8.74 58.87 -11.25
C GLY A 355 10.22 59.33 -11.34
N ASN A 356 10.46 60.34 -12.21
CA ASN A 356 11.76 60.96 -12.55
C ASN A 356 12.47 61.61 -11.35
N ASN A 357 11.70 62.16 -10.39
CA ASN A 357 12.18 62.83 -9.19
C ASN A 357 12.02 61.96 -7.98
N THR A 358 11.80 60.69 -8.19
CA THR A 358 11.59 59.84 -7.06
C THR A 358 12.88 59.33 -6.46
N ILE A 359 12.91 59.50 -5.16
CA ILE A 359 13.99 59.15 -4.27
C ILE A 359 13.72 57.77 -3.70
N ILE A 360 14.70 56.89 -3.79
CA ILE A 360 14.49 55.55 -3.30
C ILE A 360 15.24 55.27 -2.04
N ARG A 361 14.46 55.05 -1.00
CA ARG A 361 14.97 54.78 0.31
C ARG A 361 14.99 53.30 0.55
N PHE A 362 16.14 52.74 0.84
CA PHE A 362 16.14 51.33 1.15
C PHE A 362 16.16 51.14 2.63
N ALA A 363 15.47 50.12 3.07
CA ALA A 363 15.36 49.78 4.47
C ALA A 363 15.24 48.27 4.60
N ASN A 364 15.41 47.74 5.83
CA ASN A 364 15.25 46.32 6.15
C ASN A 364 13.75 46.01 6.25
N SER A 365 13.35 44.74 6.54
CA SER A 365 11.91 44.38 6.58
C SER A 365 11.27 45.02 7.81
N SER A 366 9.95 45.10 7.81
CA SER A 366 9.25 45.74 8.91
C SER A 366 9.14 44.91 10.18
N GLY A 367 9.24 43.60 10.07
CA GLY A 367 9.09 42.76 11.24
C GLY A 367 8.56 41.41 10.84
N GLY A 368 8.19 40.61 11.84
CA GLY A 368 7.71 39.26 11.61
C GLY A 368 8.68 38.28 12.20
N ASP A 369 8.47 37.00 11.92
CA ASP A 369 9.30 35.98 12.54
C ASP A 369 10.62 35.85 11.82
N LEU A 370 11.47 34.96 12.32
CA LEU A 370 12.80 34.79 11.77
C LEU A 370 12.75 34.49 10.28
N GLU A 371 11.78 33.70 9.88
CA GLU A 371 11.65 33.28 8.51
C GLU A 371 11.40 34.40 7.51
N VAL A 372 10.94 35.56 7.97
CA VAL A 372 10.72 36.65 7.05
C VAL A 372 11.63 37.82 7.33
N THR A 373 12.24 37.88 8.53
CA THR A 373 13.11 38.98 8.84
C THR A 373 14.53 38.71 8.41
N THR A 374 14.89 37.44 8.23
CA THR A 374 16.23 37.16 7.76
C THR A 374 16.22 36.52 6.41
N HIS A 375 17.37 36.60 5.78
CA HIS A 375 17.62 35.94 4.55
C HIS A 375 17.79 34.50 4.88
N SER A 376 17.25 33.61 4.08
CA SER A 376 17.49 32.23 4.46
C SER A 376 17.83 31.37 3.30
N PHE A 377 18.64 30.38 3.64
CA PHE A 377 19.16 29.38 2.74
C PHE A 377 19.64 28.16 3.49
N ASN A 378 20.04 27.12 2.76
CA ASN A 378 20.50 25.90 3.40
C ASN A 378 21.89 25.47 2.88
N CYS A 379 22.95 26.23 3.26
CA CYS A 379 24.33 26.07 2.78
C CYS A 379 24.99 24.88 3.44
N GLY A 380 25.33 23.93 2.60
CA GLY A 380 25.97 22.73 3.06
C GLY A 380 24.97 21.83 3.75
N GLY A 381 23.69 22.16 3.67
CA GLY A 381 22.71 21.39 4.38
C GLY A 381 22.36 22.00 5.75
N GLU A 382 23.06 23.05 6.18
CA GLU A 382 22.69 23.64 7.47
C GLU A 382 21.76 24.81 7.19
N PHE A 383 20.82 25.07 8.07
CA PHE A 383 19.91 26.18 7.85
C PHE A 383 20.35 27.49 8.45
N PHE A 384 20.54 28.46 7.55
CA PHE A 384 21.02 29.79 7.85
C PHE A 384 19.97 30.84 7.79
N TYR A 385 20.03 31.71 8.79
CA TYR A 385 19.16 32.87 8.96
C TYR A 385 20.02 34.13 9.14
N CYS A 386 20.31 34.82 8.01
CA CYS A 386 21.28 35.90 7.92
C CYS A 386 20.63 37.28 7.90
N ASN A 387 21.27 38.20 8.61
CA ASN A 387 20.80 39.57 8.66
C ASN A 387 21.04 40.26 7.31
N THR A 388 20.13 41.17 6.92
CA THR A 388 20.20 41.95 5.68
C THR A 388 20.17 43.43 5.91
N SER A 389 20.23 43.89 7.15
CA SER A 389 20.14 45.33 7.31
C SER A 389 21.32 46.03 6.65
N GLY A 390 22.46 45.35 6.56
CA GLY A 390 23.67 45.89 5.96
C GLY A 390 23.54 46.08 4.45
N LEU A 391 22.51 45.49 3.87
CA LEU A 391 22.29 45.59 2.45
C LEU A 391 21.30 46.68 2.08
N PHE A 392 20.48 47.13 3.03
CA PHE A 392 19.43 48.06 2.69
C PHE A 392 19.40 49.24 3.66
N ASN A 393 20.43 50.11 3.59
CA ASN A 393 20.62 51.27 4.48
C ASN A 393 20.59 52.62 3.73
N SER A 394 21.05 52.64 2.45
CA SER A 394 21.23 53.85 1.64
C SER A 394 19.98 54.39 1.00
N THR A 395 20.09 55.63 0.55
CA THR A 395 19.04 56.28 -0.21
C THR A 395 19.63 56.74 -1.51
N TRP A 396 18.97 56.42 -2.58
CA TRP A 396 19.40 56.81 -3.89
C TRP A 396 18.69 58.08 -4.26
N ILE A 397 19.42 59.03 -4.80
CA ILE A 397 18.86 60.33 -5.14
C ILE A 397 19.05 60.65 -6.62
N SER A 398 18.32 61.67 -7.14
CA SER A 398 18.37 62.14 -8.52
C SER A 398 19.09 63.48 -8.57
N SER A 410 40.15 43.21 -3.47
CA SER A 410 40.86 44.32 -2.83
C SER A 410 39.93 45.40 -2.20
N ASN A 411 38.64 45.44 -2.60
CA ASN A 411 37.62 46.38 -2.13
C ASN A 411 36.88 45.85 -0.92
N ASP A 412 36.33 46.76 -0.15
CA ASP A 412 35.56 46.41 1.03
C ASP A 412 34.34 45.58 0.73
N SER A 413 34.08 44.64 1.63
CA SER A 413 32.93 43.75 1.59
C SER A 413 31.93 44.10 2.68
N ILE A 414 30.73 43.58 2.53
CA ILE A 414 29.68 43.72 3.50
C ILE A 414 29.55 42.41 4.22
N THR A 415 29.72 42.41 5.52
CA THR A 415 29.59 41.17 6.26
C THR A 415 28.25 41.14 6.94
N LEU A 416 27.51 40.10 6.66
CA LEU A 416 26.21 39.89 7.22
C LEU A 416 26.33 38.82 8.30
N PRO A 417 25.99 39.09 9.56
CA PRO A 417 26.05 38.12 10.63
C PRO A 417 24.93 37.13 10.35
N CYS A 418 25.13 35.84 10.72
CA CYS A 418 24.15 34.76 10.53
C CYS A 418 23.92 33.90 11.77
N ARG A 419 22.68 33.42 11.87
CA ARG A 419 22.28 32.49 12.91
C ARG A 419 22.04 31.10 12.34
N ILE A 420 22.27 30.10 13.18
CA ILE A 420 22.05 28.70 12.81
C ILE A 420 20.93 28.08 13.60
N LYS A 421 20.04 27.40 12.90
CA LYS A 421 18.87 26.77 13.50
C LYS A 421 18.79 25.30 13.07
N GLN A 422 18.37 24.38 13.96
CA GLN A 422 18.23 22.96 13.60
C GLN A 422 16.80 22.46 13.54
N ILE A 423 15.90 23.06 14.30
CA ILE A 423 14.51 22.61 14.25
C ILE A 423 13.75 23.52 13.31
N ILE A 424 13.37 22.94 12.20
CA ILE A 424 12.80 23.69 11.12
C ILE A 424 11.34 23.41 10.85
N ASN A 425 10.54 24.45 10.74
CA ASN A 425 9.15 24.28 10.34
C ASN A 425 9.19 24.53 8.86
N MET A 426 9.16 23.46 8.10
CA MET A 426 9.40 23.55 6.69
C MET A 426 8.15 23.95 5.90
N TRP A 427 8.38 24.61 4.78
CA TRP A 427 7.38 24.99 3.80
C TRP A 427 6.26 25.83 4.28
N GLN A 428 6.52 26.74 5.18
CA GLN A 428 5.48 27.64 5.67
C GLN A 428 4.34 26.89 6.36
N ARG A 429 4.58 25.65 6.82
CA ARG A 429 3.58 24.87 7.53
C ARG A 429 3.90 24.88 8.99
N ILE A 430 2.93 24.56 9.84
CA ILE A 430 3.22 24.51 11.27
C ILE A 430 2.96 23.18 11.97
N GLY A 431 2.36 22.21 11.29
CA GLY A 431 2.02 20.95 11.95
C GLY A 431 3.13 19.92 11.90
N GLN A 432 4.24 20.29 11.30
CA GLN A 432 5.37 19.42 11.12
C GLN A 432 6.63 20.13 11.55
N ALA A 433 7.62 19.37 11.96
CA ALA A 433 8.92 19.92 12.25
C ALA A 433 9.97 18.88 11.96
N MET A 434 11.13 19.35 11.55
CA MET A 434 12.20 18.41 11.31
C MET A 434 13.47 18.85 11.96
N TYR A 435 14.28 17.89 12.32
CA TYR A 435 15.58 18.15 12.88
C TYR A 435 16.64 17.92 11.87
N ALA A 436 17.45 18.93 11.69
CA ALA A 436 18.56 18.87 10.77
C ALA A 436 19.78 18.31 11.50
N PRO A 437 20.29 17.12 11.16
CA PRO A 437 21.42 16.53 11.81
C PRO A 437 22.53 17.52 11.60
N PRO A 438 23.44 17.68 12.54
CA PRO A 438 24.59 18.54 12.45
C PRO A 438 25.58 17.94 11.50
N ILE A 439 26.35 18.79 10.88
CA ILE A 439 27.41 18.34 10.00
C ILE A 439 28.79 18.55 10.57
N GLN A 440 29.56 17.48 10.54
CA GLN A 440 30.93 17.42 11.01
C GLN A 440 31.82 18.39 10.26
N GLY A 441 32.64 19.15 10.98
CA GLY A 441 33.55 20.07 10.31
C GLY A 441 33.04 21.49 10.17
N VAL A 442 33.54 22.16 9.13
CA VAL A 442 33.38 23.57 8.83
C VAL A 442 32.72 23.72 7.47
N ILE A 443 31.74 24.59 7.36
CA ILE A 443 31.01 24.75 6.10
C ILE A 443 31.20 26.04 5.39
N ARG A 444 31.50 25.93 4.09
CA ARG A 444 31.62 27.09 3.23
C ARG A 444 30.96 26.82 1.88
N CYS A 445 30.33 27.85 1.28
CA CYS A 445 29.76 27.80 -0.08
C CYS A 445 29.69 29.21 -0.65
N VAL A 446 29.53 29.30 -1.96
CA VAL A 446 29.31 30.59 -2.56
C VAL A 446 28.10 30.47 -3.47
N SER A 447 27.16 31.39 -3.32
CA SER A 447 25.97 31.37 -4.15
C SER A 447 25.90 32.61 -5.04
N ASN A 448 25.08 32.53 -6.10
CA ASN A 448 24.80 33.59 -7.07
C ASN A 448 23.47 34.28 -6.75
N ILE A 449 23.49 35.59 -6.35
CA ILE A 449 22.24 36.33 -6.08
C ILE A 449 21.80 36.82 -7.43
N THR A 450 20.64 36.36 -7.86
CA THR A 450 20.16 36.64 -9.20
C THR A 450 18.92 37.53 -9.21
N GLY A 451 18.47 37.91 -8.03
CA GLY A 451 17.28 38.74 -7.95
C GLY A 451 16.86 39.11 -6.56
N LEU A 452 15.85 39.97 -6.50
CA LEU A 452 15.34 40.50 -5.24
C LEU A 452 13.86 40.24 -5.03
N ILE A 453 13.46 40.10 -3.75
CA ILE A 453 12.04 40.02 -3.39
C ILE A 453 11.69 41.29 -2.61
N LEU A 454 10.97 42.20 -3.25
CA LEU A 454 10.74 43.51 -2.62
C LEU A 454 9.33 43.94 -2.38
N THR A 455 9.14 44.69 -1.33
CA THR A 455 7.87 45.31 -1.03
C THR A 455 8.13 46.77 -0.77
N ARG A 456 7.09 47.58 -0.73
CA ARG A 456 7.30 48.99 -0.41
C ARG A 456 6.30 49.38 0.64
N ASP A 457 6.57 50.46 1.35
CA ASP A 457 5.62 50.84 2.38
C ASP A 457 4.38 51.52 1.84
N THR A 461 1.87 60.74 0.54
CA THR A 461 1.02 61.69 -0.14
C THR A 461 1.86 62.53 -1.04
N ASN A 462 2.29 61.96 -2.17
CA ASN A 462 3.17 62.64 -3.11
C ASN A 462 4.44 63.15 -2.43
N SER A 463 5.05 62.32 -1.59
CA SER A 463 6.26 62.66 -0.85
C SER A 463 7.49 62.75 -1.72
N THR A 464 7.42 62.10 -2.89
CA THR A 464 8.50 61.93 -3.90
C THR A 464 9.54 60.93 -3.42
N THR A 465 9.42 60.47 -2.19
CA THR A 465 10.34 59.50 -1.62
C THR A 465 9.55 58.29 -1.19
N GLU A 466 10.03 57.13 -1.60
CA GLU A 466 9.35 55.89 -1.28
C GLU A 466 10.33 54.93 -0.64
N THR A 467 9.83 54.05 0.22
CA THR A 467 10.69 53.08 0.89
C THR A 467 10.45 51.68 0.44
N PHE A 468 11.55 51.05 0.07
CA PHE A 468 11.55 49.67 -0.38
C PHE A 468 12.28 48.81 0.61
N ARG A 469 11.72 47.64 0.84
CA ARG A 469 12.24 46.70 1.80
C ARG A 469 12.31 45.29 1.23
N PRO A 470 13.23 44.45 1.68
CA PRO A 470 13.29 43.06 1.36
C PRO A 470 12.18 42.41 2.12
N GLY A 471 11.72 41.26 1.67
CA GLY A 471 10.77 40.56 2.50
C GLY A 471 10.53 39.12 2.12
N GLY A 472 9.58 38.50 2.81
CA GLY A 472 9.26 37.11 2.59
C GLY A 472 8.11 36.99 1.62
N GLY A 473 7.51 35.81 1.57
CA GLY A 473 6.42 35.55 0.65
C GLY A 473 6.37 34.07 0.39
N ASP A 474 5.47 33.66 -0.48
CA ASP A 474 5.33 32.26 -0.81
C ASP A 474 6.54 31.77 -1.53
N MET A 475 6.92 30.53 -1.33
CA MET A 475 8.07 30.00 -2.07
C MET A 475 7.75 29.91 -3.55
N ARG A 476 6.47 29.90 -3.83
CA ARG A 476 5.94 29.89 -5.16
C ARG A 476 6.44 31.09 -5.93
N ASP A 477 6.59 32.22 -5.25
CA ASP A 477 7.00 33.45 -5.87
C ASP A 477 8.40 33.35 -6.41
N ASN A 478 9.22 32.45 -5.88
CA ASN A 478 10.56 32.36 -6.38
C ASN A 478 10.49 31.62 -7.70
N TRP A 479 9.69 30.58 -7.70
CA TRP A 479 9.55 29.69 -8.83
C TRP A 479 8.86 30.35 -9.99
N ARG A 480 8.04 31.34 -9.69
CA ARG A 480 7.39 32.10 -10.72
C ARG A 480 8.42 32.68 -11.66
N SER A 481 9.61 32.98 -11.16
CA SER A 481 10.57 33.61 -12.03
C SER A 481 11.01 32.65 -13.10
N GLU A 482 11.43 31.46 -12.75
CA GLU A 482 11.95 30.57 -13.78
C GLU A 482 10.88 30.14 -14.76
N LEU A 483 9.66 30.05 -14.28
CA LEU A 483 8.55 29.64 -15.11
C LEU A 483 7.83 30.77 -15.81
N TYR A 484 8.32 32.01 -15.69
CA TYR A 484 7.59 33.14 -16.25
C TYR A 484 7.42 33.09 -17.75
N LYS A 485 8.32 32.42 -18.44
CA LYS A 485 8.26 32.39 -19.89
C LYS A 485 7.54 31.18 -20.44
N TYR A 486 6.99 30.31 -19.60
CA TYR A 486 6.34 29.13 -20.16
C TYR A 486 4.83 29.07 -19.93
N LYS A 487 4.12 28.53 -20.91
CA LYS A 487 2.68 28.33 -20.85
C LYS A 487 2.22 26.95 -21.30
N VAL A 488 1.18 26.40 -20.66
CA VAL A 488 0.63 25.11 -21.10
C VAL A 488 -0.64 25.22 -21.89
N VAL A 489 -0.67 24.54 -23.04
CA VAL A 489 -1.86 24.51 -23.87
C VAL A 489 -2.23 23.08 -24.23
N LYS A 490 -3.49 22.90 -24.60
CA LYS A 490 -4.01 21.63 -25.09
C LYS A 490 -4.22 21.69 -26.56
N ILE A 491 -3.91 20.60 -27.22
CA ILE A 491 -4.06 20.51 -28.65
C ILE A 491 -5.47 20.10 -29.02
N GLU A 492 -6.05 20.84 -29.98
CA GLU A 492 -7.42 20.58 -30.43
C GLU A 492 -7.52 20.32 -31.94
N PRO A 493 -7.31 19.06 -32.41
CA PRO A 493 -7.25 18.62 -33.80
C PRO A 493 -8.47 18.80 -34.68
N LEU A 494 -9.65 18.99 -34.13
CA LEU A 494 -10.79 19.16 -35.03
C LEU A 494 -11.24 20.57 -35.22
N GLY A 495 -11.66 20.83 -36.44
CA GLY A 495 -12.28 22.08 -36.82
C GLY A 495 -12.94 21.87 -38.16
N VAL A 496 -13.72 22.84 -38.59
CA VAL A 496 -14.41 22.73 -39.85
C VAL A 496 -14.20 23.96 -40.65
N ALA A 497 -14.46 23.94 -41.92
CA ALA A 497 -14.39 25.19 -42.67
C ALA A 497 -15.29 25.08 -43.89
N PRO A 498 -15.83 26.18 -44.42
CA PRO A 498 -16.62 26.17 -45.62
C PRO A 498 -15.75 25.88 -46.81
N THR A 499 -16.24 25.04 -47.68
CA THR A 499 -15.59 24.76 -48.94
C THR A 499 -16.63 24.66 -50.02
N ARG A 500 -16.20 24.62 -51.26
CA ARG A 500 -17.13 24.47 -52.38
C ARG A 500 -17.55 23.01 -52.74
N CYS A 501 -17.00 21.96 -52.07
CA CYS A 501 -17.32 20.55 -52.33
C CYS A 501 -18.60 20.15 -51.62
N LYS A 502 -19.25 19.13 -52.15
CA LYS A 502 -20.41 18.55 -51.52
C LYS A 502 -20.18 17.06 -51.48
N ARG A 503 -20.51 16.43 -50.37
CA ARG A 503 -20.27 15.00 -50.27
C ARG A 503 -20.99 14.30 -51.39
N ARG A 504 -20.30 13.40 -52.06
CA ARG A 504 -20.93 12.71 -53.15
C ARG A 504 -22.05 11.85 -52.61
N VAL A 505 -23.22 11.97 -53.21
CA VAL A 505 -24.36 11.18 -52.80
C VAL A 505 -24.57 10.10 -53.87
N LEU B 1 7.22 19.45 -41.17
CA LEU B 1 8.46 19.99 -40.60
C LEU B 1 8.57 19.75 -39.06
N GLY B 2 7.42 19.69 -38.36
CA GLY B 2 7.34 19.47 -36.92
C GLY B 2 5.93 19.71 -36.42
N PHE B 3 5.69 19.33 -35.18
CA PHE B 3 4.39 19.49 -34.57
C PHE B 3 4.12 20.96 -34.34
N LEU B 4 2.97 21.42 -34.82
CA LEU B 4 2.52 22.80 -34.82
C LEU B 4 3.40 23.72 -35.65
N GLY B 5 4.25 23.18 -36.51
CA GLY B 5 5.07 24.02 -37.37
C GLY B 5 4.19 24.87 -38.26
N ALA B 6 3.05 24.31 -38.63
CA ALA B 6 2.07 24.94 -39.50
C ALA B 6 1.10 25.85 -38.75
N ALA B 7 1.24 26.02 -37.45
CA ALA B 7 0.28 26.83 -36.71
C ALA B 7 0.17 28.26 -37.26
N GLY B 8 1.25 28.84 -37.74
CA GLY B 8 1.18 30.21 -38.26
C GLY B 8 0.86 30.26 -39.76
N SER B 9 0.70 29.09 -40.38
CA SER B 9 0.44 28.99 -41.80
C SER B 9 -1.02 29.21 -42.06
N THR B 10 -1.35 29.49 -43.31
CA THR B 10 -2.72 29.71 -43.64
C THR B 10 -3.47 28.41 -43.60
N MET B 11 -4.78 28.51 -43.57
CA MET B 11 -5.58 27.32 -43.47
C MET B 11 -5.31 26.35 -44.59
N GLY B 12 -5.19 26.87 -45.81
CA GLY B 12 -4.92 26.03 -46.96
C GLY B 12 -3.53 25.41 -46.86
N ALA B 13 -2.54 26.24 -46.55
CA ALA B 13 -1.17 25.78 -46.48
C ALA B 13 -0.94 24.70 -45.45
N ALA B 14 -1.67 24.77 -44.35
CA ALA B 14 -1.54 23.82 -43.27
C ALA B 14 -2.25 22.50 -43.53
N SER B 15 -3.00 22.38 -44.62
CA SER B 15 -3.74 21.14 -44.82
C SER B 15 -2.87 19.91 -45.03
N MET B 16 -1.65 20.08 -45.51
CA MET B 16 -0.86 18.90 -45.79
C MET B 16 -0.06 18.45 -44.58
N THR B 17 -0.24 19.13 -43.44
CA THR B 17 0.48 18.76 -42.24
C THR B 17 -0.48 18.11 -41.24
N LEU B 18 -1.69 17.78 -41.69
CA LEU B 18 -2.66 17.20 -40.76
C LEU B 18 -2.13 15.86 -40.20
N THR B 19 -1.32 15.15 -40.99
CA THR B 19 -0.76 13.89 -40.55
C THR B 19 0.26 14.02 -39.41
N VAL B 20 0.99 15.14 -39.30
CA VAL B 20 1.98 15.18 -38.23
C VAL B 20 1.25 15.40 -36.95
N GLN B 21 0.20 16.20 -37.04
CA GLN B 21 -0.50 16.53 -35.84
C GLN B 21 -1.16 15.28 -35.27
N ALA B 22 -1.66 14.40 -36.15
CA ALA B 22 -2.30 13.17 -35.69
C ALA B 22 -1.30 12.20 -35.04
N ARG B 23 -0.11 12.09 -35.60
CA ARG B 23 0.89 11.15 -35.08
C ARG B 23 1.32 11.47 -33.66
N ASN B 24 1.29 12.73 -33.31
CA ASN B 24 1.75 13.14 -32.01
C ASN B 24 0.71 13.12 -30.90
N LEU B 25 -0.47 12.58 -31.17
CA LEU B 25 -1.48 12.54 -30.13
C LEU B 25 -1.36 11.34 -29.19
N LEU B 26 -0.86 10.22 -29.69
CA LEU B 26 -0.73 8.99 -28.90
C LEU B 26 0.74 8.67 -28.59
N SER B 27 1.60 9.64 -28.84
CA SER B 27 3.05 9.50 -28.74
C SER B 27 3.57 9.24 -27.34
N CYS B 42 12.65 3.44 -14.43
CA CYS B 42 12.85 3.64 -13.01
C CYS B 42 11.51 3.42 -12.32
N GLN B 43 10.71 2.60 -12.97
CA GLN B 43 9.36 2.29 -12.51
C GLN B 43 9.39 1.52 -11.20
N GLN B 44 10.50 0.83 -10.96
CA GLN B 44 10.71 0.07 -9.74
C GLN B 44 10.76 0.99 -8.52
N HIS B 45 10.99 2.28 -8.76
CA HIS B 45 10.96 3.29 -7.74
C HIS B 45 9.63 3.96 -7.71
N LEU B 46 9.19 4.39 -8.88
CA LEU B 46 8.00 5.22 -8.99
C LEU B 46 6.74 4.54 -8.52
N LEU B 47 6.61 3.23 -8.69
CA LEU B 47 5.43 2.52 -8.20
C LEU B 47 5.19 2.71 -6.71
N LYS B 48 6.27 2.84 -5.95
CA LYS B 48 6.21 2.94 -4.51
C LYS B 48 5.52 4.20 -4.03
N ASP B 49 5.49 5.22 -4.89
CA ASP B 49 4.87 6.48 -4.60
C ASP B 49 3.45 6.42 -5.11
N THR B 50 2.50 6.16 -4.21
CA THR B 50 1.14 5.92 -4.62
C THR B 50 0.59 7.10 -5.38
N HIS B 51 0.83 8.30 -4.92
CA HIS B 51 0.26 9.43 -5.59
C HIS B 51 0.91 9.69 -6.91
N TRP B 52 2.21 9.53 -7.00
CA TRP B 52 2.82 9.79 -8.30
C TRP B 52 2.21 8.85 -9.31
N GLY B 53 2.10 7.59 -8.93
CA GLY B 53 1.59 6.55 -9.80
C GLY B 53 0.18 6.84 -10.26
N ILE B 54 -0.71 7.11 -9.33
CA ILE B 54 -2.08 7.32 -9.70
C ILE B 54 -2.25 8.56 -10.52
N LYS B 55 -1.64 9.65 -10.10
CA LYS B 55 -1.77 10.90 -10.80
C LYS B 55 -1.35 10.78 -12.26
N GLN B 56 -0.20 10.15 -12.50
CA GLN B 56 0.23 10.08 -13.88
C GLN B 56 -0.58 9.07 -14.69
N LEU B 57 -1.05 8.00 -14.05
CA LEU B 57 -1.84 7.06 -14.80
C LEU B 57 -3.13 7.71 -15.22
N GLN B 58 -3.73 8.51 -14.34
CA GLN B 58 -4.97 9.15 -14.69
C GLN B 58 -4.78 10.05 -15.89
N ALA B 59 -3.67 10.77 -15.94
CA ALA B 59 -3.45 11.65 -17.08
C ALA B 59 -3.39 10.87 -18.38
N ARG B 60 -2.76 9.71 -18.35
CA ARG B 60 -2.67 8.93 -19.57
C ARG B 60 -4.03 8.45 -20.01
N VAL B 61 -4.84 8.05 -19.04
CA VAL B 61 -6.16 7.59 -19.36
C VAL B 61 -6.97 8.67 -19.99
N LEU B 62 -6.88 9.89 -19.46
CA LEU B 62 -7.66 10.96 -20.02
C LEU B 62 -7.25 11.24 -21.44
N ALA B 63 -5.96 11.16 -21.74
CA ALA B 63 -5.55 11.41 -23.11
C ALA B 63 -6.23 10.43 -24.04
N VAL B 64 -6.34 9.18 -23.60
CA VAL B 64 -7.00 8.19 -24.41
C VAL B 64 -8.45 8.52 -24.58
N GLU B 65 -9.10 8.94 -23.50
CA GLU B 65 -10.51 9.26 -23.62
C GLU B 65 -10.74 10.37 -24.62
N HIS B 66 -9.88 11.39 -24.62
CA HIS B 66 -10.11 12.47 -25.55
C HIS B 66 -9.93 12.01 -26.96
N TYR B 67 -8.91 11.20 -27.18
CA TYR B 67 -8.66 10.71 -28.51
C TYR B 67 -9.87 9.97 -29.03
N LEU B 68 -10.39 9.08 -28.20
CA LEU B 68 -11.50 8.27 -28.64
C LEU B 68 -12.73 9.08 -28.91
N ARG B 69 -12.98 10.13 -28.14
CA ARG B 69 -14.19 10.89 -28.39
C ARG B 69 -14.13 11.55 -29.75
N ASP B 70 -12.96 12.05 -30.14
CA ASP B 70 -12.91 12.67 -31.44
C ASP B 70 -13.10 11.64 -32.53
N GLN B 71 -12.56 10.45 -32.32
CA GLN B 71 -12.73 9.44 -33.32
C GLN B 71 -14.18 9.00 -33.41
N GLN B 72 -14.86 8.98 -32.27
CA GLN B 72 -16.25 8.59 -32.20
C GLN B 72 -17.06 9.56 -33.02
N LEU B 73 -16.76 10.85 -32.90
CA LEU B 73 -17.48 11.85 -33.67
C LEU B 73 -17.23 11.74 -35.15
N LEU B 74 -15.99 11.47 -35.54
CA LEU B 74 -15.74 11.35 -36.95
C LEU B 74 -16.53 10.17 -37.49
N GLY B 75 -16.65 9.12 -36.71
CA GLY B 75 -17.45 8.00 -37.17
C GLY B 75 -18.89 8.43 -37.35
N ILE B 76 -19.43 9.14 -36.38
CA ILE B 76 -20.82 9.57 -36.38
C ILE B 76 -21.14 10.46 -37.57
N TRP B 77 -20.23 11.32 -37.91
CA TRP B 77 -20.39 12.26 -39.01
C TRP B 77 -20.07 11.64 -40.39
N GLY B 78 -19.58 10.39 -40.40
CA GLY B 78 -19.14 9.70 -41.62
C GLY B 78 -17.76 10.13 -42.18
N CYS B 79 -16.87 10.65 -41.31
CA CYS B 79 -15.55 11.19 -41.62
C CYS B 79 -14.41 10.35 -41.04
N SER B 80 -14.69 9.15 -40.56
CA SER B 80 -13.62 8.38 -39.91
C SER B 80 -12.49 7.95 -40.83
N GLY B 81 -12.73 7.85 -42.12
CA GLY B 81 -11.69 7.42 -43.03
C GLY B 81 -10.92 8.57 -43.68
N LYS B 82 -11.18 9.82 -43.29
CA LYS B 82 -10.51 10.93 -43.97
C LYS B 82 -9.94 12.03 -43.08
N LEU B 83 -8.83 12.63 -43.51
CA LEU B 83 -8.33 13.81 -42.82
C LEU B 83 -9.18 14.99 -43.19
N ILE B 84 -9.62 15.00 -44.45
CA ILE B 84 -10.47 16.07 -44.97
C ILE B 84 -11.78 15.43 -45.46
N CYS B 85 -12.93 15.80 -44.86
CA CYS B 85 -14.24 15.20 -45.12
C CYS B 85 -15.34 16.19 -45.52
N CYS B 86 -15.81 16.03 -46.75
CA CYS B 86 -16.87 16.87 -47.28
C CYS B 86 -18.18 16.33 -46.74
N THR B 87 -19.14 17.20 -46.58
CA THR B 87 -20.48 16.88 -46.10
C THR B 87 -21.60 17.31 -47.02
N ASN B 88 -22.83 17.00 -46.63
CA ASN B 88 -24.01 17.46 -47.34
C ASN B 88 -24.70 18.61 -46.57
N VAL B 89 -24.12 18.98 -45.45
CA VAL B 89 -24.61 20.07 -44.62
C VAL B 89 -24.09 21.39 -45.17
N PRO B 90 -24.96 22.35 -45.54
CA PRO B 90 -24.61 23.62 -46.12
C PRO B 90 -23.98 24.49 -45.08
N TRP B 91 -23.16 25.40 -45.53
CA TRP B 91 -22.54 26.37 -44.66
C TRP B 91 -23.52 27.53 -44.49
N ASN B 92 -23.70 28.03 -43.24
CA ASN B 92 -24.56 29.15 -42.88
C ASN B 92 -23.73 30.45 -42.75
N SER B 93 -24.26 31.56 -43.34
CA SER B 93 -23.68 32.92 -43.30
C SER B 93 -23.71 33.48 -41.88
N SER B 94 -24.56 32.89 -41.05
CA SER B 94 -24.66 33.23 -39.64
C SER B 94 -23.37 32.88 -38.93
N TRP B 95 -22.76 31.75 -39.32
CA TRP B 95 -21.54 31.31 -38.69
C TRP B 95 -20.42 32.14 -39.27
N SER B 96 -20.42 32.25 -40.60
CA SER B 96 -19.44 33.07 -41.31
C SER B 96 -19.90 33.44 -42.69
N ASN B 97 -19.76 34.72 -43.02
CA ASN B 97 -20.09 35.24 -44.33
C ASN B 97 -18.85 35.74 -45.04
N ARG B 98 -17.70 35.25 -44.61
CA ARG B 98 -16.42 35.63 -45.19
C ARG B 98 -16.19 34.84 -46.50
N ASN B 99 -15.45 35.47 -47.42
CA ASN B 99 -15.09 34.86 -48.74
C ASN B 99 -14.06 33.74 -48.54
N LEU B 100 -14.16 32.68 -49.36
CA LEU B 100 -13.25 31.53 -49.28
C LEU B 100 -11.81 31.91 -49.55
N SER B 101 -11.61 32.90 -50.40
CA SER B 101 -10.26 33.30 -50.69
C SER B 101 -9.56 33.88 -49.47
N GLU B 102 -10.29 34.51 -48.55
CA GLU B 102 -9.61 35.05 -47.38
C GLU B 102 -9.43 33.93 -46.39
N ILE B 103 -10.46 33.10 -46.31
CA ILE B 103 -10.46 32.03 -45.34
C ILE B 103 -9.33 31.08 -45.59
N TRP B 104 -9.14 30.68 -46.82
CA TRP B 104 -8.12 29.72 -47.10
C TRP B 104 -6.72 30.27 -47.35
N ASP B 105 -6.59 31.43 -48.00
CA ASP B 105 -5.27 31.94 -48.34
C ASP B 105 -4.68 32.97 -47.39
N ASN B 106 -5.48 33.72 -46.63
CA ASN B 106 -4.90 34.72 -45.77
C ASN B 106 -4.89 34.33 -44.30
N MET B 107 -6.00 33.76 -43.84
CA MET B 107 -6.15 33.40 -42.44
C MET B 107 -5.53 32.09 -42.08
N THR B 108 -5.11 31.99 -40.80
CA THR B 108 -4.58 30.77 -40.24
C THR B 108 -5.68 30.06 -39.50
N TRP B 109 -5.47 28.80 -39.14
CA TRP B 109 -6.49 28.07 -38.41
C TRP B 109 -6.73 28.65 -37.03
N LEU B 110 -5.69 29.15 -36.38
CA LEU B 110 -5.92 29.69 -35.05
C LEU B 110 -6.87 30.87 -35.13
N GLN B 111 -6.64 31.74 -36.10
CA GLN B 111 -7.46 32.92 -36.20
C GLN B 111 -8.88 32.61 -36.57
N TRP B 112 -9.00 31.76 -37.56
CA TRP B 112 -10.27 31.44 -38.11
C TRP B 112 -11.14 30.70 -37.12
N ASP B 113 -10.59 29.71 -36.43
CA ASP B 113 -11.39 28.94 -35.52
C ASP B 113 -11.93 29.79 -34.41
N LYS B 114 -11.12 30.72 -33.90
CA LYS B 114 -11.59 31.54 -32.81
C LYS B 114 -12.83 32.30 -33.20
N GLU B 115 -12.88 32.74 -34.44
CA GLU B 115 -13.99 33.52 -34.92
C GLU B 115 -15.33 32.79 -34.98
N ILE B 116 -15.36 31.46 -34.98
CA ILE B 116 -16.64 30.79 -35.06
C ILE B 116 -16.89 29.95 -33.84
N SER B 117 -16.25 30.28 -32.73
CA SER B 117 -16.37 29.45 -31.54
C SER B 117 -17.79 29.24 -30.95
N ASN B 118 -18.72 30.15 -31.28
CA ASN B 118 -20.14 30.03 -30.81
C ASN B 118 -20.81 28.81 -31.48
N TYR B 119 -20.59 28.65 -32.77
CA TYR B 119 -21.43 27.91 -33.74
C TYR B 119 -21.04 26.46 -33.89
N THR B 120 -20.08 26.04 -33.11
CA THR B 120 -19.55 24.71 -33.30
C THR B 120 -20.54 23.64 -32.95
N GLN B 121 -21.33 23.88 -31.93
CA GLN B 121 -22.30 22.89 -31.53
C GLN B 121 -23.38 22.73 -32.57
N ILE B 122 -23.71 23.82 -33.25
CA ILE B 122 -24.77 23.78 -34.23
C ILE B 122 -24.31 22.89 -35.35
N ILE B 123 -23.08 23.12 -35.74
CA ILE B 123 -22.50 22.40 -36.83
C ILE B 123 -22.43 20.94 -36.53
N TYR B 124 -22.03 20.58 -35.34
CA TYR B 124 -21.91 19.18 -35.04
C TYR B 124 -23.26 18.50 -35.11
N GLY B 125 -24.30 19.13 -34.60
CA GLY B 125 -25.60 18.48 -34.64
C GLY B 125 -26.04 18.22 -36.08
N LEU B 126 -25.77 19.18 -36.96
CA LEU B 126 -26.15 19.02 -38.34
C LEU B 126 -25.42 17.89 -39.01
N LEU B 127 -24.14 17.75 -38.70
CA LEU B 127 -23.35 16.71 -39.31
C LEU B 127 -23.86 15.34 -38.90
N GLU B 128 -24.26 15.22 -37.63
CA GLU B 128 -24.75 13.96 -37.10
C GLU B 128 -26.05 13.55 -37.76
N GLU B 129 -26.93 14.51 -37.97
CA GLU B 129 -28.22 14.17 -38.55
C GLU B 129 -28.07 13.83 -40.01
N SER B 130 -27.21 14.54 -40.71
CA SER B 130 -27.06 14.29 -42.13
C SER B 130 -26.56 12.88 -42.35
N GLN B 131 -25.59 12.44 -41.55
CA GLN B 131 -25.11 11.10 -41.72
C GLN B 131 -26.18 10.08 -41.37
N ASN B 132 -26.99 10.37 -40.36
CA ASN B 132 -28.04 9.44 -39.95
C ASN B 132 -28.99 9.19 -41.12
N GLN B 133 -29.39 10.25 -41.79
CA GLN B 133 -30.31 10.04 -42.89
C GLN B 133 -29.64 9.31 -44.06
N GLN B 134 -28.37 9.60 -44.33
CA GLN B 134 -27.75 8.91 -45.45
C GLN B 134 -27.59 7.43 -45.23
N GLU B 135 -27.30 7.01 -43.99
CA GLU B 135 -27.17 5.57 -43.79
C GLU B 135 -28.52 4.90 -43.95
N LYS B 136 -29.60 5.57 -43.51
CA LYS B 136 -30.90 4.98 -43.69
C LYS B 136 -31.21 4.82 -45.15
N ASN B 137 -30.86 5.84 -45.94
CA ASN B 137 -31.18 5.79 -47.34
C ASN B 137 -30.49 4.62 -48.00
N GLU B 138 -29.22 4.38 -47.64
CA GLU B 138 -28.50 3.27 -48.24
C GLU B 138 -29.15 1.94 -47.93
N GLN B 139 -29.57 1.76 -46.67
CA GLN B 139 -30.17 0.49 -46.30
C GLN B 139 -31.50 0.28 -46.97
N ASP B 140 -32.28 1.33 -47.16
CA ASP B 140 -33.56 1.14 -47.81
C ASP B 140 -33.36 0.79 -49.28
N LEU B 141 -32.34 1.38 -49.91
CA LEU B 141 -32.06 1.10 -51.31
C LEU B 141 -31.62 -0.34 -51.52
N LEU B 142 -30.80 -0.86 -50.61
CA LEU B 142 -30.35 -2.25 -50.72
C LEU B 142 -31.42 -3.31 -50.31
N ASN C 35 -34.17 -17.35 -47.53
CA ASN C 35 -35.07 -16.23 -47.78
C ASN C 35 -34.60 -14.95 -47.04
N LEU C 36 -34.22 -15.07 -45.76
CA LEU C 36 -33.77 -13.96 -44.91
C LEU C 36 -32.28 -13.99 -44.70
N TRP C 37 -31.71 -12.79 -44.66
CA TRP C 37 -30.26 -12.72 -44.34
C TRP C 37 -30.09 -12.13 -42.95
N VAL C 38 -28.83 -11.98 -42.56
CA VAL C 38 -28.50 -11.28 -41.34
C VAL C 38 -28.27 -9.79 -41.54
N THR C 39 -28.90 -9.00 -40.69
CA THR C 39 -28.65 -7.57 -40.64
C THR C 39 -28.12 -7.23 -39.23
N VAL C 40 -27.03 -6.49 -39.23
CA VAL C 40 -26.32 -6.13 -38.00
C VAL C 40 -26.56 -4.69 -37.60
N TYR C 41 -26.96 -4.50 -36.35
CA TYR C 41 -27.25 -3.18 -35.82
C TYR C 41 -26.41 -2.77 -34.62
N TYR C 42 -25.91 -1.55 -34.69
CA TYR C 42 -25.18 -1.00 -33.58
C TYR C 42 -25.89 0.27 -33.14
N GLY C 43 -26.10 0.41 -31.84
CA GLY C 43 -26.86 1.53 -31.30
C GLY C 43 -28.23 1.03 -30.87
N VAL C 44 -28.32 -0.27 -30.63
CA VAL C 44 -29.54 -0.95 -30.22
C VAL C 44 -29.89 -0.61 -28.75
N PRO C 45 -31.09 -0.12 -28.45
CA PRO C 45 -31.54 0.30 -27.13
C PRO C 45 -31.92 -0.84 -26.19
N VAL C 46 -30.94 -1.67 -25.85
CA VAL C 46 -31.17 -2.81 -24.97
C VAL C 46 -30.16 -2.87 -23.84
N TRP C 47 -30.47 -3.67 -22.83
CA TRP C 47 -29.59 -3.84 -21.70
C TRP C 47 -29.75 -5.17 -21.01
N LYS C 48 -28.76 -5.46 -20.16
CA LYS C 48 -28.77 -6.63 -19.29
C LYS C 48 -28.43 -6.20 -17.88
N ASP C 49 -28.95 -6.89 -16.90
CA ASP C 49 -28.66 -6.54 -15.51
C ASP C 49 -27.17 -6.65 -15.25
N ALA C 50 -26.62 -5.68 -14.52
CA ALA C 50 -25.19 -5.74 -14.27
C ALA C 50 -24.78 -4.98 -13.03
N GLU C 51 -23.66 -5.36 -12.45
CA GLU C 51 -23.16 -4.62 -11.30
C GLU C 51 -21.96 -3.78 -11.68
N THR C 52 -21.86 -2.62 -11.04
CA THR C 52 -20.73 -1.72 -11.18
C THR C 52 -20.63 -0.83 -9.97
N THR C 53 -19.75 0.14 -10.05
CA THR C 53 -19.56 1.07 -8.97
C THR C 53 -20.13 2.42 -9.36
N LEU C 54 -21.05 2.92 -8.53
CA LEU C 54 -21.76 4.19 -8.87
C LEU C 54 -21.08 5.34 -8.13
N PHE C 55 -20.91 6.49 -8.80
CA PHE C 55 -20.16 7.59 -8.15
C PHE C 55 -21.08 8.51 -7.35
N CYS C 56 -20.52 8.95 -6.21
CA CYS C 56 -21.16 9.68 -5.11
C CYS C 56 -21.05 11.18 -5.37
N ALA C 57 -22.20 11.87 -5.34
CA ALA C 57 -22.23 13.31 -5.57
C ALA C 57 -23.21 14.02 -4.66
N SER C 58 -23.00 15.33 -4.49
CA SER C 58 -23.85 16.15 -3.63
C SER C 58 -24.01 17.58 -4.15
N ASP C 59 -25.01 18.29 -3.65
CA ASP C 59 -25.19 19.68 -4.03
C ASP C 59 -24.60 20.57 -2.91
N ALA C 60 -24.65 21.91 -3.06
CA ALA C 60 -24.17 22.94 -2.11
C ALA C 60 -22.68 22.73 -1.80
N HIS C 68 -15.98 21.19 6.01
CA HIS C 68 -15.76 20.44 7.26
C HIS C 68 -16.77 19.27 7.51
N ASN C 69 -17.82 19.15 6.67
CA ASN C 69 -18.81 18.07 6.66
C ASN C 69 -18.25 16.91 5.88
N VAL C 70 -18.14 15.77 6.54
CA VAL C 70 -17.51 14.61 5.97
C VAL C 70 -18.20 14.07 4.73
N TRP C 71 -19.51 14.16 4.68
CA TRP C 71 -20.20 13.60 3.57
C TRP C 71 -19.95 14.44 2.38
N ALA C 72 -19.98 15.74 2.60
CA ALA C 72 -19.74 16.64 1.49
C ALA C 72 -18.29 16.55 1.01
N THR C 73 -17.37 16.47 1.96
CA THR C 73 -15.95 16.47 1.66
C THR C 73 -15.58 15.32 0.78
N HIS C 74 -16.11 14.16 1.07
CA HIS C 74 -15.76 12.97 0.31
C HIS C 74 -16.68 12.63 -0.88
N CYS C 75 -17.66 13.50 -1.19
CA CYS C 75 -18.63 13.39 -2.28
C CYS C 75 -18.69 14.81 -2.78
N CYS C 76 -17.50 15.27 -3.12
CA CYS C 76 -17.22 16.62 -3.55
C CYS C 76 -17.76 16.87 -4.94
N VAL C 77 -18.02 15.78 -5.61
CA VAL C 77 -18.47 15.81 -6.96
C VAL C 77 -19.84 16.43 -6.93
N PRO C 78 -20.08 17.48 -7.68
CA PRO C 78 -21.34 18.17 -7.71
C PRO C 78 -22.36 17.36 -8.43
N THR C 79 -23.60 17.54 -8.05
CA THR C 79 -24.67 16.96 -8.81
C THR C 79 -24.98 17.83 -10.00
N ASP C 80 -25.68 17.26 -10.96
CA ASP C 80 -26.15 17.96 -12.13
C ASP C 80 -27.42 18.71 -11.76
N PRO C 81 -27.48 20.06 -11.80
CA PRO C 81 -28.62 20.85 -11.43
C PRO C 81 -29.80 20.60 -12.37
N ASN C 82 -29.54 20.00 -13.52
CA ASN C 82 -30.56 19.72 -14.49
C ASN C 82 -31.20 18.38 -14.14
N PRO C 83 -32.49 18.31 -13.83
CA PRO C 83 -33.15 17.09 -13.48
C PRO C 83 -33.23 16.31 -14.75
N GLN C 84 -33.25 15.00 -14.65
CA GLN C 84 -33.38 14.21 -15.85
C GLN C 84 -34.15 12.94 -15.59
N GLU C 85 -35.07 12.63 -16.48
CA GLU C 85 -35.81 11.38 -16.43
C GLU C 85 -36.46 11.06 -17.76
N ILE C 86 -36.42 9.80 -18.17
CA ILE C 86 -37.12 9.33 -19.37
C ILE C 86 -38.13 8.25 -19.09
N HIS C 87 -39.38 8.48 -19.41
CA HIS C 87 -40.36 7.42 -19.19
C HIS C 87 -40.21 6.36 -20.23
N LEU C 88 -40.37 5.10 -19.84
CA LEU C 88 -40.32 4.09 -20.85
C LEU C 88 -41.65 3.38 -21.04
N GLU C 89 -42.43 3.89 -21.97
CA GLU C 89 -43.73 3.34 -22.22
C GLU C 89 -43.55 1.97 -22.83
N ASN C 90 -44.45 1.03 -22.49
CA ASN C 90 -44.48 -0.37 -22.95
C ASN C 90 -43.25 -1.18 -22.48
N VAL C 91 -42.57 -0.76 -21.39
CA VAL C 91 -41.43 -1.45 -20.77
C VAL C 91 -41.80 -1.84 -19.35
N THR C 92 -41.61 -3.11 -19.03
CA THR C 92 -41.89 -3.64 -17.70
C THR C 92 -40.63 -4.29 -17.18
N GLU C 93 -40.24 -3.99 -15.94
CA GLU C 93 -39.00 -4.53 -15.40
C GLU C 93 -39.12 -5.22 -14.05
N GLU C 94 -38.33 -6.26 -13.88
CA GLU C 94 -38.28 -7.02 -12.65
C GLU C 94 -37.32 -6.41 -11.63
N PHE C 95 -37.86 -6.06 -10.49
CA PHE C 95 -37.08 -5.48 -9.42
C PHE C 95 -37.11 -6.43 -8.23
N ASN C 96 -36.06 -6.40 -7.41
CA ASN C 96 -36.04 -7.15 -6.17
C ASN C 96 -35.18 -6.41 -5.19
N MET C 97 -35.81 -5.73 -4.24
CA MET C 97 -35.06 -4.87 -3.33
C MET C 97 -34.09 -5.63 -2.45
N TRP C 98 -34.25 -6.93 -2.29
CA TRP C 98 -33.36 -7.64 -1.39
C TRP C 98 -32.19 -8.24 -2.11
N LYS C 99 -32.11 -8.03 -3.42
CA LYS C 99 -31.03 -8.57 -4.22
C LYS C 99 -30.32 -7.41 -4.89
N ASN C 100 -30.57 -6.22 -4.37
CA ASN C 100 -30.08 -4.98 -4.92
C ASN C 100 -28.68 -4.63 -4.43
N ASN C 101 -27.69 -4.73 -5.31
CA ASN C 101 -26.30 -4.54 -4.91
C ASN C 101 -25.94 -3.10 -4.63
N MET C 102 -26.87 -2.19 -4.89
CA MET C 102 -26.62 -0.79 -4.63
C MET C 102 -26.54 -0.60 -3.15
N VAL C 103 -27.20 -1.49 -2.40
CA VAL C 103 -27.25 -1.41 -0.98
C VAL C 103 -25.90 -1.79 -0.44
N GLU C 104 -25.34 -2.85 -1.00
CA GLU C 104 -24.08 -3.30 -0.53
C GLU C 104 -23.03 -2.26 -0.84
N GLN C 105 -23.11 -1.60 -2.01
CA GLN C 105 -22.12 -0.57 -2.25
C GLN C 105 -22.24 0.50 -1.21
N MET C 106 -23.47 0.94 -0.91
CA MET C 106 -23.61 2.00 0.04
C MET C 106 -22.99 1.60 1.38
N HIS C 107 -23.21 0.37 1.79
CA HIS C 107 -22.67 -0.12 3.03
C HIS C 107 -21.16 -0.04 3.06
N THR C 108 -20.54 -0.57 2.02
CA THR C 108 -19.10 -0.59 1.97
C THR C 108 -18.51 0.80 1.96
N ASP C 109 -19.08 1.70 1.18
CA ASP C 109 -18.52 3.02 1.10
C ASP C 109 -18.71 3.81 2.38
N ILE C 110 -19.84 3.65 3.05
CA ILE C 110 -20.03 4.40 4.27
C ILE C 110 -19.04 3.98 5.31
N ILE C 111 -18.82 2.69 5.45
CA ILE C 111 -17.89 2.28 6.46
C ILE C 111 -16.52 2.79 6.12
N SER C 112 -16.13 2.70 4.86
CA SER C 112 -14.82 3.18 4.50
C SER C 112 -14.69 4.65 4.82
N LEU C 113 -15.73 5.43 4.53
CA LEU C 113 -15.69 6.85 4.80
C LEU C 113 -15.44 7.11 6.25
N TRP C 114 -16.20 6.40 7.09
CA TRP C 114 -16.09 6.59 8.56
C TRP C 114 -14.66 6.32 8.98
N ASP C 115 -14.06 5.22 8.52
CA ASP C 115 -12.72 4.92 8.98
C ASP C 115 -11.71 5.92 8.49
N GLN C 116 -11.88 6.38 7.26
CA GLN C 116 -10.94 7.31 6.67
C GLN C 116 -10.95 8.62 7.41
N SER C 117 -12.11 8.98 7.93
CA SER C 117 -12.25 10.21 8.65
C SER C 117 -11.62 10.15 10.03
N LEU C 118 -11.54 8.96 10.61
CA LEU C 118 -10.92 8.84 11.93
C LEU C 118 -9.41 8.61 11.85
N LYS C 119 -8.92 8.08 10.73
CA LYS C 119 -7.49 7.81 10.62
C LYS C 119 -6.56 8.93 11.08
N PRO C 120 -6.73 10.21 10.71
CA PRO C 120 -5.84 11.29 11.10
C PRO C 120 -6.07 11.94 12.47
N CYS C 121 -6.97 11.39 13.31
CA CYS C 121 -7.36 11.96 14.59
C CYS C 121 -6.50 11.37 15.71
N VAL C 122 -6.36 12.12 16.78
CA VAL C 122 -5.56 11.71 17.93
C VAL C 122 -6.05 10.42 18.57
N LYS C 123 -5.10 9.56 18.90
CA LYS C 123 -5.41 8.28 19.51
C LYS C 123 -5.50 8.51 21.00
N LEU C 124 -6.36 7.78 21.68
CA LEU C 124 -6.45 7.91 23.12
C LEU C 124 -5.83 6.76 23.85
N THR C 125 -5.13 5.91 23.11
CA THR C 125 -4.47 4.76 23.67
C THR C 125 -3.72 5.02 24.97
N PRO C 126 -2.87 6.08 25.09
CA PRO C 126 -2.08 6.37 26.28
C PRO C 126 -2.90 6.65 27.52
N LEU C 127 -4.21 6.83 27.37
CA LEU C 127 -5.06 7.10 28.51
C LEU C 127 -5.66 5.84 29.19
N CYS C 128 -5.31 4.60 28.73
CA CYS C 128 -5.76 3.36 29.35
C CYS C 128 -4.96 3.07 30.61
N VAL C 129 -5.37 3.77 31.64
CA VAL C 129 -4.74 3.77 32.95
C VAL C 129 -5.76 3.33 33.96
N THR C 130 -5.30 3.01 35.14
CA THR C 130 -6.19 2.61 36.20
C THR C 130 -6.90 3.85 36.71
N LEU C 131 -8.19 3.75 36.89
CA LEU C 131 -8.98 4.86 37.37
C LEU C 131 -9.39 4.60 38.79
N GLN C 132 -9.49 5.65 39.60
CA GLN C 132 -10.09 5.51 40.93
C GLN C 132 -11.41 6.26 40.89
N CYS C 133 -12.56 5.55 41.02
CA CYS C 133 -13.88 6.18 40.80
C CYS C 133 -14.81 6.04 41.98
N THR C 134 -15.60 7.10 42.17
CA THR C 134 -16.71 7.15 43.14
C THR C 134 -18.01 7.62 42.46
N ASN C 135 -19.17 7.38 43.11
CA ASN C 135 -20.51 7.79 42.62
C ASN C 135 -20.73 9.29 42.83
N VAL C 136 -21.41 9.94 41.85
CA VAL C 136 -21.76 11.36 41.93
C VAL C 136 -23.22 11.57 42.28
N THR C 137 -23.44 12.24 43.41
CA THR C 137 -24.76 12.54 43.93
C THR C 137 -25.02 14.03 43.96
N ASN C 138 -24.09 14.77 43.36
CA ASN C 138 -24.16 16.20 43.39
C ASN C 138 -25.32 16.64 42.55
N ASN C 139 -26.26 17.32 43.17
CA ASN C 139 -27.46 17.75 42.48
C ASN C 139 -28.16 16.55 41.83
N ILE C 140 -28.18 15.43 42.53
CA ILE C 140 -28.82 14.26 41.95
C ILE C 140 -30.31 14.49 41.78
N THR C 141 -30.78 14.20 40.58
CA THR C 141 -32.19 14.34 40.20
C THR C 141 -32.58 13.11 39.38
N ASP C 142 -33.89 12.80 39.35
CA ASP C 142 -34.48 11.71 38.60
C ASP C 142 -33.98 10.35 39.08
N ASP C 143 -33.41 10.37 40.26
CA ASP C 143 -32.85 9.22 40.93
C ASP C 143 -31.89 8.49 40.01
N MET C 144 -31.15 9.22 39.17
CA MET C 144 -30.23 8.59 38.26
C MET C 144 -28.90 8.42 38.93
N ARG C 145 -28.90 7.58 39.96
CA ARG C 145 -27.74 7.35 40.77
C ARG C 145 -26.90 6.24 40.20
N GLY C 146 -25.59 6.44 40.26
CA GLY C 146 -24.64 5.42 39.83
C GLY C 146 -24.39 5.49 38.33
N GLU C 147 -25.08 6.41 37.66
CA GLU C 147 -24.94 6.56 36.23
C GLU C 147 -23.65 7.27 35.93
N LEU C 148 -23.32 8.24 36.76
CA LEU C 148 -22.11 9.00 36.55
C LEU C 148 -21.14 8.78 37.67
N LYS C 149 -19.89 8.68 37.29
CA LYS C 149 -18.85 8.52 38.27
C LYS C 149 -17.81 9.63 38.10
N ASN C 150 -17.23 10.05 39.25
CA ASN C 150 -16.13 11.01 39.32
C ASN C 150 -14.83 10.22 39.44
N CYS C 151 -14.05 10.19 38.35
CA CYS C 151 -12.84 9.38 38.27
C CYS C 151 -11.61 10.23 38.22
N SER C 152 -10.65 9.84 39.03
CA SER C 152 -9.37 10.49 39.02
C SER C 152 -8.39 9.52 38.45
N PHE C 153 -7.45 10.04 37.70
CA PHE C 153 -6.46 9.19 37.09
C PHE C 153 -5.24 10.00 36.72
N ASN C 154 -4.11 9.34 36.40
CA ASN C 154 -2.91 10.01 35.90
C ASN C 154 -2.90 9.92 34.37
N MET C 155 -2.30 10.95 33.73
CA MET C 155 -2.08 11.03 32.29
C MET C 155 -0.71 11.57 31.99
N THR C 156 -0.22 11.25 30.80
CA THR C 156 1.05 11.77 30.34
C THR C 156 0.82 13.01 29.54
N THR C 157 1.58 14.04 29.84
CA THR C 157 1.43 15.31 29.15
C THR C 157 2.50 15.54 28.09
N GLU C 158 2.73 16.79 27.70
CA GLU C 158 3.62 17.11 26.60
C GLU C 158 5.04 16.58 26.80
N LEU C 159 5.57 16.65 28.01
CA LEU C 159 6.89 16.11 28.22
C LEU C 159 6.76 14.75 28.82
N ARG C 160 7.69 13.88 28.46
CA ARG C 160 7.69 12.50 28.93
C ARG C 160 8.01 12.39 30.41
N ASP C 161 8.56 13.43 30.94
CA ASP C 161 8.95 13.49 32.32
C ASP C 161 7.79 13.84 33.21
N LYS C 162 6.68 14.29 32.63
CA LYS C 162 5.63 14.78 33.48
C LYS C 162 4.34 14.03 33.37
N LYS C 163 3.79 13.78 34.55
CA LYS C 163 2.53 13.12 34.68
C LYS C 163 1.63 14.09 35.38
N GLN C 164 0.35 13.97 35.15
CA GLN C 164 -0.59 14.83 35.80
C GLN C 164 -1.78 14.07 36.32
N LYS C 165 -2.23 14.45 37.50
CA LYS C 165 -3.46 13.89 38.02
C LYS C 165 -4.57 14.75 37.49
N VAL C 166 -5.52 14.11 36.85
CA VAL C 166 -6.63 14.78 36.24
C VAL C 166 -7.95 14.15 36.66
N TYR C 167 -9.05 14.88 36.43
CA TYR C 167 -10.36 14.36 36.79
C TYR C 167 -11.34 14.45 35.65
N SER C 168 -12.25 13.50 35.58
CA SER C 168 -13.33 13.60 34.60
C SER C 168 -14.59 12.91 35.10
N LEU C 169 -15.71 13.35 34.56
CA LEU C 169 -17.02 12.82 34.92
C LEU C 169 -17.65 12.02 33.82
N PHE C 170 -17.98 10.76 34.07
CA PHE C 170 -18.54 10.02 32.94
C PHE C 170 -19.45 8.86 33.26
N TYR C 171 -20.11 8.43 32.19
CA TYR C 171 -21.13 7.40 32.20
C TYR C 171 -20.62 6.02 32.49
N ARG C 172 -21.42 5.27 33.24
CA ARG C 172 -21.13 3.90 33.61
C ARG C 172 -21.05 2.97 32.42
N LEU C 173 -21.64 3.37 31.31
CA LEU C 173 -21.64 2.51 30.14
C LEU C 173 -20.28 2.44 29.49
N ASP C 174 -19.40 3.36 29.85
CA ASP C 174 -18.08 3.38 29.29
C ASP C 174 -17.01 2.82 30.22
N VAL C 175 -17.39 2.34 31.39
CA VAL C 175 -16.40 1.91 32.36
C VAL C 175 -16.72 0.64 33.11
N VAL C 176 -15.70 -0.15 33.40
CA VAL C 176 -15.90 -1.36 34.18
C VAL C 176 -15.00 -1.42 35.38
N GLN C 177 -15.41 -2.19 36.38
CA GLN C 177 -14.63 -2.35 37.59
C GLN C 177 -13.57 -3.39 37.37
N ILE C 178 -12.42 -3.18 37.97
CA ILE C 178 -11.34 -4.14 37.83
C ILE C 178 -11.55 -5.48 38.58
N ASN C 179 -12.01 -5.43 39.85
CA ASN C 179 -12.26 -6.60 40.74
C ASN C 179 -11.04 -7.52 40.81
N ASN C 190 -14.21 4.14 46.04
CA ASN C 190 -12.79 4.37 45.76
C ASN C 190 -12.09 3.07 45.25
N LYS C 191 -12.75 2.34 44.34
CA LYS C 191 -12.26 1.10 43.73
C LYS C 191 -11.62 1.39 42.40
N GLU C 192 -10.82 0.44 41.94
CA GLU C 192 -10.17 0.54 40.65
C GLU C 192 -11.13 0.20 39.52
N TYR C 193 -11.08 1.02 38.47
CA TYR C 193 -11.86 0.92 37.23
C TYR C 193 -11.01 1.13 35.99
N ARG C 194 -11.51 0.67 34.86
CA ARG C 194 -10.87 0.96 33.57
C ARG C 194 -11.88 1.26 32.52
N LEU C 195 -11.48 1.91 31.46
CA LEU C 195 -12.45 2.11 30.41
C LEU C 195 -12.80 0.76 29.86
N ILE C 196 -14.07 0.61 29.54
CA ILE C 196 -14.62 -0.62 29.05
C ILE C 196 -13.97 -1.18 27.82
N ASN C 197 -13.45 -0.34 26.95
CA ASN C 197 -12.84 -0.92 25.76
C ASN C 197 -11.30 -1.04 25.76
N CYS C 198 -10.60 -0.81 26.91
CA CYS C 198 -9.13 -0.87 26.96
C CYS C 198 -8.61 -2.28 26.85
N ASN C 199 -9.40 -3.27 27.22
CA ASN C 199 -8.87 -4.60 27.05
C ASN C 199 -8.95 -5.05 25.59
N THR C 200 -10.07 -4.74 24.92
CA THR C 200 -10.43 -5.07 23.55
C THR C 200 -9.68 -4.36 22.44
N SER C 201 -9.49 -3.05 22.52
CA SER C 201 -8.77 -2.38 21.42
C SER C 201 -8.34 -0.95 21.71
N ALA C 202 -7.71 -0.34 20.72
CA ALA C 202 -7.38 1.06 20.79
C ALA C 202 -8.63 1.91 20.60
N ILE C 203 -8.64 3.04 21.29
CA ILE C 203 -9.72 3.98 21.20
C ILE C 203 -9.21 5.23 20.51
N THR C 204 -9.90 5.69 19.48
CA THR C 204 -9.52 6.90 18.73
C THR C 204 -10.54 8.02 18.94
N GLN C 205 -10.08 9.23 19.22
CA GLN C 205 -11.01 10.34 19.41
C GLN C 205 -11.45 10.87 18.07
N ALA C 206 -12.73 11.07 17.88
CA ALA C 206 -13.14 11.65 16.61
C ALA C 206 -12.70 13.11 16.62
N CYS C 207 -12.32 13.69 15.46
CA CYS C 207 -11.92 15.08 15.33
C CYS C 207 -13.14 16.02 15.51
N PRO C 208 -13.15 16.91 16.51
CA PRO C 208 -14.23 17.84 16.87
C PRO C 208 -14.67 18.78 15.76
N LYS C 209 -13.79 19.00 14.81
CA LYS C 209 -14.06 19.90 13.72
C LYS C 209 -14.88 19.26 12.61
N VAL C 210 -15.05 17.94 12.66
CA VAL C 210 -15.73 17.27 11.57
C VAL C 210 -17.18 17.05 11.86
N SER C 211 -18.00 17.45 10.91
CA SER C 211 -19.42 17.22 11.04
C SER C 211 -19.79 15.96 10.35
N PHE C 212 -20.60 15.16 11.00
CA PHE C 212 -21.06 13.91 10.44
C PHE C 212 -22.51 13.95 10.05
N GLU C 213 -23.09 15.14 10.06
CA GLU C 213 -24.51 15.26 9.74
C GLU C 213 -24.80 14.76 8.33
N PRO C 214 -25.69 13.76 8.14
CA PRO C 214 -26.06 13.20 6.87
C PRO C 214 -26.60 14.27 5.95
N ILE C 215 -26.24 14.21 4.69
CA ILE C 215 -26.73 15.16 3.72
C ILE C 215 -27.25 14.27 2.63
N PRO C 216 -28.14 14.70 1.74
CA PRO C 216 -28.59 13.87 0.65
C PRO C 216 -27.42 13.53 -0.25
N ILE C 217 -27.29 12.26 -0.57
CA ILE C 217 -26.28 11.76 -1.46
C ILE C 217 -26.90 11.17 -2.68
N HIS C 218 -26.41 11.57 -3.82
CA HIS C 218 -26.95 11.10 -5.06
C HIS C 218 -25.99 10.12 -5.69
N TYR C 219 -26.50 9.02 -6.22
CA TYR C 219 -25.61 8.11 -6.95
C TYR C 219 -25.83 8.22 -8.43
N CYS C 220 -24.74 8.27 -9.22
CA CYS C 220 -24.78 8.44 -10.68
C CYS C 220 -24.10 7.28 -11.39
N ALA C 221 -24.72 6.86 -12.49
CA ALA C 221 -24.17 5.78 -13.29
C ALA C 221 -22.92 6.21 -14.06
N PRO C 222 -21.95 5.33 -14.27
CA PRO C 222 -20.83 5.50 -15.15
C PRO C 222 -21.30 5.37 -16.58
N ALA C 223 -20.58 5.94 -17.53
CA ALA C 223 -20.98 5.75 -18.91
C ALA C 223 -20.97 4.27 -19.22
N GLY C 224 -21.97 3.82 -19.98
CA GLY C 224 -22.11 2.42 -20.34
C GLY C 224 -23.12 1.73 -19.45
N PHE C 225 -23.55 2.42 -18.40
CA PHE C 225 -24.53 1.97 -17.44
C PHE C 225 -25.69 2.91 -17.27
N ALA C 226 -26.77 2.39 -16.75
CA ALA C 226 -27.93 3.21 -16.46
C ALA C 226 -28.65 2.72 -15.23
N ILE C 227 -29.34 3.63 -14.57
CA ILE C 227 -30.13 3.27 -13.43
C ILE C 227 -31.58 3.37 -13.83
N LEU C 228 -32.32 2.32 -13.57
CA LEU C 228 -33.72 2.33 -13.90
C LEU C 228 -34.46 2.48 -12.58
N LYS C 229 -35.62 3.10 -12.59
CA LYS C 229 -36.38 3.17 -11.35
C LYS C 229 -37.86 2.79 -11.53
N CYS C 230 -38.46 2.23 -10.44
CA CYS C 230 -39.86 1.86 -10.33
C CYS C 230 -40.67 3.01 -9.72
N LYS C 231 -41.67 3.45 -10.47
CA LYS C 231 -42.54 4.55 -10.10
C LYS C 231 -43.89 4.09 -9.58
N ASP C 232 -44.06 2.78 -9.43
CA ASP C 232 -45.33 2.24 -8.97
C ASP C 232 -45.45 2.38 -7.47
N LYS C 233 -46.40 3.22 -7.07
CA LYS C 233 -46.63 3.62 -5.68
C LYS C 233 -47.00 2.46 -4.79
N LYS C 234 -47.50 1.39 -5.38
CA LYS C 234 -47.91 0.22 -4.63
C LYS C 234 -46.96 -0.95 -4.82
N PHE C 235 -45.80 -0.71 -5.39
CA PHE C 235 -44.87 -1.80 -5.59
C PHE C 235 -44.51 -2.33 -4.20
N ASN C 236 -44.49 -3.67 -4.01
CA ASN C 236 -44.24 -4.39 -2.74
C ASN C 236 -42.78 -4.86 -2.53
N GLY C 237 -41.85 -4.45 -3.39
CA GLY C 237 -40.42 -4.78 -3.35
C GLY C 237 -39.97 -5.80 -4.37
N THR C 238 -40.89 -6.58 -4.94
CA THR C 238 -40.45 -7.51 -5.98
C THR C 238 -41.37 -7.55 -7.18
N GLY C 239 -40.83 -7.98 -8.30
CA GLY C 239 -41.66 -8.27 -9.45
C GLY C 239 -41.61 -7.26 -10.60
N PRO C 240 -42.41 -7.52 -11.63
CA PRO C 240 -42.51 -6.83 -12.90
C PRO C 240 -43.22 -5.49 -12.80
N CYS C 241 -42.50 -4.45 -12.35
CA CYS C 241 -43.01 -3.09 -12.19
C CYS C 241 -43.31 -2.53 -13.60
N THR C 242 -44.55 -2.10 -13.82
CA THR C 242 -44.96 -1.62 -15.15
C THR C 242 -44.81 -0.12 -15.41
N ASN C 243 -44.71 0.71 -14.35
CA ASN C 243 -44.51 2.15 -14.43
C ASN C 243 -43.03 2.42 -14.14
N VAL C 244 -42.19 2.48 -15.19
CA VAL C 244 -40.73 2.62 -15.07
C VAL C 244 -40.18 3.74 -15.94
N SER C 245 -39.00 4.17 -15.56
CA SER C 245 -38.27 5.20 -16.28
C SER C 245 -36.77 5.06 -16.10
N THR C 246 -36.03 5.74 -16.97
CA THR C 246 -34.57 5.77 -16.90
C THR C 246 -34.10 7.03 -16.20
N VAL C 247 -33.19 6.83 -15.25
CA VAL C 247 -32.62 7.89 -14.47
C VAL C 247 -31.07 7.92 -14.46
N GLN C 248 -30.47 9.04 -14.80
CA GLN C 248 -29.00 9.10 -14.74
C GLN C 248 -28.41 9.09 -13.30
N CYS C 249 -29.06 9.84 -12.37
CA CYS C 249 -28.66 9.99 -10.98
C CYS C 249 -29.89 9.80 -10.10
N THR C 250 -29.70 9.16 -8.96
CA THR C 250 -30.76 8.92 -8.02
C THR C 250 -31.03 10.21 -7.31
N HIS C 251 -32.13 10.24 -6.56
CA HIS C 251 -32.41 11.40 -5.77
C HIS C 251 -31.46 11.35 -4.62
N GLY C 252 -31.40 12.39 -3.82
CA GLY C 252 -30.47 12.29 -2.73
C GLY C 252 -31.06 11.48 -1.62
N ILE C 253 -30.24 10.65 -1.01
CA ILE C 253 -30.59 9.87 0.14
C ILE C 253 -29.74 10.28 1.29
N LYS C 254 -30.35 10.62 2.41
CA LYS C 254 -29.51 10.98 3.54
C LYS C 254 -29.06 9.69 4.20
N PRO C 255 -27.76 9.47 4.42
CA PRO C 255 -27.19 8.29 5.03
C PRO C 255 -27.35 8.30 6.53
N VAL C 256 -28.59 8.25 6.95
CA VAL C 256 -28.92 8.29 8.35
C VAL C 256 -28.78 6.89 8.89
N VAL C 257 -28.10 6.76 10.01
CA VAL C 257 -27.92 5.45 10.59
C VAL C 257 -28.60 5.40 11.95
N SER C 258 -29.48 4.43 12.10
CA SER C 258 -30.26 4.25 13.31
C SER C 258 -30.66 2.81 13.53
N THR C 259 -31.15 2.55 14.75
CA THR C 259 -31.70 1.24 15.10
C THR C 259 -33.16 1.40 15.55
N GLN C 260 -33.92 0.29 15.50
CA GLN C 260 -35.34 0.16 15.91
C GLN C 260 -36.32 0.83 14.95
N LEU C 261 -36.17 2.14 14.82
CA LEU C 261 -36.98 2.95 13.93
C LEU C 261 -36.13 3.62 12.88
N LEU C 262 -36.75 3.90 11.75
CA LEU C 262 -36.10 4.59 10.67
C LEU C 262 -36.46 6.05 10.76
N LEU C 263 -35.43 6.87 10.85
CA LEU C 263 -35.63 8.30 10.96
C LEU C 263 -35.20 9.04 9.69
N ASN C 264 -35.88 10.18 9.41
CA ASN C 264 -35.62 11.16 8.35
C ASN C 264 -35.54 10.52 6.94
N GLY C 265 -36.38 9.50 6.65
CA GLY C 265 -36.44 8.82 5.37
C GLY C 265 -37.58 9.34 4.53
N SER C 266 -37.92 8.61 3.50
CA SER C 266 -39.00 9.00 2.63
C SER C 266 -40.31 8.43 3.12
N LEU C 267 -41.39 9.15 2.88
CA LEU C 267 -42.71 8.61 3.19
C LEU C 267 -43.31 7.97 1.98
N ALA C 268 -44.16 7.01 2.25
CA ALA C 268 -44.92 6.28 1.25
C ALA C 268 -46.06 7.14 0.74
N GLU C 269 -46.48 6.84 -0.47
CA GLU C 269 -47.66 7.43 -1.06
C GLU C 269 -48.78 6.48 -0.76
N GLU C 270 -49.99 6.81 -1.14
CA GLU C 270 -51.09 5.88 -0.88
C GLU C 270 -51.28 5.57 0.59
N GLU C 271 -50.69 4.48 1.05
CA GLU C 271 -50.85 3.99 2.41
C GLU C 271 -49.57 3.36 2.92
N VAL C 272 -49.59 2.91 4.16
CA VAL C 272 -48.39 2.32 4.72
C VAL C 272 -48.05 1.05 3.97
N ILE C 273 -46.82 0.89 3.55
CA ILE C 273 -46.49 -0.33 2.82
C ILE C 273 -45.53 -1.15 3.63
N ILE C 274 -45.90 -2.38 3.85
CA ILE C 274 -45.06 -3.25 4.62
C ILE C 274 -44.40 -4.26 3.69
N ARG C 275 -43.07 -4.45 3.83
CA ARG C 275 -42.34 -5.35 2.95
C ARG C 275 -41.31 -6.28 3.60
N SER C 276 -41.28 -7.53 3.19
CA SER C 276 -40.26 -8.46 3.67
C SER C 276 -39.93 -9.42 2.55
N GLU C 277 -38.71 -9.94 2.58
CA GLU C 277 -38.24 -10.86 1.54
C GLU C 277 -39.04 -12.17 1.41
N ASN C 278 -39.14 -12.80 2.58
CA ASN C 278 -40.06 -13.91 2.83
C ASN C 278 -41.07 -13.43 3.88
N ILE C 279 -42.34 -13.61 3.58
CA ILE C 279 -43.38 -13.22 4.57
C ILE C 279 -43.63 -14.24 5.66
N THR C 280 -43.61 -15.50 5.30
CA THR C 280 -43.90 -16.56 6.25
C THR C 280 -42.68 -17.08 6.98
N ASN C 281 -41.50 -16.54 6.68
CA ASN C 281 -40.30 -16.94 7.38
C ASN C 281 -40.05 -15.92 8.47
N ASN C 282 -40.21 -16.29 9.72
CA ASN C 282 -40.10 -15.31 10.80
C ASN C 282 -38.69 -14.80 11.03
N ALA C 283 -37.73 -15.36 10.32
CA ALA C 283 -36.35 -14.94 10.37
C ALA C 283 -36.16 -13.63 9.61
N LYS C 284 -37.12 -13.27 8.76
CA LYS C 284 -37.03 -12.07 7.98
C LYS C 284 -37.77 -10.96 8.68
N ASN C 285 -37.17 -9.78 8.75
CA ASN C 285 -37.87 -8.68 9.35
C ASN C 285 -38.68 -7.98 8.31
N ILE C 286 -39.72 -7.32 8.75
CA ILE C 286 -40.55 -6.59 7.83
C ILE C 286 -40.34 -5.12 8.02
N LEU C 287 -40.16 -4.47 6.90
CA LEU C 287 -39.98 -3.06 6.84
C LEU C 287 -41.29 -2.37 6.76
N VAL C 288 -41.47 -1.39 7.59
CA VAL C 288 -42.69 -0.64 7.51
C VAL C 288 -42.38 0.74 7.02
N GLN C 289 -42.92 1.10 5.86
CA GLN C 289 -42.72 2.44 5.36
C GLN C 289 -44.00 3.21 5.55
N LEU C 290 -43.93 4.20 6.41
CA LEU C 290 -45.14 4.92 6.74
C LEU C 290 -45.41 5.93 5.66
N ASN C 291 -46.71 6.30 5.46
CA ASN C 291 -47.11 7.39 4.56
C ASN C 291 -47.30 8.73 5.32
N GLU C 292 -47.03 8.77 6.65
CA GLU C 292 -47.10 9.92 7.56
C GLU C 292 -45.91 9.90 8.49
N SER C 293 -45.41 11.06 8.85
CA SER C 293 -44.27 11.17 9.77
C SER C 293 -44.63 11.51 11.20
N VAL C 294 -44.10 10.72 12.12
CA VAL C 294 -44.31 10.98 13.55
C VAL C 294 -43.19 11.82 14.12
N GLN C 295 -43.54 12.87 14.86
CA GLN C 295 -42.49 13.71 15.40
C GLN C 295 -41.98 13.19 16.70
N ILE C 296 -40.65 13.10 16.80
CA ILE C 296 -40.02 12.68 18.03
C ILE C 296 -38.99 13.74 18.50
N ASN C 297 -39.24 14.32 19.68
CA ASN C 297 -38.46 15.41 20.28
C ASN C 297 -37.49 14.87 21.32
N CYS C 298 -36.18 14.86 21.01
CA CYS C 298 -35.13 14.26 21.85
C CYS C 298 -34.23 15.30 22.47
N THR C 299 -33.83 15.02 23.70
CA THR C 299 -32.94 15.89 24.41
C THR C 299 -31.99 15.22 25.36
N ARG C 300 -30.90 15.95 25.57
CA ARG C 300 -29.89 15.66 26.54
C ARG C 300 -29.97 16.92 27.38
N PRO C 301 -30.86 16.95 28.38
CA PRO C 301 -31.30 18.11 29.12
C PRO C 301 -30.25 18.82 29.94
N ASN C 302 -29.18 18.14 30.27
CA ASN C 302 -28.16 18.80 31.04
C ASN C 302 -27.33 19.79 30.29
N ASN C 303 -26.95 20.89 30.99
CA ASN C 303 -26.00 21.90 30.54
C ASN C 303 -24.62 21.40 30.99
N ASN C 304 -23.59 21.66 30.17
CA ASN C 304 -22.23 21.09 30.36
C ASN C 304 -21.08 22.01 30.10
N THR C 305 -20.06 21.81 30.92
CA THR C 305 -18.78 22.48 30.79
C THR C 305 -17.79 21.53 30.20
N VAL C 306 -17.20 21.90 29.08
CA VAL C 306 -16.21 21.06 28.44
C VAL C 306 -14.81 21.55 28.72
N LYS C 307 -13.94 20.61 29.05
CA LYS C 307 -12.55 20.87 29.35
C LYS C 307 -11.63 20.11 28.42
N SER C 308 -10.41 20.59 28.27
CA SER C 308 -9.47 19.88 27.44
C SER C 308 -8.08 19.93 28.00
N ILE C 309 -7.27 18.98 27.56
CA ILE C 309 -5.89 18.89 27.99
C ILE C 309 -4.97 18.39 26.89
N ARG C 310 -3.72 18.87 26.89
CA ARG C 310 -2.77 18.33 25.95
C ARG C 310 -2.19 17.06 26.51
N ILE C 311 -2.16 16.02 25.69
CA ILE C 311 -1.66 14.71 26.07
C ILE C 311 -0.43 14.37 25.23
N GLY C 312 0.09 15.38 24.55
CA GLY C 312 1.24 15.21 23.68
C GLY C 312 1.43 16.46 22.81
N PRO C 313 2.38 16.43 21.86
CA PRO C 313 2.78 17.53 21.00
C PRO C 313 1.70 17.83 19.98
N GLY C 314 0.87 18.80 20.31
CA GLY C 314 -0.28 19.16 19.49
C GLY C 314 -1.42 18.17 19.64
N GLN C 315 -1.39 17.38 20.70
CA GLN C 315 -2.40 16.35 20.85
C GLN C 315 -3.44 16.69 21.89
N TRP C 316 -4.62 17.08 21.46
CA TRP C 316 -5.63 17.46 22.43
C TRP C 316 -6.70 16.44 22.69
N PHE C 317 -6.98 16.27 23.95
CA PHE C 317 -8.04 15.42 24.43
C PHE C 317 -9.14 16.23 25.04
N TYR C 318 -10.37 15.91 24.68
CA TYR C 318 -11.49 16.62 25.22
C TYR C 318 -12.27 15.76 26.17
N TYR C 319 -12.70 16.35 27.26
CA TYR C 319 -13.45 15.63 28.27
C TYR C 319 -14.51 16.47 28.93
N THR C 320 -15.32 15.81 29.71
CA THR C 320 -16.53 16.35 30.26
C THR C 320 -16.49 17.43 31.32
N GLY C 321 -15.38 17.72 31.96
CA GLY C 321 -15.53 18.82 32.89
C GLY C 321 -16.53 18.50 33.98
N ASP C 322 -17.66 19.21 33.94
CA ASP C 322 -18.72 19.04 34.94
C ASP C 322 -20.12 19.41 34.40
N ILE C 323 -21.14 19.24 35.24
CA ILE C 323 -22.54 19.51 34.92
C ILE C 323 -23.08 20.74 35.58
N ILE C 324 -23.74 21.53 34.77
CA ILE C 324 -24.32 22.75 35.23
C ILE C 324 -25.80 22.49 35.54
N GLY C 325 -26.16 22.69 36.79
CA GLY C 325 -27.53 22.44 37.23
C GLY C 325 -27.75 20.98 37.60
N ASP C 326 -29.02 20.61 37.75
CA ASP C 326 -29.44 19.29 38.19
C ASP C 326 -29.08 18.24 37.18
N ILE C 327 -28.77 17.03 37.66
CA ILE C 327 -28.45 15.93 36.76
C ILE C 327 -29.75 15.30 36.29
N ARG C 328 -29.98 15.21 34.99
CA ARG C 328 -31.28 14.74 34.52
C ARG C 328 -31.19 13.60 33.52
N GLN C 329 -32.21 12.76 33.49
CA GLN C 329 -32.23 11.68 32.51
C GLN C 329 -32.54 12.19 31.11
N ALA C 330 -31.83 11.62 30.12
CA ALA C 330 -32.06 11.93 28.72
C ALA C 330 -33.37 11.31 28.32
N HIS C 331 -34.04 11.91 27.36
CA HIS C 331 -35.33 11.38 26.94
C HIS C 331 -35.81 11.87 25.56
N CYS C 332 -36.84 11.17 24.99
CA CYS C 332 -37.54 11.55 23.76
C CYS C 332 -39.06 11.55 23.93
N ASN C 333 -39.75 12.54 23.36
CA ASN C 333 -41.20 12.65 23.46
C ASN C 333 -41.90 12.43 22.11
N VAL C 334 -42.99 11.62 22.14
CA VAL C 334 -43.91 11.31 21.00
C VAL C 334 -45.38 11.48 21.40
N SER C 335 -46.21 12.12 20.59
CA SER C 335 -47.63 12.20 20.97
C SER C 335 -48.23 10.80 20.96
N LYS C 336 -48.89 10.38 22.04
CA LYS C 336 -49.43 9.03 22.02
C LYS C 336 -50.50 8.86 21.00
N ALA C 337 -51.29 9.90 20.79
CA ALA C 337 -52.38 9.75 19.86
C ALA C 337 -51.89 9.48 18.46
N THR C 338 -50.83 10.16 18.04
CA THR C 338 -50.39 9.94 16.68
C THR C 338 -49.72 8.60 16.60
N TRP C 339 -49.06 8.20 17.69
CA TRP C 339 -48.44 6.90 17.67
C TRP C 339 -49.50 5.81 17.50
N ASN C 340 -50.65 5.91 18.24
CA ASN C 340 -51.75 4.95 18.20
C ASN C 340 -52.42 4.92 16.81
N GLU C 341 -52.53 6.10 16.12
CA GLU C 341 -53.07 6.21 14.76
C GLU C 341 -52.16 5.49 13.78
N THR C 342 -50.85 5.65 14.00
CA THR C 342 -49.86 5.00 13.18
C THR C 342 -49.94 3.51 13.36
N LEU C 343 -50.07 3.04 14.59
CA LEU C 343 -50.16 1.61 14.79
C LEU C 343 -51.40 1.09 14.14
N GLY C 344 -52.49 1.86 14.21
CA GLY C 344 -53.73 1.45 13.60
C GLY C 344 -53.52 1.16 12.13
N LYS C 345 -52.87 2.09 11.43
CA LYS C 345 -52.64 1.88 10.02
C LYS C 345 -51.81 0.62 9.78
N VAL C 346 -50.80 0.40 10.63
CA VAL C 346 -49.94 -0.75 10.48
C VAL C 346 -50.66 -2.06 10.72
N VAL C 347 -51.49 -2.14 11.75
CA VAL C 347 -52.14 -3.39 12.01
C VAL C 347 -53.11 -3.72 10.92
N LYS C 348 -53.72 -2.71 10.30
CA LYS C 348 -54.59 -3.01 9.19
C LYS C 348 -53.78 -3.66 8.07
N GLN C 349 -52.59 -3.13 7.81
CA GLN C 349 -51.80 -3.69 6.74
C GLN C 349 -51.30 -5.07 7.07
N LEU C 350 -51.00 -5.33 8.33
CA LEU C 350 -50.54 -6.65 8.70
C LEU C 350 -51.66 -7.67 8.55
N ARG C 351 -52.88 -7.30 8.94
CA ARG C 351 -54.01 -8.22 8.82
C ARG C 351 -54.24 -8.60 7.38
N LYS C 352 -53.95 -7.71 6.44
CA LYS C 352 -54.14 -8.04 5.04
C LYS C 352 -53.34 -9.29 4.61
N HIS C 353 -52.28 -9.65 5.34
CA HIS C 353 -51.49 -10.82 5.03
C HIS C 353 -51.77 -11.98 5.96
N PHE C 354 -52.35 -11.71 7.12
CA PHE C 354 -52.55 -12.81 8.07
C PHE C 354 -54.01 -13.23 8.27
N GLY C 355 -54.95 -12.38 7.90
CA GLY C 355 -56.37 -12.62 8.05
C GLY C 355 -57.09 -11.52 8.85
N ASN C 356 -58.38 -11.27 8.49
CA ASN C 356 -59.23 -10.21 9.06
C ASN C 356 -59.48 -10.36 10.57
N ASN C 357 -59.42 -11.61 11.08
CA ASN C 357 -59.66 -12.00 12.47
C ASN C 357 -58.41 -12.28 13.28
N THR C 358 -57.23 -11.93 12.78
CA THR C 358 -56.07 -12.24 13.59
C THR C 358 -55.83 -11.15 14.61
N ILE C 359 -55.03 -11.47 15.61
CA ILE C 359 -54.74 -10.52 16.67
C ILE C 359 -53.31 -10.10 16.64
N ILE C 360 -53.09 -8.80 16.63
CA ILE C 360 -51.74 -8.30 16.61
C ILE C 360 -51.31 -7.75 17.93
N ARG C 361 -50.38 -8.45 18.54
CA ARG C 361 -49.86 -8.12 19.82
C ARG C 361 -48.55 -7.40 19.68
N PHE C 362 -48.43 -6.20 20.19
CA PHE C 362 -47.15 -5.54 20.11
C PHE C 362 -46.39 -5.85 21.35
N ALA C 363 -45.09 -5.95 21.22
CA ALA C 363 -44.25 -6.23 22.36
C ALA C 363 -42.88 -5.60 22.14
N ASN C 364 -42.07 -5.50 23.21
CA ASN C 364 -40.73 -4.90 23.18
C ASN C 364 -39.71 -5.91 22.60
N SER C 365 -38.45 -5.43 22.42
CA SER C 365 -37.33 -6.21 21.86
C SER C 365 -36.83 -7.29 22.82
N SER C 366 -36.13 -8.26 22.26
CA SER C 366 -35.55 -9.35 23.02
C SER C 366 -34.31 -8.89 23.75
N GLY C 367 -33.80 -9.68 24.70
CA GLY C 367 -32.61 -9.26 25.40
C GLY C 367 -31.39 -9.26 24.47
N GLY C 368 -30.48 -8.32 24.71
CA GLY C 368 -29.28 -8.20 23.91
C GLY C 368 -28.56 -6.89 24.20
N ASP C 369 -27.57 -6.59 23.37
CA ASP C 369 -26.72 -5.42 23.48
C ASP C 369 -27.51 -4.16 23.23
N LEU C 370 -27.05 -3.02 23.72
CA LEU C 370 -27.86 -1.82 23.53
C LEU C 370 -28.07 -1.51 22.06
N GLU C 371 -27.07 -1.76 21.25
CA GLU C 371 -27.11 -1.52 19.83
C GLU C 371 -28.08 -2.44 19.10
N VAL C 372 -28.53 -3.46 19.80
CA VAL C 372 -29.44 -4.45 19.32
C VAL C 372 -30.86 -4.20 19.81
N THR C 373 -30.99 -3.87 21.09
CA THR C 373 -32.30 -3.77 21.71
C THR C 373 -32.90 -2.40 21.91
N THR C 374 -32.11 -1.33 21.87
CA THR C 374 -32.65 -0.01 22.11
C THR C 374 -32.60 0.79 20.83
N HIS C 375 -33.31 1.90 20.82
CA HIS C 375 -33.31 2.81 19.69
C HIS C 375 -32.03 3.52 19.72
N SER C 376 -31.47 3.79 18.56
CA SER C 376 -30.18 4.46 18.60
C SER C 376 -30.01 5.45 17.52
N PHE C 377 -29.46 6.59 17.93
CA PHE C 377 -29.18 7.70 17.04
C PHE C 377 -28.11 8.65 17.54
N ASN C 378 -27.61 9.45 16.61
CA ASN C 378 -26.63 10.50 16.88
C ASN C 378 -27.32 11.88 16.81
N CYS C 379 -27.44 12.57 17.97
CA CYS C 379 -28.11 13.87 18.12
C CYS C 379 -27.20 14.83 18.86
N GLY C 380 -26.75 15.83 18.14
CA GLY C 380 -25.88 16.85 18.71
C GLY C 380 -24.45 16.37 18.80
N GLY C 381 -24.21 15.17 18.30
CA GLY C 381 -22.92 14.53 18.36
C GLY C 381 -22.90 13.50 19.49
N GLU C 382 -23.95 13.46 20.31
CA GLU C 382 -24.00 12.48 21.36
C GLU C 382 -24.72 11.24 20.89
N PHE C 383 -24.38 10.11 21.48
CA PHE C 383 -24.99 8.85 21.13
C PHE C 383 -26.00 8.40 22.15
N PHE C 384 -27.23 8.34 21.66
CA PHE C 384 -28.39 8.02 22.44
C PHE C 384 -28.87 6.63 22.26
N TYR C 385 -29.19 6.02 23.38
CA TYR C 385 -29.79 4.71 23.46
C TYR C 385 -31.13 4.85 24.17
N CYS C 386 -32.28 4.65 23.49
CA CYS C 386 -33.60 4.93 24.05
C CYS C 386 -34.45 3.68 24.19
N ASN C 387 -35.21 3.67 25.28
CA ASN C 387 -36.09 2.56 25.63
C ASN C 387 -37.44 2.68 24.90
N THR C 388 -37.67 1.79 23.92
CA THR C 388 -38.83 1.76 23.04
C THR C 388 -39.90 0.82 23.54
N SER C 389 -39.72 0.25 24.73
CA SER C 389 -40.74 -0.69 25.19
C SER C 389 -42.09 0.00 25.37
N GLY C 390 -42.07 1.29 25.64
CA GLY C 390 -43.29 2.04 25.85
C GLY C 390 -44.08 2.24 24.58
N LEU C 391 -43.47 1.97 23.45
CA LEU C 391 -44.13 2.14 22.18
C LEU C 391 -44.81 0.86 21.72
N PHE C 392 -44.54 -0.26 22.38
CA PHE C 392 -45.06 -1.53 21.91
C PHE C 392 -45.69 -2.35 23.03
N ASN C 393 -46.86 -1.90 23.55
CA ASN C 393 -47.58 -2.51 24.68
C ASN C 393 -49.00 -3.00 24.31
N SER C 394 -49.65 -2.41 23.27
CA SER C 394 -51.04 -2.64 22.89
C SER C 394 -51.30 -3.91 22.09
N THR C 395 -52.57 -4.31 22.04
CA THR C 395 -53.01 -5.44 21.25
C THR C 395 -54.15 -4.96 20.37
N TRP C 396 -54.09 -5.28 19.10
CA TRP C 396 -55.09 -4.85 18.17
C TRP C 396 -55.93 -5.97 17.54
N ILE C 397 -57.22 -5.71 17.48
CA ILE C 397 -58.21 -6.58 16.86
C ILE C 397 -59.46 -5.75 16.55
N SER C 398 -60.19 -6.09 15.47
CA SER C 398 -61.44 -5.45 15.07
C SER C 398 -62.56 -5.82 16.06
N ASN C 411 -52.56 16.23 24.91
CA ASN C 411 -51.17 16.11 24.42
C ASN C 411 -50.74 14.64 24.46
N ASP C 412 -50.77 14.02 25.64
CA ASP C 412 -50.44 12.57 25.75
C ASP C 412 -49.04 12.30 25.16
N SER C 413 -48.06 13.13 25.47
CA SER C 413 -46.68 12.87 25.00
C SER C 413 -46.05 11.74 25.84
N ILE C 414 -45.86 10.56 25.25
CA ILE C 414 -45.12 9.50 25.92
C ILE C 414 -43.67 9.87 25.98
N THR C 415 -43.08 9.71 27.15
CA THR C 415 -41.67 10.00 27.30
C THR C 415 -40.89 8.69 27.37
N LEU C 416 -39.91 8.58 26.51
CA LEU C 416 -39.03 7.44 26.44
C LEU C 416 -37.74 7.85 27.11
N PRO C 417 -37.28 7.17 28.15
CA PRO C 417 -36.03 7.49 28.82
C PRO C 417 -34.94 7.08 27.85
N CYS C 418 -33.77 7.75 27.91
CA CYS C 418 -32.60 7.48 27.09
C CYS C 418 -31.32 7.54 27.93
N ARG C 419 -30.28 6.92 27.41
CA ARG C 419 -28.97 6.92 28.02
C ARG C 419 -27.89 7.32 27.03
N ILE C 420 -26.81 7.88 27.55
CA ILE C 420 -25.70 8.35 26.74
C ILE C 420 -24.44 7.54 26.93
N LYS C 421 -23.82 7.16 25.82
CA LYS C 421 -22.57 6.40 25.89
C LYS C 421 -21.52 7.12 25.04
N GLN C 422 -20.29 7.28 25.55
CA GLN C 422 -19.23 7.95 24.80
C GLN C 422 -18.31 7.03 24.00
N ILE C 423 -18.17 5.76 24.38
CA ILE C 423 -17.28 4.89 23.62
C ILE C 423 -18.12 4.02 22.72
N ILE C 424 -17.96 4.25 21.45
CA ILE C 424 -18.81 3.65 20.47
C ILE C 424 -18.15 2.65 19.56
N ASN C 425 -18.75 1.47 19.47
CA ASN C 425 -18.27 0.50 18.51
C ASN C 425 -19.23 0.76 17.40
N MET C 426 -18.88 0.52 16.16
CA MET C 426 -19.85 0.87 15.15
C MET C 426 -19.86 -0.14 14.02
N TRP C 427 -20.96 -0.17 13.29
CA TRP C 427 -21.19 -0.99 12.11
C TRP C 427 -21.25 -2.45 12.42
N GLN C 428 -21.53 -2.76 13.67
CA GLN C 428 -21.61 -4.11 14.15
C GLN C 428 -20.28 -4.80 13.95
N ARG C 429 -19.20 -4.03 14.03
CA ARG C 429 -17.85 -4.51 13.91
C ARG C 429 -17.20 -4.43 15.25
N ILE C 430 -16.34 -5.40 15.55
CA ILE C 430 -15.62 -5.47 16.80
C ILE C 430 -14.12 -5.37 16.59
N GLY C 431 -13.45 -4.63 17.47
CA GLY C 431 -12.00 -4.48 17.40
C GLY C 431 -11.53 -3.06 17.21
N GLN C 432 -12.44 -2.12 17.11
CA GLN C 432 -12.10 -0.70 17.01
C GLN C 432 -13.07 0.06 17.87
N ALA C 433 -12.66 1.17 18.46
CA ALA C 433 -13.65 1.99 19.12
C ALA C 433 -13.35 3.45 18.93
N MET C 434 -14.44 4.23 18.86
CA MET C 434 -14.38 5.69 18.60
C MET C 434 -14.87 6.43 19.85
N TYR C 435 -14.09 7.40 20.33
CA TYR C 435 -14.48 8.19 21.47
C TYR C 435 -15.16 9.46 21.03
N ALA C 436 -16.39 9.60 21.49
CA ALA C 436 -17.18 10.74 21.13
C ALA C 436 -16.79 11.91 22.01
N PRO C 437 -16.29 13.03 21.47
CA PRO C 437 -15.88 14.17 22.23
C PRO C 437 -17.13 14.61 22.94
N PRO C 438 -17.02 15.22 24.10
CA PRO C 438 -18.12 15.71 24.86
C PRO C 438 -18.72 16.89 24.13
N ILE C 439 -20.01 17.08 24.26
CA ILE C 439 -20.64 18.25 23.70
C ILE C 439 -21.08 19.17 24.82
N GLN C 440 -20.71 20.44 24.70
CA GLN C 440 -20.99 21.49 25.67
C GLN C 440 -22.43 21.94 25.57
N GLY C 441 -22.94 22.54 26.63
CA GLY C 441 -24.31 23.03 26.56
C GLY C 441 -25.35 21.93 26.63
N VAL C 442 -26.50 22.19 26.03
CA VAL C 442 -27.69 21.33 26.09
C VAL C 442 -28.05 20.90 24.68
N ILE C 443 -28.39 19.63 24.51
CA ILE C 443 -28.72 19.15 23.18
C ILE C 443 -30.19 18.90 22.93
N ARG C 444 -30.68 19.45 21.83
CA ARG C 444 -32.05 19.21 21.43
C ARG C 444 -32.15 19.03 19.92
N CYS C 445 -32.98 18.07 19.46
CA CYS C 445 -33.29 17.83 18.05
C CYS C 445 -34.69 17.22 17.94
N VAL C 446 -35.28 17.36 16.77
CA VAL C 446 -36.54 16.71 16.51
C VAL C 446 -36.39 15.95 15.23
N SER C 447 -36.73 14.69 15.27
CA SER C 447 -36.58 13.86 14.09
C SER C 447 -37.95 13.39 13.58
N ASN C 448 -37.98 12.99 12.30
CA ASN C 448 -39.15 12.45 11.60
C ASN C 448 -39.11 10.92 11.57
N ILE C 449 -40.07 10.23 12.23
CA ILE C 449 -40.12 8.75 12.19
C ILE C 449 -40.86 8.40 10.92
N THR C 450 -40.16 7.73 10.03
CA THR C 450 -40.69 7.39 8.72
C THR C 450 -40.88 5.89 8.55
N GLY C 451 -40.35 5.10 9.48
CA GLY C 451 -40.53 3.65 9.35
C GLY C 451 -40.08 2.83 10.54
N LEU C 452 -40.33 1.53 10.45
CA LEU C 452 -40.01 0.55 11.51
C LEU C 452 -39.36 -0.75 11.02
N ILE C 453 -38.55 -1.40 11.87
CA ILE C 453 -38.11 -2.77 11.53
C ILE C 453 -38.65 -3.78 12.55
N LEU C 454 -39.63 -4.57 12.11
CA LEU C 454 -40.33 -5.48 13.02
C LEU C 454 -40.20 -6.97 12.71
N THR C 455 -40.35 -7.80 13.74
CA THR C 455 -40.41 -9.26 13.56
C THR C 455 -41.71 -9.83 14.09
N ARG C 456 -42.32 -10.77 13.35
CA ARG C 456 -43.58 -11.44 13.75
C ARG C 456 -43.39 -12.41 14.91
N ASP C 457 -42.14 -12.74 15.20
CA ASP C 457 -41.69 -13.62 16.29
C ASP C 457 -42.14 -15.08 16.17
N GLY C 458 -42.56 -15.50 14.99
CA GLY C 458 -42.92 -16.88 14.70
C GLY C 458 -44.13 -17.39 15.49
N THR C 461 -48.49 -22.12 17.22
CA THR C 461 -49.68 -22.29 18.03
C THR C 461 -50.96 -22.23 17.24
N ASN C 462 -50.95 -21.46 16.15
CA ASN C 462 -52.11 -21.25 15.31
C ASN C 462 -53.25 -20.68 16.14
N SER C 463 -52.89 -19.84 17.12
CA SER C 463 -53.84 -19.20 18.03
C SER C 463 -54.44 -17.97 17.40
N THR C 464 -53.86 -17.58 16.27
CA THR C 464 -54.11 -16.40 15.45
C THR C 464 -53.55 -15.14 16.08
N THR C 465 -52.97 -15.24 17.28
CA THR C 465 -52.37 -14.08 17.90
C THR C 465 -50.89 -14.16 17.63
N GLU C 466 -50.37 -13.10 17.03
CA GLU C 466 -48.96 -13.04 16.69
C GLU C 466 -48.34 -11.84 17.35
N THR C 467 -47.08 -11.95 17.75
CA THR C 467 -46.41 -10.85 18.41
C THR C 467 -45.40 -10.15 17.54
N PHE C 468 -45.52 -8.85 17.45
CA PHE C 468 -44.65 -8.05 16.65
C PHE C 468 -43.71 -7.24 17.50
N ARG C 469 -42.44 -7.57 17.39
CA ARG C 469 -41.43 -6.93 18.21
C ARG C 469 -40.53 -6.07 17.34
N PRO C 470 -39.99 -4.98 17.88
CA PRO C 470 -39.04 -4.12 17.22
C PRO C 470 -37.68 -4.75 17.26
N GLY C 471 -37.56 -5.80 16.46
CA GLY C 471 -36.34 -6.58 16.37
C GLY C 471 -35.15 -5.77 15.87
N GLY C 472 -35.38 -4.79 14.99
CA GLY C 472 -34.28 -4.02 14.47
C GLY C 472 -33.58 -4.82 13.39
N GLY C 473 -32.37 -4.42 13.01
CA GLY C 473 -31.67 -5.06 11.92
C GLY C 473 -30.33 -4.39 11.68
N ASP C 474 -29.60 -4.82 10.65
CA ASP C 474 -28.30 -4.25 10.36
C ASP C 474 -28.53 -2.95 9.62
N MET C 475 -27.48 -2.19 9.41
CA MET C 475 -27.56 -0.89 8.77
C MET C 475 -28.09 -0.97 7.35
N ARG C 476 -27.90 -2.09 6.70
CA ARG C 476 -28.33 -2.22 5.34
C ARG C 476 -29.81 -2.01 5.24
N ASP C 477 -30.59 -2.34 6.25
CA ASP C 477 -32.03 -2.15 6.12
C ASP C 477 -32.42 -0.71 5.93
N ASN C 478 -31.64 0.23 6.46
CA ASN C 478 -32.02 1.61 6.32
C ASN C 478 -31.80 1.99 4.88
N TRP C 479 -30.78 1.39 4.30
CA TRP C 479 -30.41 1.68 2.95
C TRP C 479 -31.27 0.92 1.96
N ARG C 480 -31.74 -0.28 2.33
CA ARG C 480 -32.57 -1.07 1.45
C ARG C 480 -33.84 -0.30 1.23
N SER C 481 -34.30 0.36 2.28
CA SER C 481 -35.49 1.12 2.19
C SER C 481 -35.33 2.33 1.27
N GLU C 482 -34.28 3.12 1.44
CA GLU C 482 -34.19 4.30 0.60
C GLU C 482 -33.84 4.01 -0.87
N LEU C 483 -33.08 2.92 -1.08
CA LEU C 483 -32.56 2.56 -2.43
C LEU C 483 -33.44 1.49 -3.07
N TYR C 484 -34.62 1.21 -2.51
CA TYR C 484 -35.50 0.13 -3.03
C TYR C 484 -35.98 0.45 -4.45
N LYS C 485 -36.23 1.72 -4.75
CA LYS C 485 -36.82 2.17 -6.04
C LYS C 485 -35.93 1.72 -7.19
N TYR C 486 -34.61 1.65 -6.96
CA TYR C 486 -33.61 1.74 -8.03
C TYR C 486 -32.92 0.43 -8.43
N LYS C 487 -32.63 0.28 -9.73
CA LYS C 487 -31.90 -0.87 -10.28
C LYS C 487 -30.77 -0.50 -11.25
N VAL C 488 -29.66 -1.25 -11.25
CA VAL C 488 -28.57 -0.96 -12.20
C VAL C 488 -28.42 -1.97 -13.34
N VAL C 489 -28.36 -1.45 -14.56
CA VAL C 489 -28.18 -2.29 -15.74
C VAL C 489 -27.05 -1.78 -16.63
N LYS C 490 -26.52 -2.66 -17.48
CA LYS C 490 -25.49 -2.32 -18.45
C LYS C 490 -26.05 -2.22 -19.84
N ILE C 491 -25.59 -1.21 -20.56
CA ILE C 491 -26.01 -0.94 -21.92
C ILE C 491 -25.29 -1.83 -22.91
N GLU C 492 -26.04 -2.48 -23.79
CA GLU C 492 -25.45 -3.37 -24.80
C GLU C 492 -25.90 -3.04 -26.22
N PRO C 493 -25.26 -2.08 -26.91
CA PRO C 493 -25.61 -1.51 -28.21
C PRO C 493 -25.54 -2.43 -29.42
N LEU C 494 -24.94 -3.60 -29.32
CA LEU C 494 -24.85 -4.43 -30.51
C LEU C 494 -25.88 -5.55 -30.56
N GLY C 495 -26.50 -5.77 -31.73
CA GLY C 495 -27.43 -6.88 -31.90
C GLY C 495 -27.77 -7.17 -33.37
N VAL C 496 -28.54 -8.24 -33.60
CA VAL C 496 -28.89 -8.66 -34.96
C VAL C 496 -30.37 -8.92 -35.14
N ALA C 497 -30.80 -8.95 -36.40
CA ALA C 497 -32.17 -9.26 -36.82
C ALA C 497 -32.11 -9.74 -38.28
N PRO C 498 -33.10 -10.46 -38.84
CA PRO C 498 -33.19 -10.81 -40.25
C PRO C 498 -33.61 -9.65 -41.17
N THR C 499 -33.15 -9.69 -42.42
CA THR C 499 -33.54 -8.78 -43.51
C THR C 499 -33.78 -9.50 -44.82
N ARG C 500 -34.12 -8.73 -45.84
CA ARG C 500 -34.33 -9.31 -47.18
C ARG C 500 -33.13 -9.34 -48.14
N CYS C 501 -32.14 -8.44 -47.97
CA CYS C 501 -30.98 -8.28 -48.84
C CYS C 501 -29.80 -9.13 -48.41
N LYS C 502 -28.93 -9.37 -49.37
CA LYS C 502 -27.63 -9.94 -49.12
C LYS C 502 -26.71 -8.75 -49.26
N ARG C 503 -25.60 -8.72 -48.55
CA ARG C 503 -24.70 -7.59 -48.72
C ARG C 503 -24.43 -7.41 -50.17
N ARG C 504 -24.45 -6.18 -50.65
CA ARG C 504 -24.17 -6.01 -52.05
C ARG C 504 -22.77 -6.52 -52.35
N VAL C 505 -22.65 -7.35 -53.37
CA VAL C 505 -21.35 -7.90 -53.75
C VAL C 505 -20.94 -7.29 -55.10
N VAL C 506 -19.73 -6.70 -55.16
CA VAL C 506 -19.16 -6.05 -56.34
C VAL C 506 -18.74 -7.14 -57.34
N LEU D 1 -35.87 11.92 -29.08
CA LEU D 1 -36.45 11.26 -27.91
C LEU D 1 -35.51 11.25 -26.67
N GLY D 2 -34.18 11.41 -26.87
CA GLY D 2 -33.12 11.42 -25.84
C GLY D 2 -32.43 10.07 -25.74
N PHE D 3 -31.41 9.97 -24.87
CA PHE D 3 -30.72 8.71 -24.77
C PHE D 3 -31.64 7.68 -24.20
N LEU D 4 -31.80 6.62 -24.95
CA LEU D 4 -32.69 5.55 -24.59
C LEU D 4 -34.04 6.20 -24.35
N GLY D 5 -34.42 7.13 -25.24
CA GLY D 5 -35.66 7.88 -25.18
C GLY D 5 -36.88 6.99 -25.13
N ALA D 6 -36.75 5.81 -25.70
CA ALA D 6 -37.79 4.82 -25.69
C ALA D 6 -37.14 3.47 -25.85
N ALA D 7 -37.74 2.46 -25.26
CA ALA D 7 -37.29 1.09 -25.48
C ALA D 7 -38.54 0.25 -25.75
N GLY D 8 -39.64 0.94 -26.01
CA GLY D 8 -40.92 0.34 -26.34
C GLY D 8 -41.16 0.43 -27.83
N SER D 9 -40.18 1.02 -28.51
CA SER D 9 -40.20 1.26 -29.93
C SER D 9 -40.02 -0.06 -30.63
N THR D 10 -40.62 -0.21 -31.81
CA THR D 10 -40.43 -1.46 -32.49
C THR D 10 -39.04 -1.45 -33.03
N MET D 11 -38.54 -2.60 -33.44
CA MET D 11 -37.18 -2.58 -33.91
C MET D 11 -37.00 -1.68 -35.09
N GLY D 12 -38.01 -1.66 -35.97
CA GLY D 12 -37.98 -0.81 -37.15
C GLY D 12 -38.01 0.65 -36.74
N ALA D 13 -38.92 0.99 -35.83
CA ALA D 13 -39.11 2.36 -35.36
C ALA D 13 -37.85 2.92 -34.72
N ALA D 14 -37.12 2.06 -34.05
CA ALA D 14 -35.92 2.44 -33.34
C ALA D 14 -34.71 2.61 -34.25
N SER D 15 -34.81 2.30 -35.53
CA SER D 15 -33.62 2.39 -36.36
C SER D 15 -33.06 3.81 -36.49
N MET D 16 -33.89 4.83 -36.34
CA MET D 16 -33.35 6.17 -36.51
C MET D 16 -32.77 6.74 -35.23
N THR D 17 -32.78 5.96 -34.15
CA THR D 17 -32.25 6.42 -32.88
C THR D 17 -30.92 5.73 -32.63
N LEU D 18 -30.41 4.97 -33.60
CA LEU D 18 -29.16 4.26 -33.37
C LEU D 18 -28.02 5.25 -33.10
N THR D 19 -28.08 6.43 -33.72
CA THR D 19 -27.06 7.45 -33.55
C THR D 19 -27.11 8.10 -32.19
N VAL D 20 -28.21 7.93 -31.49
CA VAL D 20 -28.34 8.52 -30.19
C VAL D 20 -27.71 7.59 -29.20
N GLN D 21 -28.02 6.31 -29.33
CA GLN D 21 -27.52 5.35 -28.36
C GLN D 21 -26.02 5.26 -28.48
N ALA D 22 -25.54 5.46 -29.69
CA ALA D 22 -24.14 5.41 -30.05
C ALA D 22 -23.30 6.48 -29.35
N ARG D 23 -23.93 7.54 -28.85
CA ARG D 23 -23.22 8.63 -28.21
C ARG D 23 -23.13 8.50 -26.71
N ASN D 24 -23.69 7.44 -26.13
CA ASN D 24 -23.66 7.31 -24.69
C ASN D 24 -22.35 6.77 -24.15
N LEU D 25 -21.76 5.83 -24.83
CA LEU D 25 -20.57 5.27 -24.25
C LEU D 25 -19.47 6.30 -24.42
N LEU D 26 -18.65 6.39 -23.40
CA LEU D 26 -17.54 7.31 -23.28
C LEU D 26 -18.03 8.76 -23.05
N SER D 27 -19.33 8.91 -22.74
CA SER D 27 -19.92 10.21 -22.40
C SER D 27 -19.35 10.74 -21.11
N GLU D 41 -9.94 21.47 -6.28
CA GLU D 41 -10.08 21.18 -4.83
C GLU D 41 -10.77 19.82 -4.67
N CYS D 42 -11.98 19.69 -5.22
CA CYS D 42 -12.65 18.41 -5.32
C CYS D 42 -11.69 17.36 -5.80
N GLN D 43 -11.06 17.65 -6.93
CA GLN D 43 -10.17 16.71 -7.61
C GLN D 43 -8.99 16.30 -6.74
N GLN D 44 -8.68 17.05 -5.71
CA GLN D 44 -7.59 16.67 -4.83
C GLN D 44 -7.91 15.36 -4.14
N HIS D 45 -9.20 15.10 -3.97
CA HIS D 45 -9.73 13.94 -3.29
C HIS D 45 -9.35 12.66 -4.00
N LEU D 46 -9.02 12.76 -5.28
CA LEU D 46 -8.62 11.61 -6.06
C LEU D 46 -7.37 10.99 -5.49
N LEU D 47 -6.49 11.82 -4.92
CA LEU D 47 -5.28 11.28 -4.33
C LEU D 47 -5.43 11.16 -2.81
N LYS D 48 -6.23 12.04 -2.20
CA LYS D 48 -6.36 11.96 -0.75
C LYS D 48 -6.98 10.62 -0.33
N ASP D 49 -7.96 10.15 -1.09
CA ASP D 49 -8.58 8.86 -0.84
C ASP D 49 -8.14 7.89 -1.94
N THR D 50 -7.16 7.07 -1.61
CA THR D 50 -6.54 6.21 -2.59
C THR D 50 -7.53 5.25 -3.21
N HIS D 51 -8.37 4.63 -2.41
CA HIS D 51 -9.27 3.66 -2.98
C HIS D 51 -10.35 4.30 -3.80
N TRP D 52 -10.83 5.46 -3.38
CA TRP D 52 -11.87 6.12 -4.14
C TRP D 52 -11.36 6.47 -5.52
N GLY D 53 -10.17 7.04 -5.60
CA GLY D 53 -9.63 7.42 -6.89
C GLY D 53 -9.42 6.18 -7.77
N ILE D 54 -8.95 5.08 -7.18
CA ILE D 54 -8.74 3.88 -7.95
C ILE D 54 -10.00 3.28 -8.47
N LYS D 55 -11.03 3.18 -7.64
CA LYS D 55 -12.25 2.58 -8.12
C LYS D 55 -12.80 3.35 -9.30
N GLN D 56 -12.73 4.67 -9.24
CA GLN D 56 -13.26 5.45 -10.34
C GLN D 56 -12.45 5.27 -11.59
N LEU D 57 -11.14 5.18 -11.44
CA LEU D 57 -10.31 5.04 -12.60
C LEU D 57 -10.55 3.69 -13.23
N GLN D 58 -10.72 2.66 -12.42
CA GLN D 58 -10.94 1.35 -12.97
C GLN D 58 -12.21 1.33 -13.76
N ALA D 59 -13.24 1.98 -13.25
CA ALA D 59 -14.49 1.98 -13.98
C ALA D 59 -14.36 2.63 -15.33
N ARG D 60 -13.60 3.72 -15.39
CA ARG D 60 -13.45 4.40 -16.66
C ARG D 60 -12.69 3.53 -17.64
N VAL D 61 -11.69 2.84 -17.13
CA VAL D 61 -10.92 1.98 -17.98
C VAL D 61 -11.76 0.85 -18.53
N LEU D 62 -12.59 0.26 -17.70
CA LEU D 62 -13.41 -0.84 -18.17
C LEU D 62 -14.37 -0.37 -19.25
N ALA D 63 -14.92 0.84 -19.13
CA ALA D 63 -15.82 1.34 -20.16
C ALA D 63 -15.10 1.44 -21.49
N VAL D 64 -13.85 1.89 -21.45
CA VAL D 64 -13.08 2.00 -22.66
C VAL D 64 -12.82 0.65 -23.25
N GLU D 65 -12.48 -0.31 -22.43
CA GLU D 65 -12.18 -1.63 -22.92
C GLU D 65 -13.40 -2.21 -23.59
N HIS D 66 -14.56 -1.97 -23.00
CA HIS D 66 -15.79 -2.48 -23.55
C HIS D 66 -15.99 -1.88 -24.94
N TYR D 67 -15.84 -0.56 -25.03
CA TYR D 67 -16.02 0.14 -26.28
C TYR D 67 -15.16 -0.44 -27.36
N LEU D 68 -13.89 -0.61 -27.07
CA LEU D 68 -12.97 -1.08 -28.06
C LEU D 68 -13.28 -2.48 -28.52
N ARG D 69 -13.72 -3.35 -27.63
CA ARG D 69 -14.01 -4.70 -28.10
C ARG D 69 -15.14 -4.68 -29.10
N ASP D 70 -16.16 -3.88 -28.87
CA ASP D 70 -17.24 -3.88 -29.84
C ASP D 70 -16.79 -3.27 -31.15
N GLN D 71 -15.95 -2.25 -31.09
CA GLN D 71 -15.52 -1.65 -32.33
C GLN D 71 -14.66 -2.59 -33.12
N GLN D 72 -13.82 -3.37 -32.42
CA GLN D 72 -12.97 -4.28 -33.12
C GLN D 72 -13.81 -5.30 -33.83
N LEU D 73 -14.86 -5.76 -33.17
CA LEU D 73 -15.69 -6.79 -33.73
C LEU D 73 -16.40 -6.32 -34.99
N LEU D 74 -16.90 -5.09 -34.98
CA LEU D 74 -17.55 -4.58 -36.16
C LEU D 74 -16.55 -4.47 -37.29
N GLY D 75 -15.32 -4.10 -36.96
CA GLY D 75 -14.29 -4.00 -37.98
C GLY D 75 -14.03 -5.37 -38.58
N ILE D 76 -13.97 -6.40 -37.74
CA ILE D 76 -13.71 -7.77 -38.18
C ILE D 76 -14.75 -8.26 -39.13
N TRP D 77 -15.99 -7.96 -38.83
CA TRP D 77 -17.11 -8.38 -39.65
C TRP D 77 -17.27 -7.61 -40.95
N GLY D 78 -16.47 -6.57 -41.15
CA GLY D 78 -16.58 -5.75 -42.33
C GLY D 78 -17.68 -4.68 -42.31
N CYS D 79 -18.19 -4.30 -41.11
CA CYS D 79 -19.24 -3.31 -40.93
C CYS D 79 -18.59 -1.98 -40.56
N SER D 80 -17.60 -2.09 -39.69
CA SER D 80 -16.84 -0.97 -39.23
C SER D 80 -17.66 0.16 -38.64
N GLY D 81 -17.59 1.31 -39.27
CA GLY D 81 -18.28 2.50 -38.77
C GLY D 81 -19.77 2.61 -39.11
N LYS D 82 -20.31 1.70 -39.89
CA LYS D 82 -21.73 1.82 -40.23
C LYS D 82 -22.57 1.40 -39.03
N LEU D 83 -23.73 2.04 -38.82
CA LEU D 83 -24.57 1.57 -37.74
C LEU D 83 -25.42 0.40 -38.19
N ILE D 84 -25.73 0.35 -39.47
CA ILE D 84 -26.52 -0.77 -39.96
C ILE D 84 -25.77 -1.42 -41.13
N CYS D 85 -25.59 -2.76 -41.09
CA CYS D 85 -24.95 -3.53 -42.16
C CYS D 85 -25.78 -4.72 -42.62
N CYS D 86 -25.75 -4.91 -43.92
CA CYS D 86 -26.37 -6.05 -44.56
C CYS D 86 -25.17 -6.95 -44.86
N THR D 87 -25.20 -8.20 -44.40
CA THR D 87 -24.04 -9.09 -44.59
C THR D 87 -24.29 -10.25 -45.54
N ASN D 88 -23.27 -11.09 -45.69
CA ASN D 88 -23.28 -12.24 -46.57
C ASN D 88 -23.60 -13.55 -45.86
N VAL D 89 -24.05 -13.42 -44.63
CA VAL D 89 -24.47 -14.54 -43.82
C VAL D 89 -25.99 -14.60 -43.82
N PRO D 90 -26.61 -15.72 -44.22
CA PRO D 90 -28.04 -15.94 -44.27
C PRO D 90 -28.56 -16.09 -42.88
N TRP D 91 -29.83 -15.83 -42.68
CA TRP D 91 -30.44 -16.07 -41.40
C TRP D 91 -30.77 -17.57 -41.41
N ASN D 92 -30.39 -18.34 -40.36
CA ASN D 92 -30.60 -19.79 -40.32
C ASN D 92 -32.05 -20.18 -39.95
N SER D 93 -32.52 -21.31 -40.53
CA SER D 93 -33.82 -21.95 -40.31
C SER D 93 -33.90 -22.65 -38.97
N SER D 94 -32.74 -22.84 -38.35
CA SER D 94 -32.62 -23.49 -37.05
C SER D 94 -32.95 -22.50 -35.95
N TRP D 95 -33.04 -21.23 -36.31
CA TRP D 95 -33.30 -20.17 -35.39
C TRP D 95 -34.82 -20.07 -35.33
N SER D 96 -35.38 -19.56 -34.24
CA SER D 96 -36.83 -19.55 -34.13
C SER D 96 -37.48 -18.92 -35.35
N ASN D 97 -38.53 -19.59 -35.85
CA ASN D 97 -39.21 -19.14 -37.04
C ASN D 97 -40.26 -18.09 -36.75
N ARG D 98 -39.75 -16.93 -36.41
CA ARG D 98 -40.59 -15.80 -36.09
C ARG D 98 -41.00 -15.12 -37.42
N ASN D 99 -42.20 -14.55 -37.44
CA ASN D 99 -42.76 -13.85 -38.64
C ASN D 99 -42.09 -12.49 -38.82
N LEU D 100 -41.62 -12.20 -40.03
CA LEU D 100 -40.90 -10.95 -40.35
C LEU D 100 -41.74 -9.71 -40.10
N SER D 101 -43.07 -9.82 -40.25
CA SER D 101 -43.85 -8.63 -40.01
C SER D 101 -43.79 -8.23 -38.53
N GLU D 102 -43.76 -9.23 -37.64
CA GLU D 102 -43.74 -8.95 -36.22
C GLU D 102 -42.34 -8.61 -35.82
N ILE D 103 -41.38 -9.23 -36.50
CA ILE D 103 -40.03 -8.99 -36.11
C ILE D 103 -39.73 -7.53 -36.25
N TRP D 104 -40.13 -6.90 -37.33
CA TRP D 104 -39.83 -5.50 -37.40
C TRP D 104 -40.83 -4.53 -36.76
N ASP D 105 -42.17 -4.81 -36.78
CA ASP D 105 -43.10 -3.84 -36.20
C ASP D 105 -43.99 -4.24 -35.02
N ASN D 106 -43.78 -5.39 -34.39
CA ASN D 106 -44.54 -5.70 -33.19
C ASN D 106 -43.55 -5.82 -32.07
N MET D 107 -42.38 -6.33 -32.44
CA MET D 107 -41.27 -6.57 -31.54
C MET D 107 -40.41 -5.36 -31.35
N THR D 108 -39.94 -5.19 -30.12
CA THR D 108 -38.99 -4.15 -29.75
C THR D 108 -37.64 -4.84 -29.65
N TRP D 109 -36.56 -4.08 -29.56
CA TRP D 109 -35.24 -4.73 -29.51
C TRP D 109 -35.01 -5.53 -28.24
N LEU D 110 -35.61 -5.14 -27.12
CA LEU D 110 -35.40 -5.91 -25.90
C LEU D 110 -36.01 -7.28 -26.04
N GLN D 111 -37.23 -7.30 -26.57
CA GLN D 111 -37.97 -8.53 -26.66
C GLN D 111 -37.33 -9.46 -27.64
N TRP D 112 -36.90 -8.88 -28.74
CA TRP D 112 -36.30 -9.61 -29.79
C TRP D 112 -35.02 -10.26 -29.36
N ASP D 113 -34.15 -9.50 -28.72
CA ASP D 113 -32.88 -10.05 -28.35
C ASP D 113 -33.06 -11.17 -27.36
N LYS D 114 -34.02 -11.03 -26.45
CA LYS D 114 -34.22 -12.10 -25.49
C LYS D 114 -34.61 -13.37 -26.22
N GLU D 115 -35.49 -13.24 -27.21
CA GLU D 115 -35.94 -14.39 -27.97
C GLU D 115 -34.83 -15.08 -28.73
N ILE D 116 -33.83 -14.35 -29.19
CA ILE D 116 -32.77 -14.96 -29.95
C ILE D 116 -31.41 -14.95 -29.28
N SER D 117 -31.36 -14.78 -27.96
CA SER D 117 -30.03 -14.71 -27.32
C SER D 117 -29.14 -15.98 -27.35
N ASN D 118 -29.75 -17.18 -27.50
CA ASN D 118 -29.10 -18.50 -27.43
C ASN D 118 -28.01 -18.77 -28.47
N TYR D 119 -28.03 -17.95 -29.52
CA TYR D 119 -27.42 -18.19 -30.85
C TYR D 119 -26.30 -17.16 -31.09
N THR D 120 -26.07 -16.29 -30.11
CA THR D 120 -25.26 -15.10 -30.37
C THR D 120 -23.84 -15.45 -30.81
N GLN D 121 -23.25 -16.39 -30.15
CA GLN D 121 -21.89 -16.81 -30.42
C GLN D 121 -21.76 -17.54 -31.76
N ILE D 122 -22.86 -18.04 -32.28
CA ILE D 122 -22.84 -18.77 -33.51
C ILE D 122 -22.84 -17.79 -34.62
N ILE D 123 -23.74 -16.83 -34.50
CA ILE D 123 -23.84 -15.87 -35.56
C ILE D 123 -22.57 -15.08 -35.62
N TYR D 124 -21.93 -14.81 -34.48
CA TYR D 124 -20.70 -14.08 -34.56
C TYR D 124 -19.64 -14.86 -35.28
N GLY D 125 -19.52 -16.17 -35.02
CA GLY D 125 -18.51 -16.92 -35.74
C GLY D 125 -18.75 -16.90 -37.24
N LEU D 126 -20.02 -16.97 -37.65
CA LEU D 126 -20.33 -16.97 -39.07
C LEU D 126 -19.97 -15.65 -39.72
N LEU D 127 -20.21 -14.56 -39.01
CA LEU D 127 -19.92 -13.24 -39.54
C LEU D 127 -18.44 -13.06 -39.74
N GLU D 128 -17.66 -13.55 -38.79
CA GLU D 128 -16.23 -13.39 -38.88
C GLU D 128 -15.68 -14.17 -40.06
N GLU D 129 -16.15 -15.39 -40.24
CA GLU D 129 -15.60 -16.20 -41.29
C GLU D 129 -15.99 -15.69 -42.66
N SER D 130 -17.21 -15.24 -42.82
CA SER D 130 -17.64 -14.78 -44.11
C SER D 130 -16.79 -13.60 -44.55
N GLN D 131 -16.54 -12.66 -43.62
CA GLN D 131 -15.73 -11.52 -44.00
C GLN D 131 -14.30 -11.89 -44.31
N ASN D 132 -13.75 -12.86 -43.59
CA ASN D 132 -12.38 -13.22 -43.83
C ASN D 132 -12.23 -13.77 -45.23
N GLN D 133 -13.22 -14.55 -45.64
CA GLN D 133 -13.16 -15.15 -46.95
C GLN D 133 -13.30 -14.11 -48.04
N GLN D 134 -14.19 -13.15 -47.86
CA GLN D 134 -14.34 -12.17 -48.91
C GLN D 134 -13.10 -11.32 -49.05
N GLU D 135 -12.45 -10.98 -47.95
CA GLU D 135 -11.26 -10.15 -48.06
C GLU D 135 -10.19 -10.86 -48.85
N LYS D 136 -10.02 -12.15 -48.60
CA LYS D 136 -9.04 -12.92 -49.33
C LYS D 136 -9.37 -12.91 -50.81
N ASN D 137 -10.66 -13.04 -51.13
CA ASN D 137 -11.06 -13.07 -52.51
C ASN D 137 -10.77 -11.74 -53.19
N GLU D 138 -10.90 -10.63 -52.46
CA GLU D 138 -10.62 -9.34 -53.07
C GLU D 138 -9.15 -9.20 -53.41
N GLN D 139 -8.28 -9.73 -52.53
CA GLN D 139 -6.87 -9.67 -52.81
C GLN D 139 -6.52 -10.45 -54.06
N ASP D 140 -7.15 -11.62 -54.25
CA ASP D 140 -6.88 -12.40 -55.46
C ASP D 140 -7.37 -11.67 -56.70
N LEU D 141 -8.51 -10.99 -56.59
CA LEU D 141 -9.04 -10.26 -57.73
C LEU D 141 -8.16 -9.07 -58.18
N LEU D 142 -7.54 -8.32 -57.23
CA LEU D 142 -6.65 -7.19 -57.48
C LEU D 142 -5.38 -7.70 -58.19
N ASN E 35 8.91 -4.92 -60.44
CA ASN E 35 7.46 -4.79 -60.66
C ASN E 35 6.65 -5.23 -59.39
N LEU E 36 7.18 -4.90 -58.19
CA LEU E 36 6.57 -5.21 -56.88
C LEU E 36 6.31 -3.95 -56.08
N TRP E 37 5.31 -4.03 -55.22
CA TRP E 37 4.89 -2.97 -54.31
C TRP E 37 4.82 -3.48 -52.92
N VAL E 38 4.49 -2.60 -52.00
CA VAL E 38 4.31 -2.94 -50.62
C VAL E 38 2.89 -3.41 -50.33
N THR E 39 2.79 -4.54 -49.65
CA THR E 39 1.55 -5.11 -49.16
C THR E 39 1.62 -5.10 -47.64
N VAL E 40 0.51 -4.72 -47.03
CA VAL E 40 0.45 -4.54 -45.59
C VAL E 40 -0.50 -5.50 -44.91
N TYR E 41 -0.01 -6.16 -43.88
CA TYR E 41 -0.84 -7.10 -43.18
C TYR E 41 -0.96 -6.88 -41.70
N TYR E 42 -2.16 -7.08 -41.21
CA TYR E 42 -2.41 -7.01 -39.79
C TYR E 42 -2.98 -8.33 -39.32
N GLY E 43 -2.40 -8.85 -38.25
CA GLY E 43 -2.79 -10.14 -37.72
C GLY E 43 -1.69 -11.16 -38.02
N VAL E 44 -0.48 -10.67 -38.22
CA VAL E 44 0.66 -11.50 -38.52
C VAL E 44 1.10 -12.26 -37.25
N PRO E 45 1.23 -13.60 -37.26
CA PRO E 45 1.54 -14.43 -36.09
C PRO E 45 3.01 -14.42 -35.71
N VAL E 46 3.51 -13.26 -35.30
CA VAL E 46 4.90 -13.09 -34.91
C VAL E 46 5.07 -12.39 -33.57
N TRP E 47 6.28 -12.47 -33.03
CA TRP E 47 6.60 -11.87 -31.76
C TRP E 47 8.06 -11.51 -31.61
N LYS E 48 8.32 -10.77 -30.55
CA LYS E 48 9.67 -10.42 -30.15
C LYS E 48 9.82 -10.64 -28.65
N ASP E 49 11.03 -10.84 -28.18
CA ASP E 49 11.24 -11.01 -26.75
C ASP E 49 10.77 -9.79 -26.00
N ALA E 50 10.10 -9.99 -24.86
CA ALA E 50 9.63 -8.82 -24.13
C ALA E 50 9.49 -9.07 -22.66
N GLU E 51 9.54 -7.98 -21.89
CA GLU E 51 9.34 -8.05 -20.46
C GLU E 51 8.08 -7.36 -20.03
N THR E 52 7.19 -8.10 -19.38
CA THR E 52 5.96 -7.49 -18.90
C THR E 52 5.63 -8.02 -17.53
N THR E 53 4.58 -7.47 -16.97
CA THR E 53 4.04 -7.87 -15.68
C THR E 53 3.10 -9.04 -15.82
N LEU E 54 3.30 -10.08 -15.06
CA LEU E 54 2.44 -11.24 -15.10
C LEU E 54 1.55 -11.25 -13.90
N PHE E 55 0.41 -11.90 -13.99
CA PHE E 55 -0.44 -12.01 -12.83
C PHE E 55 -0.63 -13.47 -12.51
N CYS E 56 -0.98 -13.79 -11.25
CA CYS E 56 -1.17 -15.16 -10.77
C CYS E 56 -2.63 -15.53 -10.59
N ALA E 57 -2.85 -16.84 -10.64
CA ALA E 57 -4.15 -17.45 -10.41
C ALA E 57 -3.98 -18.84 -9.77
N SER E 58 -5.04 -19.29 -9.12
CA SER E 58 -5.06 -20.61 -8.47
C SER E 58 -6.44 -21.26 -8.55
N ASP E 59 -6.51 -22.54 -8.22
CA ASP E 59 -7.78 -23.28 -8.29
C ASP E 59 -8.57 -23.51 -6.98
N ALA E 60 -8.24 -22.79 -5.88
CA ALA E 60 -8.89 -22.86 -4.55
C ALA E 60 -8.99 -24.30 -4.04
N HIS E 68 -7.48 -18.20 4.83
CA HIS E 68 -6.39 -18.14 5.82
C HIS E 68 -4.99 -18.10 5.17
N ASN E 69 -4.83 -18.82 4.03
CA ASN E 69 -3.60 -18.93 3.25
C ASN E 69 -3.27 -17.65 2.50
N VAL E 70 -2.02 -17.22 2.62
CA VAL E 70 -1.62 -15.96 2.01
C VAL E 70 -1.56 -16.02 0.51
N TRP E 71 -1.20 -17.17 -0.01
CA TRP E 71 -1.05 -17.33 -1.43
C TRP E 71 -2.39 -17.36 -2.04
N ALA E 72 -3.31 -18.02 -1.35
CA ALA E 72 -4.66 -18.15 -1.83
C ALA E 72 -5.38 -16.82 -1.82
N THR E 73 -5.07 -16.00 -0.82
CA THR E 73 -5.66 -14.68 -0.72
C THR E 73 -5.16 -13.82 -1.83
N HIS E 74 -3.88 -13.88 -2.09
CA HIS E 74 -3.32 -13.04 -3.12
C HIS E 74 -3.68 -13.48 -4.55
N CYS E 75 -3.48 -14.77 -4.89
CA CYS E 75 -3.72 -15.34 -6.21
C CYS E 75 -5.14 -15.88 -6.15
N CYS E 76 -6.04 -14.93 -5.98
CA CYS E 76 -7.45 -15.19 -5.79
C CYS E 76 -8.17 -15.36 -7.12
N VAL E 77 -7.47 -15.02 -8.18
CA VAL E 77 -7.97 -15.11 -9.51
C VAL E 77 -8.03 -16.59 -9.85
N PRO E 78 -9.15 -17.11 -10.40
CA PRO E 78 -9.34 -18.50 -10.77
C PRO E 78 -8.55 -18.86 -11.99
N THR E 79 -8.27 -20.15 -12.14
CA THR E 79 -7.61 -20.64 -13.33
C THR E 79 -8.60 -21.18 -14.34
N ASP E 80 -8.13 -21.29 -15.58
CA ASP E 80 -8.85 -21.88 -16.69
C ASP E 80 -8.41 -23.34 -16.83
N PRO E 81 -9.28 -24.36 -16.62
CA PRO E 81 -8.97 -25.78 -16.68
C PRO E 81 -8.40 -26.24 -18.02
N ASN E 82 -8.60 -25.46 -19.09
CA ASN E 82 -8.11 -25.80 -20.43
C ASN E 82 -6.61 -25.51 -20.51
N PRO E 83 -5.73 -26.51 -20.75
CA PRO E 83 -4.30 -26.31 -20.84
C PRO E 83 -3.91 -25.21 -21.83
N GLN E 84 -4.68 -25.06 -22.91
CA GLN E 84 -4.43 -24.06 -23.94
C GLN E 84 -2.99 -24.10 -24.43
N GLU E 85 -2.47 -25.29 -24.63
CA GLU E 85 -1.12 -25.43 -25.11
C GLU E 85 -1.11 -25.82 -26.56
N ILE E 86 -0.45 -25.03 -27.38
CA ILE E 86 -0.45 -25.33 -28.81
C ILE E 86 0.92 -25.68 -29.34
N HIS E 87 1.09 -26.90 -29.81
CA HIS E 87 2.40 -27.23 -30.32
C HIS E 87 2.60 -26.50 -31.59
N LEU E 88 3.79 -25.98 -31.80
CA LEU E 88 4.03 -25.37 -33.07
C LEU E 88 4.91 -26.29 -33.87
N GLU E 89 4.69 -26.33 -35.17
CA GLU E 89 5.51 -27.13 -36.04
C GLU E 89 6.52 -26.21 -36.65
N ASN E 90 7.72 -26.72 -37.03
CA ASN E 90 8.79 -25.98 -37.72
C ASN E 90 9.13 -24.67 -36.99
N VAL E 91 9.25 -24.76 -35.67
CA VAL E 91 9.49 -23.72 -34.72
C VAL E 91 10.76 -23.93 -33.97
N THR E 92 11.51 -22.87 -33.80
CA THR E 92 12.69 -22.91 -32.97
C THR E 92 12.62 -21.68 -32.11
N GLU E 93 13.20 -21.74 -30.93
CA GLU E 93 13.29 -20.56 -30.07
C GLU E 93 14.48 -20.68 -29.14
N GLU E 94 15.01 -19.55 -28.69
CA GLU E 94 16.13 -19.56 -27.75
C GLU E 94 15.73 -19.17 -26.34
N PHE E 95 15.98 -20.08 -25.42
CA PHE E 95 15.60 -19.90 -24.04
C PHE E 95 16.80 -19.74 -23.11
N ASN E 96 16.98 -18.55 -22.54
CA ASN E 96 18.11 -18.36 -21.64
C ASN E 96 17.59 -18.11 -20.24
N MET E 97 17.61 -19.14 -19.41
CA MET E 97 17.00 -19.06 -18.09
C MET E 97 17.71 -18.09 -17.19
N TRP E 98 18.94 -17.77 -17.50
CA TRP E 98 19.71 -16.92 -16.63
C TRP E 98 19.34 -15.47 -16.83
N LYS E 99 18.57 -15.21 -17.87
CA LYS E 99 18.13 -13.89 -18.24
C LYS E 99 16.62 -13.84 -18.18
N ASN E 100 16.01 -14.80 -17.52
CA ASN E 100 14.58 -14.87 -17.47
C ASN E 100 14.04 -13.96 -16.38
N ASN E 101 13.37 -12.90 -16.78
CA ASN E 101 12.91 -11.87 -15.86
C ASN E 101 11.84 -12.38 -14.91
N MET E 102 11.24 -13.50 -15.25
CA MET E 102 10.18 -14.05 -14.44
C MET E 102 10.72 -14.50 -13.11
N VAL E 103 12.02 -14.78 -13.07
CA VAL E 103 12.63 -15.24 -11.87
C VAL E 103 12.65 -14.08 -10.90
N GLU E 104 12.96 -12.90 -11.43
CA GLU E 104 13.03 -11.72 -10.62
C GLU E 104 11.65 -11.40 -10.12
N GLN E 105 10.64 -11.63 -10.96
CA GLN E 105 9.29 -11.33 -10.54
C GLN E 105 8.89 -12.23 -9.41
N MET E 106 9.28 -13.50 -9.45
CA MET E 106 8.92 -14.36 -8.33
C MET E 106 9.45 -13.76 -7.08
N HIS E 107 10.70 -13.35 -7.12
CA HIS E 107 11.28 -12.80 -5.93
C HIS E 107 10.58 -11.56 -5.46
N THR E 108 10.34 -10.65 -6.37
CA THR E 108 9.75 -9.39 -6.01
C THR E 108 8.37 -9.54 -5.42
N ASP E 109 7.54 -10.36 -6.02
CA ASP E 109 6.19 -10.46 -5.56
C ASP E 109 6.06 -11.35 -4.36
N ILE E 110 6.91 -12.35 -4.24
CA ILE E 110 6.85 -13.17 -3.06
C ILE E 110 7.21 -12.36 -1.85
N ILE E 111 8.25 -11.54 -1.97
CA ILE E 111 8.61 -10.74 -0.84
C ILE E 111 7.50 -9.79 -0.53
N SER E 112 6.93 -9.16 -1.55
CA SER E 112 5.87 -8.23 -1.30
C SER E 112 4.72 -8.87 -0.57
N LEU E 113 4.32 -10.07 -0.96
CA LEU E 113 3.24 -10.72 -0.29
C LEU E 113 3.59 -10.99 1.15
N TRP E 114 4.80 -11.45 1.36
CA TRP E 114 5.26 -11.77 2.69
C TRP E 114 5.09 -10.56 3.59
N ASP E 115 5.58 -9.41 3.12
CA ASP E 115 5.53 -8.21 3.91
C ASP E 115 4.11 -7.76 4.18
N GLN E 116 3.23 -7.90 3.19
CA GLN E 116 1.87 -7.48 3.42
C GLN E 116 1.18 -8.37 4.43
N SER E 117 1.53 -9.63 4.42
CA SER E 117 0.90 -10.57 5.31
C SER E 117 1.32 -10.34 6.75
N LEU E 118 2.58 -10.01 6.96
CA LEU E 118 3.07 -9.77 8.30
C LEU E 118 2.70 -8.41 8.85
N LYS E 119 2.70 -7.39 7.99
CA LYS E 119 2.41 -6.04 8.43
C LYS E 119 1.28 -5.88 9.48
N PRO E 120 0.02 -6.30 9.25
CA PRO E 120 -1.09 -6.11 10.18
C PRO E 120 -1.12 -7.11 11.34
N CYS E 121 -0.07 -7.11 12.18
CA CYS E 121 0.12 -8.02 13.31
C CYS E 121 0.75 -7.27 14.48
N VAL E 122 0.80 -7.95 15.62
CA VAL E 122 1.32 -7.40 16.87
C VAL E 122 2.80 -7.15 16.86
N LYS E 123 3.18 -5.95 17.28
CA LYS E 123 4.57 -5.56 17.37
C LYS E 123 5.06 -6.05 18.70
N LEU E 124 6.26 -6.58 18.75
CA LEU E 124 6.77 -7.06 20.01
C LEU E 124 7.78 -6.12 20.56
N THR E 125 7.84 -4.93 20.01
CA THR E 125 8.79 -3.93 20.42
C THR E 125 8.90 -3.78 21.93
N PRO E 126 7.81 -3.70 22.72
CA PRO E 126 7.84 -3.51 24.15
C PRO E 126 8.55 -4.63 24.88
N LEU E 127 8.76 -5.75 24.22
CA LEU E 127 9.41 -6.87 24.85
C LEU E 127 10.91 -6.99 24.63
N CYS E 128 11.56 -6.09 23.86
CA CYS E 128 12.99 -6.27 23.60
C CYS E 128 13.69 -5.54 24.76
N VAL E 129 13.78 -6.28 25.87
CA VAL E 129 14.20 -5.84 27.20
C VAL E 129 15.22 -6.73 27.86
N THR E 130 15.81 -6.26 28.95
CA THR E 130 16.72 -7.12 29.69
C THR E 130 15.94 -8.33 30.14
N LEU E 131 16.50 -9.47 29.84
CA LEU E 131 15.98 -10.77 30.12
C LEU E 131 16.84 -11.50 31.14
N GLN E 132 16.23 -12.14 32.13
CA GLN E 132 17.02 -12.92 33.08
C GLN E 132 16.95 -14.37 32.61
N CYS E 133 18.07 -15.15 32.62
CA CYS E 133 18.04 -16.54 32.16
C CYS E 133 18.86 -17.49 33.03
N THR E 134 18.48 -18.77 32.90
CA THR E 134 19.18 -19.93 33.43
C THR E 134 19.11 -21.04 32.36
N ASN E 135 20.07 -21.99 32.36
CA ASN E 135 20.11 -23.15 31.49
C ASN E 135 19.13 -24.21 32.00
N VAL E 136 18.45 -24.97 31.08
CA VAL E 136 17.50 -26.03 31.51
C VAL E 136 18.27 -27.32 31.80
N THR E 137 18.04 -27.88 32.99
CA THR E 137 18.71 -29.09 33.46
C THR E 137 17.76 -30.28 33.70
N ASN E 138 16.52 -30.18 33.29
CA ASN E 138 15.55 -31.27 33.55
C ASN E 138 14.99 -31.83 32.24
N ASN E 139 15.07 -33.19 32.11
CA ASN E 139 14.70 -34.02 30.95
C ASN E 139 15.51 -33.62 29.69
N ILE E 140 16.81 -33.28 29.84
CA ILE E 140 17.69 -32.84 28.75
C ILE E 140 18.72 -33.88 28.38
N THR E 141 18.79 -34.21 27.09
CA THR E 141 19.80 -35.16 26.66
C THR E 141 21.14 -34.44 26.50
N ASP E 142 22.21 -35.18 26.36
CA ASP E 142 23.54 -34.60 26.22
C ASP E 142 23.79 -33.95 24.87
N ASP E 143 22.89 -34.16 23.92
CA ASP E 143 23.02 -33.48 22.65
C ASP E 143 22.54 -32.05 22.79
N MET E 144 21.61 -31.79 23.73
CA MET E 144 21.04 -30.47 23.90
C MET E 144 21.84 -29.61 24.84
N ARG E 145 22.26 -30.20 25.96
CA ARG E 145 22.96 -29.45 27.04
C ARG E 145 22.29 -28.08 27.23
N GLY E 146 23.04 -26.98 27.03
CA GLY E 146 22.52 -25.66 27.37
C GLY E 146 21.78 -24.94 26.23
N GLU E 147 21.57 -25.64 25.11
CA GLU E 147 20.92 -25.02 23.97
C GLU E 147 19.55 -24.47 24.32
N LEU E 148 18.83 -25.18 25.17
CA LEU E 148 17.53 -24.70 25.58
C LEU E 148 17.66 -23.94 26.89
N LYS E 149 17.14 -22.72 26.92
CA LYS E 149 17.19 -21.87 28.11
C LYS E 149 15.80 -21.48 28.62
N ASN E 150 15.69 -21.27 29.95
CA ASN E 150 14.50 -20.83 30.68
C ASN E 150 14.74 -19.41 31.20
N CYS E 151 14.00 -18.43 30.63
CA CYS E 151 14.18 -17.02 30.89
C CYS E 151 12.91 -16.39 31.42
N SER E 152 13.07 -15.27 32.13
CA SER E 152 11.96 -14.53 32.67
C SER E 152 12.13 -13.03 32.48
N PHE E 153 11.01 -12.34 32.35
CA PHE E 153 11.05 -10.92 32.11
C PHE E 153 9.76 -10.15 32.42
N ASN E 154 9.88 -8.82 32.44
CA ASN E 154 8.70 -7.93 32.66
C ASN E 154 8.00 -7.66 31.32
N MET E 155 6.67 -7.68 31.35
CA MET E 155 5.80 -7.47 30.17
C MET E 155 4.65 -6.51 30.48
N THR E 156 4.21 -5.80 29.47
CA THR E 156 3.09 -4.88 29.60
C THR E 156 1.77 -5.59 29.65
N THR E 157 0.77 -4.86 30.05
CA THR E 157 -0.59 -5.34 30.19
C THR E 157 -1.56 -4.41 29.51
N GLU E 158 -2.85 -4.76 29.53
CA GLU E 158 -3.86 -3.94 28.87
C GLU E 158 -3.83 -2.51 29.40
N LEU E 159 -3.62 -2.36 30.69
CA LEU E 159 -3.49 -1.02 31.22
C LEU E 159 -2.02 -0.74 31.27
N ARG E 160 -1.65 0.48 30.93
CA ARG E 160 -0.26 0.84 30.92
C ARG E 160 0.35 0.92 32.31
N ASP E 161 -0.53 1.00 33.30
CA ASP E 161 -0.14 1.11 34.70
C ASP E 161 0.16 -0.22 35.35
N LYS E 162 -0.08 -1.32 34.67
CA LYS E 162 0.16 -2.59 35.30
C LYS E 162 1.26 -3.32 34.55
N LYS E 163 1.97 -4.18 35.25
CA LYS E 163 3.00 -4.97 34.62
C LYS E 163 2.87 -6.40 35.08
N GLN E 164 3.20 -7.34 34.22
CA GLN E 164 3.17 -8.74 34.58
C GLN E 164 4.56 -9.33 34.46
N LYS E 165 4.69 -10.60 34.82
CA LYS E 165 5.96 -11.28 34.70
C LYS E 165 5.73 -12.57 33.95
N VAL E 166 6.58 -12.79 32.96
CA VAL E 166 6.43 -13.90 32.06
C VAL E 166 7.65 -14.79 32.00
N TYR E 167 7.41 -16.08 31.88
CA TYR E 167 8.48 -17.07 31.76
C TYR E 167 8.35 -17.70 30.39
N SER E 168 9.46 -17.97 29.74
CA SER E 168 9.44 -18.59 28.42
C SER E 168 10.73 -19.30 28.07
N LEU E 169 10.70 -20.09 27.01
CA LEU E 169 11.87 -20.82 26.58
C LEU E 169 12.43 -20.34 25.27
N PHE E 170 13.73 -20.41 25.19
CA PHE E 170 14.50 -19.99 24.03
C PHE E 170 15.47 -21.04 23.59
N TYR E 171 15.87 -20.99 22.33
CA TYR E 171 16.80 -21.97 21.79
C TYR E 171 18.22 -21.48 21.66
N ARG E 172 18.61 -20.48 22.45
CA ARG E 172 19.96 -19.92 22.47
C ARG E 172 20.31 -19.05 21.27
N LEU E 173 19.98 -19.50 20.08
CA LEU E 173 20.32 -18.79 18.86
C LEU E 173 19.68 -17.41 18.81
N ASP E 174 18.58 -17.26 19.52
CA ASP E 174 17.82 -16.04 19.56
C ASP E 174 18.23 -15.05 20.66
N VAL E 175 19.11 -15.49 21.57
CA VAL E 175 19.44 -14.71 22.77
C VAL E 175 20.94 -14.51 23.01
N VAL E 176 21.32 -13.28 23.32
CA VAL E 176 22.73 -13.00 23.59
C VAL E 176 22.96 -12.30 24.91
N GLN E 177 24.19 -12.33 25.39
CA GLN E 177 24.52 -11.65 26.64
C GLN E 177 24.56 -10.17 26.49
N ILE E 178 24.13 -9.48 27.54
CA ILE E 178 23.90 -8.01 27.50
C ILE E 178 25.25 -7.31 27.32
N ASN E 179 26.15 -7.46 28.30
CA ASN E 179 27.48 -6.79 28.24
C ASN E 179 28.40 -7.40 29.30
N ASN E 188 31.25 -10.19 30.87
CA ASN E 188 29.90 -10.44 30.31
C ASN E 188 29.05 -11.20 31.34
N SER E 189 27.98 -10.58 31.84
CA SER E 189 27.12 -11.22 32.87
C SER E 189 26.45 -12.47 32.30
N ASN E 190 26.32 -13.52 33.10
CA ASN E 190 25.70 -14.78 32.63
C ASN E 190 24.30 -14.93 33.24
N LYS E 191 23.76 -13.85 33.81
CA LYS E 191 22.36 -13.81 34.14
C LYS E 191 21.57 -12.94 33.20
N GLU E 192 22.20 -11.90 32.66
CA GLU E 192 21.50 -10.93 31.84
C GLU E 192 21.77 -11.03 30.36
N TYR E 193 20.65 -11.14 29.65
CA TYR E 193 20.54 -11.35 28.23
C TYR E 193 19.58 -10.40 27.54
N ARG E 194 19.72 -10.29 26.24
CA ARG E 194 18.81 -9.53 25.39
C ARG E 194 18.52 -10.33 24.17
N LEU E 195 17.48 -9.96 23.46
CA LEU E 195 17.20 -10.67 22.24
C LEU E 195 18.21 -10.24 21.23
N ILE E 196 18.54 -11.14 20.34
CA ILE E 196 19.52 -10.85 19.33
C ILE E 196 19.21 -9.62 18.49
N ASN E 197 17.96 -9.33 18.23
CA ASN E 197 17.61 -8.19 17.39
C ASN E 197 17.46 -6.80 18.01
N CYS E 198 17.70 -6.60 19.34
CA CYS E 198 17.45 -5.30 20.00
C CYS E 198 18.35 -4.21 19.48
N ASN E 199 19.46 -4.59 18.88
CA ASN E 199 20.38 -3.59 18.36
C ASN E 199 20.22 -3.33 16.83
N THR E 200 19.29 -4.04 16.13
CA THR E 200 19.10 -3.97 14.67
C THR E 200 17.70 -3.61 14.20
N SER E 201 16.68 -4.29 14.72
CA SER E 201 15.35 -4.09 14.17
C SER E 201 14.22 -4.39 15.10
N ALA E 202 13.06 -3.82 14.79
CA ALA E 202 11.86 -4.15 15.52
C ALA E 202 11.35 -5.46 14.98
N ILE E 203 10.80 -6.27 15.85
CA ILE E 203 10.29 -7.55 15.44
C ILE E 203 8.78 -7.61 15.58
N THR E 204 8.14 -8.15 14.54
CA THR E 204 6.68 -8.30 14.51
C THR E 204 6.35 -9.78 14.58
N GLN E 205 5.43 -10.18 15.44
CA GLN E 205 5.14 -11.60 15.43
C GLN E 205 4.25 -11.90 14.30
N ALA E 206 4.36 -13.09 13.78
CA ALA E 206 3.44 -13.52 12.77
C ALA E 206 2.11 -13.81 13.41
N CYS E 207 0.99 -13.49 12.71
CA CYS E 207 -0.36 -13.81 13.13
C CYS E 207 -0.58 -15.32 12.95
N PRO E 208 -0.96 -16.06 14.00
CA PRO E 208 -1.08 -17.51 14.05
C PRO E 208 -2.13 -18.11 13.14
N LYS E 209 -3.06 -17.30 12.69
CA LYS E 209 -4.12 -17.80 11.82
C LYS E 209 -3.68 -17.84 10.37
N VAL E 210 -2.56 -17.22 10.08
CA VAL E 210 -2.13 -17.07 8.72
C VAL E 210 -1.32 -18.25 8.25
N SER E 211 -1.72 -18.80 7.11
CA SER E 211 -0.99 -19.93 6.57
C SER E 211 -0.08 -19.57 5.42
N PHE E 212 1.16 -19.98 5.55
CA PHE E 212 2.14 -19.70 4.53
C PHE E 212 2.46 -20.93 3.72
N GLU E 213 1.70 -22.00 3.93
CA GLU E 213 2.01 -23.20 3.20
C GLU E 213 1.97 -22.84 1.73
N PRO E 214 3.01 -23.11 0.95
CA PRO E 214 3.07 -22.78 -0.44
C PRO E 214 2.05 -23.62 -1.15
N ILE E 215 1.46 -23.07 -2.19
CA ILE E 215 0.50 -23.80 -2.99
C ILE E 215 1.02 -23.64 -4.39
N PRO E 216 0.66 -24.47 -5.34
CA PRO E 216 1.03 -24.26 -6.70
C PRO E 216 0.36 -23.00 -7.19
N ILE E 217 1.10 -22.15 -7.87
CA ILE E 217 0.59 -20.91 -8.42
C ILE E 217 0.82 -20.84 -9.91
N HIS E 218 -0.21 -20.47 -10.67
CA HIS E 218 -0.08 -20.40 -12.12
C HIS E 218 0.10 -18.96 -12.57
N TYR E 219 1.11 -18.69 -13.38
CA TYR E 219 1.28 -17.32 -13.86
C TYR E 219 0.77 -17.21 -15.28
N CYS E 220 -0.05 -16.18 -15.53
CA CYS E 220 -0.74 -15.94 -16.80
C CYS E 220 -0.33 -14.64 -17.46
N ALA E 221 -0.24 -14.69 -18.77
CA ALA E 221 0.11 -13.53 -19.56
C ALA E 221 -1.05 -12.54 -19.65
N PRO E 222 -0.77 -11.22 -19.68
CA PRO E 222 -1.71 -10.16 -19.97
C PRO E 222 -1.99 -10.14 -21.45
N ALA E 223 -3.09 -9.53 -21.85
CA ALA E 223 -3.36 -9.46 -23.28
C ALA E 223 -2.23 -8.74 -23.98
N GLY E 224 -1.89 -9.25 -25.17
CA GLY E 224 -0.84 -8.69 -25.99
C GLY E 224 0.46 -9.48 -25.85
N PHE E 225 0.47 -10.38 -24.87
CA PHE E 225 1.63 -11.20 -24.56
C PHE E 225 1.33 -12.68 -24.58
N ALA E 226 2.39 -13.45 -24.72
CA ALA E 226 2.29 -14.89 -24.72
C ALA E 226 3.49 -15.51 -24.07
N ILE E 227 3.33 -16.73 -23.59
CA ILE E 227 4.39 -17.45 -22.96
C ILE E 227 4.78 -18.61 -23.86
N LEU E 228 6.05 -18.80 -24.10
CA LEU E 228 6.46 -19.92 -24.90
C LEU E 228 7.08 -20.93 -23.97
N LYS E 229 6.91 -22.21 -24.28
CA LYS E 229 7.51 -23.24 -23.45
C LYS E 229 8.39 -24.23 -24.22
N CYS E 230 9.51 -24.64 -23.58
CA CYS E 230 10.46 -25.66 -24.07
C CYS E 230 10.20 -26.99 -23.39
N LYS E 231 9.94 -28.01 -24.20
CA LYS E 231 9.73 -29.35 -23.67
C LYS E 231 10.85 -30.29 -24.03
N ASP E 232 11.97 -29.76 -24.48
CA ASP E 232 13.08 -30.62 -24.81
C ASP E 232 13.67 -31.13 -23.51
N LYS E 233 13.55 -32.43 -23.32
CA LYS E 233 13.90 -33.15 -22.12
C LYS E 233 15.37 -33.03 -21.78
N LYS E 234 16.18 -32.80 -22.80
CA LYS E 234 17.62 -32.70 -22.60
C LYS E 234 18.12 -31.27 -22.61
N PHE E 235 17.22 -30.31 -22.62
CA PHE E 235 17.63 -28.95 -22.65
C PHE E 235 18.26 -28.52 -21.34
N ASN E 236 19.47 -27.95 -21.41
CA ASN E 236 20.30 -27.52 -20.28
C ASN E 236 20.25 -26.00 -20.02
N GLY E 237 19.31 -25.27 -20.66
CA GLY E 237 19.22 -23.81 -20.58
C GLY E 237 20.17 -23.21 -21.59
N THR E 238 20.32 -21.90 -21.49
CA THR E 238 21.17 -21.10 -22.38
C THR E 238 21.23 -21.60 -23.81
N GLY E 239 20.10 -21.66 -24.50
CA GLY E 239 20.21 -22.06 -25.88
C GLY E 239 18.91 -22.39 -26.60
N PRO E 240 19.02 -22.76 -27.88
CA PRO E 240 17.94 -23.13 -28.75
C PRO E 240 17.22 -24.36 -28.23
N CYS E 241 15.92 -24.43 -28.49
CA CYS E 241 15.01 -25.52 -28.20
C CYS E 241 14.08 -25.62 -29.39
N THR E 242 13.86 -26.84 -29.85
CA THR E 242 12.96 -27.06 -30.96
C THR E 242 11.55 -27.57 -30.55
N ASN E 243 11.41 -28.15 -29.33
CA ASN E 243 10.12 -28.66 -28.86
C ASN E 243 9.38 -27.51 -28.18
N VAL E 244 8.85 -26.61 -29.04
CA VAL E 244 8.24 -25.34 -28.64
C VAL E 244 6.75 -25.31 -28.88
N SER E 245 6.04 -24.90 -27.85
CA SER E 245 4.61 -24.77 -27.86
C SER E 245 4.20 -23.47 -27.20
N THR E 246 2.98 -23.00 -27.49
CA THR E 246 2.53 -21.78 -26.86
C THR E 246 1.90 -22.11 -25.54
N VAL E 247 1.93 -21.14 -24.64
CA VAL E 247 1.35 -21.21 -23.33
C VAL E 247 0.54 -19.97 -22.95
N GLN E 248 -0.63 -20.18 -22.36
CA GLN E 248 -1.36 -19.02 -21.83
C GLN E 248 -0.99 -18.73 -20.36
N CYS E 249 -0.87 -19.82 -19.54
CA CYS E 249 -0.57 -19.83 -18.12
C CYS E 249 0.43 -20.94 -17.88
N THR E 250 1.33 -20.73 -16.94
CA THR E 250 2.33 -21.73 -16.59
C THR E 250 1.67 -22.76 -15.74
N HIS E 251 2.40 -23.84 -15.49
CA HIS E 251 1.89 -24.87 -14.62
C HIS E 251 1.94 -24.28 -13.23
N GLY E 252 1.42 -25.01 -12.28
CA GLY E 252 1.42 -24.48 -10.95
C GLY E 252 2.76 -24.69 -10.30
N ILE E 253 3.42 -23.62 -9.95
CA ILE E 253 4.70 -23.67 -9.31
C ILE E 253 4.53 -23.43 -7.86
N LYS E 254 4.95 -24.37 -7.04
CA LYS E 254 4.82 -24.19 -5.62
C LYS E 254 6.04 -23.43 -5.11
N PRO E 255 5.89 -22.24 -4.47
CA PRO E 255 6.96 -21.38 -4.00
C PRO E 255 7.57 -21.85 -2.71
N VAL E 256 8.24 -22.97 -2.77
CA VAL E 256 8.89 -23.52 -1.59
C VAL E 256 10.19 -22.79 -1.40
N VAL E 257 10.45 -22.34 -0.18
CA VAL E 257 11.69 -21.65 0.10
C VAL E 257 12.61 -22.49 0.95
N SER E 258 13.80 -22.71 0.45
CA SER E 258 14.83 -23.50 1.10
C SER E 258 16.20 -23.07 0.60
N THR E 259 17.26 -23.52 1.27
CA THR E 259 18.61 -23.18 0.82
C THR E 259 19.36 -24.27 0.03
N GLN E 260 20.11 -25.10 0.72
CA GLN E 260 21.00 -26.06 0.07
C GLN E 260 20.33 -27.14 -0.78
N LEU E 261 19.17 -27.62 -0.37
CA LEU E 261 18.47 -28.64 -1.12
C LEU E 261 17.11 -28.09 -1.49
N LEU E 262 16.69 -28.42 -2.71
CA LEU E 262 15.44 -27.99 -3.29
C LEU E 262 14.39 -29.04 -3.08
N LEU E 263 13.32 -28.66 -2.41
CA LEU E 263 12.25 -29.57 -2.10
C LEU E 263 10.98 -29.30 -2.90
N ASN E 264 10.21 -30.38 -3.17
CA ASN E 264 8.87 -30.45 -3.76
C ASN E 264 8.73 -29.68 -5.10
N GLY E 265 9.75 -29.72 -5.99
CA GLY E 265 9.72 -29.07 -7.31
C GLY E 265 9.39 -30.09 -8.39
N SER E 266 9.60 -29.71 -9.65
CA SER E 266 9.37 -30.63 -10.73
C SER E 266 10.50 -31.60 -10.76
N LEU E 267 10.21 -32.82 -11.16
CA LEU E 267 11.25 -33.81 -11.24
C LEU E 267 11.68 -33.91 -12.70
N ALA E 268 12.97 -34.09 -12.95
CA ALA E 268 13.48 -34.17 -14.31
C ALA E 268 12.96 -35.39 -15.01
N GLU E 269 12.72 -35.26 -16.30
CA GLU E 269 12.32 -36.40 -17.08
C GLU E 269 13.57 -37.05 -17.64
N GLU E 270 13.53 -38.35 -17.86
CA GLU E 270 14.60 -39.15 -18.47
C GLU E 270 15.89 -39.32 -17.66
N GLU E 271 16.55 -38.22 -17.32
CA GLU E 271 17.81 -38.34 -16.62
C GLU E 271 18.20 -37.17 -15.73
N VAL E 272 19.09 -37.45 -14.79
CA VAL E 272 19.61 -36.36 -13.98
C VAL E 272 20.26 -35.37 -14.92
N ILE E 273 19.91 -34.11 -14.77
CA ILE E 273 20.47 -33.09 -15.63
C ILE E 273 21.06 -31.96 -14.82
N ILE E 274 22.21 -31.48 -15.26
CA ILE E 274 22.84 -30.40 -14.55
C ILE E 274 22.81 -29.14 -15.39
N ARG E 275 22.34 -28.06 -14.79
CA ARG E 275 22.26 -26.80 -15.49
C ARG E 275 23.06 -25.73 -14.76
N SER E 276 23.84 -24.99 -15.52
CA SER E 276 24.66 -23.93 -14.99
C SER E 276 25.01 -23.01 -16.13
N GLU E 277 25.56 -21.85 -15.83
CA GLU E 277 26.05 -20.98 -16.89
C GLU E 277 27.52 -20.79 -16.59
N ASN E 278 28.38 -20.56 -17.62
CA ASN E 278 29.81 -20.26 -17.45
C ASN E 278 30.48 -21.28 -16.49
N ILE E 279 30.24 -22.60 -16.74
CA ILE E 279 30.61 -23.76 -15.91
C ILE E 279 32.04 -23.89 -15.42
N THR E 280 33.00 -23.36 -16.14
CA THR E 280 34.37 -23.49 -15.71
C THR E 280 34.69 -22.47 -14.63
N ASN E 281 33.81 -21.49 -14.47
CA ASN E 281 33.97 -20.42 -13.52
C ASN E 281 33.37 -20.82 -12.19
N ASN E 282 34.20 -20.98 -11.18
CA ASN E 282 33.76 -21.48 -9.88
C ASN E 282 32.98 -20.45 -9.08
N ALA E 283 32.83 -19.26 -9.64
CA ALA E 283 32.04 -18.21 -9.04
C ALA E 283 30.55 -18.52 -9.22
N LYS E 284 30.22 -19.37 -10.18
CA LYS E 284 28.84 -19.72 -10.46
C LYS E 284 28.45 -20.95 -9.68
N ASN E 285 27.19 -21.06 -9.28
CA ASN E 285 26.81 -22.29 -8.65
C ASN E 285 26.23 -23.24 -9.70
N ILE E 286 25.89 -24.43 -9.25
CA ILE E 286 25.38 -25.48 -10.09
C ILE E 286 24.00 -25.91 -9.68
N LEU E 287 23.08 -25.94 -10.61
CA LEU E 287 21.74 -26.36 -10.28
C LEU E 287 21.51 -27.79 -10.77
N VAL E 288 21.25 -28.70 -9.86
CA VAL E 288 21.10 -30.09 -10.27
C VAL E 288 19.69 -30.55 -10.13
N GLN E 289 19.09 -31.03 -11.22
CA GLN E 289 17.72 -31.51 -11.15
C GLN E 289 17.70 -33.01 -11.28
N LEU E 290 17.15 -33.65 -10.29
CA LEU E 290 17.13 -35.09 -10.24
C LEU E 290 15.93 -35.56 -11.02
N ASN E 291 16.00 -36.79 -11.61
CA ASN E 291 14.86 -37.46 -12.29
C ASN E 291 14.14 -38.49 -11.40
N GLU E 292 14.61 -38.69 -10.14
CA GLU E 292 14.09 -39.59 -9.13
C GLU E 292 14.13 -38.77 -7.86
N SER E 293 13.07 -38.80 -7.08
CA SER E 293 13.03 -38.02 -5.86
C SER E 293 13.68 -38.76 -4.70
N VAL E 294 14.12 -38.01 -3.70
CA VAL E 294 14.64 -38.62 -2.50
C VAL E 294 13.80 -38.21 -1.31
N GLN E 295 13.33 -39.20 -0.56
CA GLN E 295 12.49 -38.88 0.57
C GLN E 295 13.26 -38.49 1.81
N ILE E 296 12.85 -37.39 2.41
CA ILE E 296 13.43 -36.92 3.65
C ILE E 296 12.36 -36.70 4.74
N ASN E 297 12.48 -37.41 5.90
CA ASN E 297 11.55 -37.38 7.02
C ASN E 297 12.08 -36.49 8.15
N CYS E 298 11.44 -35.35 8.41
CA CYS E 298 11.89 -34.37 9.42
C CYS E 298 10.95 -34.30 10.61
N THR E 299 11.53 -34.08 11.77
CA THR E 299 10.77 -33.96 12.99
C THR E 299 11.32 -33.03 14.03
N ARG E 300 10.40 -32.54 14.83
CA ARG E 300 10.61 -31.71 16.00
C ARG E 300 9.94 -32.55 17.07
N PRO E 301 10.66 -33.48 17.68
CA PRO E 301 10.17 -34.57 18.51
C PRO E 301 9.50 -34.21 19.83
N ASN E 302 9.74 -33.03 20.37
CA ASN E 302 9.16 -32.75 21.67
C ASN E 302 7.76 -32.19 21.65
N ASN E 303 7.05 -32.45 22.75
CA ASN E 303 5.66 -31.99 23.02
C ASN E 303 5.72 -30.58 23.61
N ASN E 304 5.34 -29.60 22.81
CA ASN E 304 5.36 -28.18 23.16
C ASN E 304 3.99 -27.65 23.56
N THR E 305 3.90 -27.16 24.78
CA THR E 305 2.64 -26.64 25.27
C THR E 305 2.69 -25.14 25.17
N VAL E 306 1.99 -24.63 24.19
CA VAL E 306 1.98 -23.22 23.89
C VAL E 306 1.03 -22.49 24.78
N LYS E 307 1.50 -21.38 25.30
CA LYS E 307 0.71 -20.56 26.19
C LYS E 307 0.60 -19.17 25.60
N SER E 308 -0.44 -18.45 25.97
CA SER E 308 -0.56 -17.11 25.48
C SER E 308 -1.10 -16.20 26.53
N ILE E 309 -0.65 -14.97 26.44
CA ILE E 309 -1.04 -13.91 27.34
C ILE E 309 -1.36 -12.64 26.61
N ARG E 310 -2.10 -11.78 27.25
CA ARG E 310 -2.38 -10.51 26.64
C ARG E 310 -1.23 -9.57 26.89
N ILE E 311 -0.92 -8.76 25.88
CA ILE E 311 0.17 -7.79 25.95
C ILE E 311 -0.30 -6.35 25.92
N GLY E 312 -1.49 -6.13 25.40
CA GLY E 312 -1.99 -4.77 25.31
C GLY E 312 -3.38 -4.81 24.73
N PRO E 313 -4.04 -3.68 24.57
CA PRO E 313 -5.39 -3.61 24.07
C PRO E 313 -5.48 -4.32 22.76
N GLY E 314 -6.34 -5.32 22.70
CA GLY E 314 -6.59 -6.08 21.49
C GLY E 314 -5.45 -7.00 21.06
N GLN E 315 -4.46 -7.19 21.90
CA GLN E 315 -3.30 -7.93 21.43
C GLN E 315 -2.83 -9.04 22.34
N TRP E 316 -2.54 -10.16 21.69
CA TRP E 316 -2.00 -11.36 22.31
C TRP E 316 -0.60 -11.65 21.89
N PHE E 317 0.15 -12.18 22.84
CA PHE E 317 1.49 -12.68 22.64
C PHE E 317 1.58 -14.18 22.86
N TYR E 318 2.29 -14.88 21.98
CA TYR E 318 2.40 -16.32 22.11
C TYR E 318 3.80 -16.78 22.44
N TYR E 319 3.89 -17.77 23.31
CA TYR E 319 5.17 -18.30 23.71
C TYR E 319 5.14 -19.79 24.03
N THR E 320 6.32 -20.35 24.23
CA THR E 320 6.55 -21.78 24.37
C THR E 320 6.00 -22.50 25.56
N GLY E 321 5.71 -21.81 26.63
CA GLY E 321 5.15 -22.53 27.75
C GLY E 321 6.07 -23.61 28.30
N ASP E 322 5.52 -24.83 28.34
CA ASP E 322 6.20 -26.02 28.89
C ASP E 322 6.58 -27.05 27.82
N ILE E 323 7.58 -27.89 28.11
CA ILE E 323 7.89 -28.97 27.18
C ILE E 323 7.84 -30.32 27.88
N ILE E 324 7.14 -31.26 27.30
CA ILE E 324 7.03 -32.59 27.86
C ILE E 324 7.77 -33.67 27.05
N GLY E 325 8.52 -34.49 27.81
CA GLY E 325 9.30 -35.62 27.29
C GLY E 325 10.77 -35.30 27.23
N ASP E 326 11.62 -36.32 27.09
CA ASP E 326 13.04 -36.03 27.01
C ASP E 326 13.25 -35.13 25.82
N ILE E 327 13.99 -34.08 26.03
CA ILE E 327 14.22 -33.06 25.05
C ILE E 327 15.40 -33.31 24.19
N ARG E 328 15.11 -33.29 22.91
CA ARG E 328 16.05 -33.56 21.85
C ARG E 328 15.98 -32.52 20.78
N GLN E 329 17.02 -32.46 19.99
CA GLN E 329 17.09 -31.54 18.88
C GLN E 329 16.21 -32.06 17.78
N ALA E 330 16.12 -31.33 16.68
CA ALA E 330 15.28 -31.77 15.59
C ALA E 330 16.11 -32.66 14.70
N HIS E 331 15.45 -33.51 13.93
CA HIS E 331 16.17 -34.42 13.07
C HIS E 331 15.55 -34.59 11.70
N CYS E 332 16.38 -34.92 10.67
CA CYS E 332 15.91 -35.32 9.33
C CYS E 332 16.61 -36.59 8.85
N ASN E 333 15.79 -37.53 8.36
CA ASN E 333 16.28 -38.87 7.92
C ASN E 333 16.23 -38.98 6.39
N VAL E 334 17.30 -39.51 5.81
CA VAL E 334 17.41 -39.92 4.37
C VAL E 334 18.08 -41.29 4.22
N SER E 335 17.50 -42.22 3.47
CA SER E 335 18.12 -43.54 3.31
C SER E 335 19.54 -43.38 2.83
N LYS E 336 20.50 -44.13 3.40
CA LYS E 336 21.84 -43.85 2.95
C LYS E 336 22.08 -44.44 1.60
N ALA E 337 21.38 -45.52 1.30
CA ALA E 337 21.56 -46.14 0.02
C ALA E 337 20.97 -45.27 -1.05
N THR E 338 19.81 -44.67 -0.75
CA THR E 338 19.18 -43.84 -1.74
C THR E 338 20.06 -42.66 -2.02
N TRP E 339 20.57 -42.06 -0.96
CA TRP E 339 21.42 -40.92 -1.13
C TRP E 339 22.65 -41.25 -1.97
N ASN E 340 23.33 -42.39 -1.69
CA ASN E 340 24.54 -42.82 -2.41
C ASN E 340 24.26 -43.09 -3.89
N GLU E 341 23.09 -43.71 -4.23
CA GLU E 341 22.71 -43.98 -5.62
C GLU E 341 22.45 -42.69 -6.36
N THR E 342 21.78 -41.78 -5.67
CA THR E 342 21.45 -40.51 -6.25
C THR E 342 22.71 -39.75 -6.52
N LEU E 343 23.61 -39.77 -5.56
CA LEU E 343 24.83 -39.04 -5.71
C LEU E 343 25.65 -39.62 -6.82
N GLY E 344 25.71 -40.95 -6.93
CA GLY E 344 26.51 -41.52 -7.98
C GLY E 344 26.00 -41.07 -9.35
N LYS E 345 24.68 -40.94 -9.50
CA LYS E 345 24.09 -40.52 -10.75
C LYS E 345 24.52 -39.09 -11.08
N VAL E 346 24.57 -38.26 -10.06
CA VAL E 346 25.00 -36.88 -10.22
C VAL E 346 26.45 -36.85 -10.63
N VAL E 347 27.25 -37.70 -10.00
CA VAL E 347 28.65 -37.77 -10.30
C VAL E 347 28.86 -38.16 -11.74
N LYS E 348 28.11 -39.12 -12.25
CA LYS E 348 28.29 -39.48 -13.65
C LYS E 348 28.02 -38.31 -14.57
N GLN E 349 26.99 -37.51 -14.28
CA GLN E 349 26.72 -36.39 -15.14
C GLN E 349 27.79 -35.32 -15.05
N LEU E 350 28.30 -35.06 -13.86
CA LEU E 350 29.30 -34.04 -13.85
C LEU E 350 30.58 -34.61 -14.46
N ARG E 351 30.81 -35.91 -14.32
CA ARG E 351 31.99 -36.51 -14.90
C ARG E 351 32.04 -36.25 -16.39
N LYS E 352 30.91 -36.37 -17.09
CA LYS E 352 31.05 -36.08 -18.52
C LYS E 352 31.44 -34.62 -18.74
N HIS E 353 31.09 -33.73 -17.82
CA HIS E 353 31.47 -32.33 -17.96
C HIS E 353 32.90 -32.03 -17.52
N PHE E 354 33.46 -32.83 -16.60
CA PHE E 354 34.80 -32.54 -16.10
C PHE E 354 35.91 -33.47 -16.59
N GLY E 355 35.57 -34.62 -17.14
CA GLY E 355 36.54 -35.57 -17.68
C GLY E 355 36.38 -37.02 -17.15
N ASN E 356 36.73 -37.99 -18.02
CA ASN E 356 36.63 -39.44 -17.77
C ASN E 356 37.50 -39.93 -16.60
N ASN E 357 38.67 -39.29 -16.39
CA ASN E 357 39.68 -39.65 -15.40
C ASN E 357 39.62 -38.85 -14.13
N THR E 358 38.53 -38.15 -13.90
CA THR E 358 38.45 -37.39 -12.70
C THR E 358 38.06 -38.19 -11.50
N ILE E 359 38.24 -37.56 -10.37
CA ILE E 359 37.80 -38.04 -9.09
C ILE E 359 36.88 -37.02 -8.54
N ILE E 360 35.71 -37.45 -8.13
CA ILE E 360 34.81 -36.45 -7.63
C ILE E 360 34.68 -36.52 -6.14
N ARG E 361 35.18 -35.49 -5.50
CA ARG E 361 35.20 -35.44 -4.08
C ARG E 361 34.16 -34.51 -3.55
N PHE E 362 33.50 -34.93 -2.51
CA PHE E 362 32.53 -34.08 -1.88
C PHE E 362 33.08 -33.67 -0.55
N ALA E 363 32.69 -32.49 -0.15
CA ALA E 363 33.11 -31.92 1.10
C ALA E 363 31.97 -31.07 1.60
N ASN E 364 31.96 -30.75 2.91
CA ASN E 364 30.94 -29.90 3.52
C ASN E 364 31.26 -28.42 3.22
N SER E 365 30.33 -27.52 3.58
CA SER E 365 30.41 -26.08 3.31
C SER E 365 31.38 -25.28 4.16
N SER E 366 31.64 -24.07 3.70
CA SER E 366 32.48 -23.12 4.38
C SER E 366 31.68 -22.53 5.52
N GLY E 367 32.34 -21.84 6.45
CA GLY E 367 31.61 -21.28 7.57
C GLY E 367 30.82 -20.03 7.18
N GLY E 368 29.98 -19.57 8.10
CA GLY E 368 29.14 -18.42 7.85
C GLY E 368 27.83 -18.58 8.62
N ASP E 369 26.85 -17.76 8.29
CA ASP E 369 25.56 -17.79 8.95
C ASP E 369 24.82 -19.07 8.65
N LEU E 370 23.90 -19.47 9.53
CA LEU E 370 23.15 -20.69 9.32
C LEU E 370 22.37 -20.66 8.02
N GLU E 371 21.94 -19.48 7.57
CA GLU E 371 21.18 -19.42 6.34
C GLU E 371 22.03 -19.82 5.14
N VAL E 372 23.34 -19.89 5.33
CA VAL E 372 24.29 -20.25 4.33
C VAL E 372 24.80 -21.67 4.56
N THR E 373 25.16 -21.97 5.80
CA THR E 373 25.83 -23.21 6.11
C THR E 373 24.96 -24.40 6.37
N THR E 374 23.68 -24.20 6.68
CA THR E 374 22.82 -25.33 6.95
C THR E 374 21.65 -25.42 6.01
N HIS E 375 20.98 -26.54 6.07
CA HIS E 375 19.83 -26.63 5.23
C HIS E 375 18.71 -26.00 5.97
N SER E 376 18.41 -24.81 5.51
CA SER E 376 17.38 -23.97 6.06
C SER E 376 16.09 -24.17 5.31
N PHE E 377 15.05 -24.51 6.05
CA PHE E 377 13.71 -24.73 5.51
C PHE E 377 12.63 -24.64 6.56
N ASN E 378 11.39 -24.49 6.11
CA ASN E 378 10.27 -24.49 7.04
C ASN E 378 9.50 -25.84 6.97
N CYS E 379 9.30 -26.49 8.15
CA CYS E 379 8.63 -27.79 8.35
C CYS E 379 7.59 -27.68 9.45
N GLY E 380 6.33 -27.77 9.06
CA GLY E 380 5.23 -27.73 10.01
C GLY E 380 4.96 -26.33 10.50
N GLY E 381 5.65 -25.38 9.91
CA GLY E 381 5.57 -23.99 10.28
C GLY E 381 6.81 -23.58 11.09
N GLU E 382 7.62 -24.54 11.54
CA GLU E 382 8.82 -24.19 12.30
C GLU E 382 10.03 -24.05 11.37
N PHE E 383 11.02 -23.28 11.80
CA PHE E 383 12.23 -23.10 11.00
C PHE E 383 13.42 -23.92 11.45
N PHE E 384 13.82 -24.80 10.55
CA PHE E 384 14.89 -25.78 10.72
C PHE E 384 16.18 -25.39 10.06
N TYR E 385 17.27 -25.70 10.74
CA TYR E 385 18.65 -25.50 10.29
C TYR E 385 19.50 -26.77 10.44
N CYS E 386 19.45 -27.67 9.42
CA CYS E 386 20.03 -29.01 9.48
C CYS E 386 21.49 -29.07 9.06
N ASN E 387 22.26 -29.85 9.80
CA ASN E 387 23.67 -30.05 9.52
C ASN E 387 23.81 -31.14 8.45
N THR E 388 24.14 -30.72 7.22
CA THR E 388 24.24 -31.50 6.00
C THR E 388 25.62 -32.01 5.73
N SER E 389 26.56 -31.83 6.66
CA SER E 389 27.91 -32.30 6.37
C SER E 389 27.95 -33.81 6.16
N GLY E 390 27.00 -34.53 6.76
CA GLY E 390 26.93 -35.98 6.66
C GLY E 390 26.51 -36.45 5.29
N LEU E 391 26.03 -35.55 4.45
CA LEU E 391 25.60 -35.92 3.12
C LEU E 391 26.73 -35.78 2.11
N PHE E 392 27.81 -35.12 2.51
CA PHE E 392 28.93 -34.84 1.61
C PHE E 392 30.26 -35.52 1.89
N ASN E 393 30.35 -36.39 2.93
CA ASN E 393 31.60 -37.00 3.38
C ASN E 393 31.95 -38.27 2.55
N SER E 394 32.23 -38.09 1.23
CA SER E 394 32.61 -39.20 0.30
C SER E 394 33.39 -38.76 -0.93
N THR E 395 34.14 -39.72 -1.50
CA THR E 395 34.86 -39.50 -2.74
C THR E 395 34.54 -40.60 -3.74
N TRP E 396 34.24 -40.21 -4.95
CA TRP E 396 33.87 -41.11 -6.02
C TRP E 396 34.97 -41.35 -7.05
N ILE E 397 35.47 -42.58 -7.08
CA ILE E 397 36.57 -42.93 -7.98
C ILE E 397 36.15 -44.05 -8.94
N SER E 398 36.37 -43.82 -10.26
CA SER E 398 36.06 -44.76 -11.35
C SER E 398 37.18 -45.80 -11.46
N SER E 410 17.72 -51.55 7.59
CA SER E 410 17.84 -51.78 6.15
C SER E 410 18.42 -50.53 5.46
N ASN E 411 17.72 -49.38 5.59
CA ASN E 411 18.09 -48.09 5.01
C ASN E 411 19.20 -47.39 5.76
N ASP E 412 19.27 -47.63 7.08
CA ASP E 412 20.31 -47.02 7.91
C ASP E 412 20.36 -45.54 7.58
N SER E 413 19.22 -44.88 7.66
CA SER E 413 19.11 -43.52 7.22
C SER E 413 20.08 -42.61 7.90
N ILE E 414 20.60 -41.71 7.10
CA ILE E 414 21.53 -40.72 7.54
C ILE E 414 20.68 -39.77 8.29
N THR E 415 21.04 -39.46 9.51
CA THR E 415 20.19 -38.55 10.23
C THR E 415 20.94 -37.29 10.53
N LEU E 416 20.37 -36.18 10.14
CA LEU E 416 21.01 -34.92 10.36
C LEU E 416 20.37 -34.29 11.58
N PRO E 417 21.12 -33.74 12.54
CA PRO E 417 20.60 -32.99 13.66
C PRO E 417 20.20 -31.67 13.05
N CYS E 418 19.17 -30.99 13.60
CA CYS E 418 18.69 -29.70 13.12
C CYS E 418 18.38 -28.73 14.27
N ARG E 419 18.81 -27.49 14.11
CA ARG E 419 18.51 -26.47 15.09
C ARG E 419 17.22 -25.75 14.73
N ILE E 420 16.55 -25.20 15.73
CA ILE E 420 15.31 -24.46 15.54
C ILE E 420 15.45 -23.02 15.99
N LYS E 421 14.92 -22.08 15.22
CA LYS E 421 14.99 -20.67 15.65
C LYS E 421 13.60 -20.04 15.78
N GLN E 422 13.44 -19.10 16.70
CA GLN E 422 12.20 -18.35 16.79
C GLN E 422 12.33 -16.96 16.12
N ILE E 423 13.54 -16.42 16.02
CA ILE E 423 13.72 -15.11 15.39
C ILE E 423 14.29 -15.27 14.01
N ILE E 424 13.48 -14.90 13.06
CA ILE E 424 13.75 -15.13 11.68
C ILE E 424 13.97 -13.86 10.87
N ASN E 425 15.11 -13.79 10.16
CA ASN E 425 15.28 -12.65 9.27
C ASN E 425 14.67 -13.18 8.01
N MET E 426 14.58 -12.42 6.94
CA MET E 426 13.93 -13.08 5.83
C MET E 426 14.53 -12.66 4.52
N TRP E 427 14.58 -13.57 3.57
CA TRP E 427 15.04 -13.32 2.21
C TRP E 427 16.43 -12.77 2.12
N GLN E 428 17.29 -13.11 3.07
CA GLN E 428 18.65 -12.61 3.11
C GLN E 428 18.67 -11.08 3.20
N ARG E 429 17.59 -10.51 3.75
CA ARG E 429 17.42 -9.11 3.97
C ARG E 429 17.47 -8.87 5.45
N ILE E 430 18.01 -7.74 5.87
CA ILE E 430 18.07 -7.41 7.27
C ILE E 430 17.46 -6.06 7.56
N GLY E 431 17.20 -5.79 8.84
CA GLY E 431 16.63 -4.53 9.30
C GLY E 431 15.15 -4.70 9.63
N GLN E 432 14.64 -5.89 9.41
CA GLN E 432 13.28 -6.30 9.66
C GLN E 432 13.41 -7.59 10.41
N ALA E 433 12.42 -7.97 11.19
CA ALA E 433 12.49 -9.28 11.80
C ALA E 433 11.11 -9.82 12.05
N MET E 434 11.02 -11.13 12.01
CA MET E 434 9.77 -11.79 12.30
C MET E 434 9.90 -12.73 13.45
N TYR E 435 8.89 -12.75 14.30
CA TYR E 435 8.88 -13.71 15.37
C TYR E 435 7.95 -14.83 15.02
N ALA E 436 8.48 -16.01 15.08
CA ALA E 436 7.71 -17.17 14.78
C ALA E 436 7.17 -17.74 16.08
N PRO E 437 5.87 -17.69 16.35
CA PRO E 437 5.32 -18.18 17.56
C PRO E 437 5.47 -19.66 17.44
N PRO E 438 5.58 -20.38 18.55
CA PRO E 438 5.71 -21.81 18.62
C PRO E 438 4.44 -22.52 18.26
N ILE E 439 4.60 -23.73 17.78
CA ILE E 439 3.47 -24.59 17.47
C ILE E 439 3.31 -25.72 18.46
N GLN E 440 2.09 -25.82 18.98
CA GLN E 440 1.72 -26.80 19.97
C GLN E 440 1.83 -28.24 19.50
N GLY E 441 2.31 -29.10 20.39
CA GLY E 441 2.44 -30.52 20.11
C GLY E 441 3.77 -30.88 19.50
N VAL E 442 3.76 -31.92 18.68
CA VAL E 442 4.95 -32.52 18.08
C VAL E 442 4.85 -32.41 16.57
N ILE E 443 5.93 -32.02 15.91
CA ILE E 443 5.89 -31.83 14.47
C ILE E 443 6.63 -32.82 13.62
N ARG E 444 5.94 -33.28 12.59
CA ARG E 444 6.55 -34.14 11.59
C ARG E 444 6.14 -33.67 10.21
N CYS E 445 7.02 -33.86 9.20
CA CYS E 445 6.72 -33.64 7.79
C CYS E 445 7.59 -34.56 6.97
N VAL E 446 7.15 -34.82 5.75
CA VAL E 446 7.94 -35.59 4.81
C VAL E 446 8.02 -34.83 3.53
N SER E 447 9.22 -34.61 3.05
CA SER E 447 9.41 -33.86 1.82
C SER E 447 10.16 -34.67 0.76
N ASN E 448 10.02 -34.22 -0.50
CA ASN E 448 10.69 -34.78 -1.67
C ASN E 448 11.84 -33.89 -2.13
N ILE E 449 13.08 -34.42 -2.14
CA ILE E 449 14.25 -33.70 -2.64
C ILE E 449 14.21 -33.88 -4.14
N THR E 450 14.10 -32.77 -4.85
CA THR E 450 13.97 -32.79 -6.29
C THR E 450 15.20 -32.21 -6.97
N GLY E 451 16.01 -31.50 -6.20
CA GLY E 451 17.21 -30.94 -6.78
C GLY E 451 18.13 -30.40 -5.72
N LEU E 452 19.33 -30.08 -6.15
CA LEU E 452 20.37 -29.60 -5.26
C LEU E 452 21.08 -28.35 -5.74
N ILE E 453 21.60 -27.55 -4.82
CA ILE E 453 22.47 -26.46 -5.25
C ILE E 453 23.86 -26.76 -4.77
N LEU E 454 24.80 -26.80 -5.70
CA LEU E 454 26.20 -27.09 -5.39
C LEU E 454 27.19 -26.10 -5.93
N THR E 455 28.33 -26.01 -5.29
CA THR E 455 29.42 -25.24 -5.84
C THR E 455 30.65 -26.09 -5.96
N ARG E 456 31.56 -25.64 -6.80
CA ARG E 456 32.82 -26.32 -7.02
C ARG E 456 33.89 -25.42 -6.49
N ASP E 457 34.92 -25.98 -5.87
CA ASP E 457 35.95 -25.09 -5.32
C ASP E 457 36.69 -24.30 -6.37
N GLY E 458 36.94 -24.94 -7.50
CA GLY E 458 37.70 -24.33 -8.57
C GLY E 458 39.18 -24.35 -8.26
N GLY E 459 39.92 -23.50 -8.95
CA GLY E 459 41.37 -23.46 -8.82
C GLY E 459 42.00 -24.39 -9.85
N SER E 460 43.32 -24.37 -9.93
CA SER E 460 44.01 -25.23 -10.88
C SER E 460 45.14 -25.93 -10.21
N THR E 461 44.98 -27.23 -10.06
CA THR E 461 45.94 -28.08 -9.41
C THR E 461 46.27 -29.13 -10.41
N ASN E 462 45.30 -29.28 -11.30
CA ASN E 462 45.26 -30.29 -12.34
C ASN E 462 45.45 -31.68 -11.74
N SER E 463 44.87 -31.90 -10.57
CA SER E 463 44.98 -33.16 -9.85
C SER E 463 43.98 -34.18 -10.33
N THR E 464 43.05 -33.71 -11.16
CA THR E 464 41.90 -34.42 -11.73
C THR E 464 40.81 -34.62 -10.69
N THR E 465 41.06 -34.22 -9.45
CA THR E 465 40.06 -34.32 -8.43
C THR E 465 39.39 -32.98 -8.28
N GLU E 466 38.08 -32.99 -8.45
CA GLU E 466 37.28 -31.79 -8.31
C GLU E 466 36.59 -31.87 -6.98
N THR E 467 36.41 -30.74 -6.32
CA THR E 467 35.71 -30.76 -5.04
C THR E 467 34.43 -29.99 -5.08
N PHE E 468 33.37 -30.63 -4.63
CA PHE E 468 32.07 -30.03 -4.59
C PHE E 468 31.55 -29.94 -3.18
N ARG E 469 30.84 -28.85 -2.91
CA ARG E 469 30.30 -28.54 -1.59
C ARG E 469 28.85 -28.10 -1.71
N PRO E 470 28.06 -28.12 -0.62
CA PRO E 470 26.72 -27.60 -0.63
C PRO E 470 26.90 -26.21 -1.11
N GLY E 471 26.08 -25.79 -2.04
CA GLY E 471 26.26 -24.47 -2.55
C GLY E 471 25.38 -23.49 -1.83
N GLY E 472 25.73 -22.23 -1.92
CA GLY E 472 24.87 -21.19 -1.40
C GLY E 472 24.15 -20.68 -2.63
N GLY E 473 23.31 -19.68 -2.45
CA GLY E 473 22.57 -19.14 -3.58
C GLY E 473 21.46 -18.24 -3.10
N ASP E 474 20.73 -17.72 -4.06
CA ASP E 474 19.62 -16.83 -3.85
C ASP E 474 18.34 -17.63 -3.93
N MET E 475 17.26 -17.11 -3.40
CA MET E 475 15.96 -17.76 -3.47
C MET E 475 15.53 -17.76 -4.93
N ARG E 476 16.06 -16.79 -5.66
CA ARG E 476 15.83 -16.66 -7.07
C ARG E 476 16.35 -17.86 -7.81
N ASP E 477 17.30 -18.58 -7.26
CA ASP E 477 17.87 -19.67 -7.97
C ASP E 477 17.02 -20.91 -7.79
N ASN E 478 16.05 -20.87 -6.88
CA ASN E 478 15.21 -22.00 -6.68
C ASN E 478 14.13 -21.88 -7.73
N TRP E 479 13.64 -20.67 -7.87
CA TRP E 479 12.56 -20.39 -8.80
C TRP E 479 13.06 -20.49 -10.21
N ARG E 480 14.35 -20.23 -10.38
CA ARG E 480 14.98 -20.33 -11.65
C ARG E 480 14.82 -21.70 -12.21
N SER E 481 14.79 -22.72 -11.36
CA SER E 481 14.70 -24.04 -11.89
C SER E 481 13.36 -24.25 -12.56
N GLU E 482 12.27 -23.92 -11.91
CA GLU E 482 10.97 -24.21 -12.51
C GLU E 482 10.77 -23.40 -13.76
N LEU E 483 11.29 -22.19 -13.74
CA LEU E 483 11.09 -21.28 -14.83
C LEU E 483 12.00 -21.51 -16.01
N TYR E 484 12.88 -22.51 -15.97
CA TYR E 484 13.74 -22.71 -17.13
C TYR E 484 12.89 -23.02 -18.33
N LYS E 485 11.69 -23.54 -18.09
CA LYS E 485 10.80 -23.97 -19.14
C LYS E 485 10.08 -22.84 -19.86
N TYR E 486 10.06 -21.63 -19.30
CA TYR E 486 9.20 -20.62 -19.92
C TYR E 486 9.87 -19.32 -20.35
N LYS E 487 9.37 -18.74 -21.43
CA LYS E 487 9.83 -17.44 -21.92
C LYS E 487 8.68 -16.50 -22.24
N VAL E 488 8.83 -15.20 -21.98
CA VAL E 488 7.78 -14.24 -22.34
C VAL E 488 8.10 -13.42 -23.56
N VAL E 489 7.14 -13.37 -24.48
CA VAL E 489 7.29 -12.60 -25.71
C VAL E 489 6.08 -11.68 -25.89
N LYS E 490 6.26 -10.63 -26.69
CA LYS E 490 5.20 -9.71 -27.05
C LYS E 490 4.74 -9.96 -28.46
N ILE E 491 3.45 -9.85 -28.66
CA ILE E 491 2.88 -10.08 -29.97
C ILE E 491 2.93 -8.84 -30.80
N GLU E 492 3.43 -8.98 -32.03
CA GLU E 492 3.58 -7.87 -32.94
C GLU E 492 2.84 -8.14 -34.26
N PRO E 493 1.53 -7.88 -34.33
CA PRO E 493 0.63 -8.26 -35.40
C PRO E 493 0.78 -7.48 -36.71
N LEU E 494 1.54 -6.40 -36.71
CA LEU E 494 1.61 -5.59 -37.91
C LEU E 494 2.92 -5.78 -38.66
N GLY E 495 2.83 -5.92 -39.99
CA GLY E 495 4.03 -6.03 -40.81
C GLY E 495 3.78 -5.89 -42.32
N VAL E 496 4.85 -5.91 -43.10
CA VAL E 496 4.75 -5.72 -44.54
C VAL E 496 5.49 -6.80 -45.31
N ALA E 497 5.18 -6.89 -46.60
CA ALA E 497 5.79 -7.84 -47.53
C ALA E 497 5.68 -7.28 -48.97
N PRO E 498 6.47 -7.75 -49.97
CA PRO E 498 6.35 -7.41 -51.38
C PRO E 498 5.16 -8.06 -52.05
N THR E 499 4.67 -7.44 -53.10
CA THR E 499 3.57 -7.99 -53.91
C THR E 499 3.53 -7.55 -55.36
N ARG E 500 2.92 -8.37 -56.21
CA ARG E 500 2.72 -7.94 -57.61
C ARG E 500 1.56 -6.96 -57.84
N CYS E 501 0.67 -6.75 -56.84
CA CYS E 501 -0.46 -5.84 -56.93
C CYS E 501 -0.03 -4.42 -56.61
N LYS E 502 -0.84 -3.49 -57.05
CA LYS E 502 -0.67 -2.11 -56.67
C LYS E 502 -2.04 -1.67 -56.25
N ARG E 503 -2.13 -0.75 -55.31
CA ARG E 503 -3.44 -0.29 -54.91
C ARG E 503 -4.17 0.18 -56.12
N ARG E 504 -5.45 -0.16 -56.23
CA ARG E 504 -6.15 0.33 -57.38
C ARG E 504 -6.44 1.80 -57.14
N VAL E 505 -6.10 2.63 -58.10
CA VAL E 505 -6.33 4.06 -57.96
C VAL E 505 -7.35 4.50 -59.00
N VAL E 506 -8.44 5.16 -58.54
CA VAL E 506 -9.55 5.64 -59.36
C VAL E 506 -9.77 7.11 -58.96
N LEU F 1 -5.67 -24.53 -35.76
CA LEU F 1 -4.44 -23.77 -35.52
C LEU F 1 -4.46 -23.09 -34.14
N GLY F 2 -5.41 -22.15 -33.90
CA GLY F 2 -5.53 -21.37 -32.67
C GLY F 2 -4.60 -20.17 -32.70
N PHE F 3 -4.46 -19.48 -31.59
CA PHE F 3 -3.65 -18.28 -31.57
C PHE F 3 -2.21 -18.69 -31.74
N LEU F 4 -1.55 -18.08 -32.71
CA LEU F 4 -0.18 -18.37 -33.12
C LEU F 4 0.02 -19.77 -33.64
N GLY F 5 -1.04 -20.48 -33.98
CA GLY F 5 -0.88 -21.81 -34.55
C GLY F 5 -0.11 -21.72 -35.85
N ALA F 6 -0.29 -20.60 -36.54
CA ALA F 6 0.33 -20.29 -37.81
C ALA F 6 1.72 -19.70 -37.67
N ALA F 7 2.22 -19.53 -36.47
CA ALA F 7 3.51 -18.88 -36.31
C ALA F 7 4.63 -19.60 -37.07
N GLY F 8 4.58 -20.92 -37.16
CA GLY F 8 5.63 -21.65 -37.87
C GLY F 8 5.34 -21.77 -39.37
N SER F 9 4.20 -21.25 -39.81
CA SER F 9 3.78 -21.33 -41.20
C SER F 9 4.46 -20.28 -42.05
N THR F 10 4.51 -20.56 -43.34
CA THR F 10 5.08 -19.62 -44.26
C THR F 10 4.12 -18.50 -44.50
N MET F 11 4.64 -17.47 -45.11
CA MET F 11 3.86 -16.27 -45.28
C MET F 11 2.54 -16.45 -45.99
N GLY F 12 2.53 -17.20 -47.10
CA GLY F 12 1.30 -17.45 -47.82
C GLY F 12 0.47 -18.46 -47.07
N ALA F 13 1.14 -19.40 -46.42
CA ALA F 13 0.48 -20.48 -45.69
C ALA F 13 -0.35 -19.92 -44.55
N ALA F 14 0.10 -18.80 -43.99
CA ALA F 14 -0.54 -18.12 -42.88
C ALA F 14 -1.69 -17.22 -43.35
N SER F 15 -1.96 -17.19 -44.63
CA SER F 15 -3.06 -16.39 -45.10
C SER F 15 -4.29 -16.94 -44.42
N MET F 16 -5.22 -16.05 -44.06
CA MET F 16 -6.47 -16.37 -43.36
C MET F 16 -6.31 -16.75 -41.89
N THR F 17 -5.14 -16.51 -41.30
CA THR F 17 -5.03 -16.76 -39.87
C THR F 17 -4.97 -15.41 -39.16
N LEU F 18 -5.07 -14.36 -39.96
CA LEU F 18 -4.93 -12.99 -39.49
C LEU F 18 -6.03 -12.66 -38.48
N THR F 19 -7.18 -13.26 -38.71
CA THR F 19 -8.33 -13.07 -37.88
C THR F 19 -8.15 -13.60 -36.45
N VAL F 20 -7.40 -14.68 -36.24
CA VAL F 20 -7.30 -15.17 -34.88
C VAL F 20 -6.36 -14.28 -34.15
N GLN F 21 -5.34 -13.84 -34.84
CA GLN F 21 -4.38 -13.03 -34.16
C GLN F 21 -5.02 -11.73 -33.73
N ALA F 22 -5.89 -11.17 -34.57
CA ALA F 22 -6.53 -9.91 -34.21
C ALA F 22 -7.50 -10.06 -33.04
N ARG F 23 -8.26 -11.16 -33.00
CA ARG F 23 -9.24 -11.36 -31.95
C ARG F 23 -8.63 -11.44 -30.56
N ASN F 24 -7.44 -11.98 -30.48
CA ASN F 24 -6.84 -12.19 -29.18
C ASN F 24 -6.02 -11.04 -28.64
N LEU F 25 -6.06 -9.88 -29.30
CA LEU F 25 -5.32 -8.75 -28.78
C LEU F 25 -6.06 -8.04 -27.65
N LEU F 26 -7.38 -8.12 -27.63
CA LEU F 26 -8.13 -7.46 -26.59
C LEU F 26 -8.84 -8.50 -25.76
N SER F 27 -8.90 -8.31 -24.45
CA SER F 27 -9.65 -9.25 -23.64
C SER F 27 -10.13 -8.66 -22.33
N CYS F 42 -12.13 -11.76 -3.34
CA CYS F 42 -11.01 -11.55 -4.23
C CYS F 42 -10.89 -10.08 -4.59
N GLN F 43 -12.01 -9.50 -4.97
CA GLN F 43 -12.01 -8.13 -5.46
C GLN F 43 -11.51 -7.14 -4.41
N GLN F 44 -11.79 -7.44 -3.16
CA GLN F 44 -11.34 -6.59 -2.07
C GLN F 44 -9.83 -6.61 -1.90
N HIS F 45 -9.16 -7.69 -2.31
CA HIS F 45 -7.71 -7.80 -2.21
C HIS F 45 -7.12 -7.01 -3.34
N LEU F 46 -7.77 -7.12 -4.49
CA LEU F 46 -7.28 -6.47 -5.68
C LEU F 46 -7.28 -4.96 -5.42
N LEU F 47 -8.26 -4.46 -4.66
CA LEU F 47 -8.31 -3.04 -4.29
C LEU F 47 -7.41 -2.69 -3.09
N LYS F 48 -7.40 -3.49 -2.02
CA LYS F 48 -6.59 -3.13 -0.85
C LYS F 48 -5.10 -3.13 -1.13
N ASP F 49 -4.62 -4.07 -1.92
CA ASP F 49 -3.22 -4.08 -2.19
C ASP F 49 -3.00 -3.09 -3.30
N THR F 50 -2.67 -1.89 -2.90
CA THR F 50 -2.55 -0.77 -3.79
C THR F 50 -1.49 -0.98 -4.84
N HIS F 51 -0.34 -1.52 -4.47
CA HIS F 51 0.68 -1.67 -5.49
C HIS F 51 0.25 -2.71 -6.47
N TRP F 52 -0.38 -3.78 -6.00
CA TRP F 52 -0.88 -4.78 -6.91
C TRP F 52 -1.86 -4.20 -7.89
N GLY F 53 -2.85 -3.47 -7.38
CA GLY F 53 -3.89 -2.92 -8.20
C GLY F 53 -3.34 -1.97 -9.24
N ILE F 54 -2.34 -1.17 -8.86
CA ILE F 54 -1.78 -0.24 -9.82
C ILE F 54 -1.09 -0.99 -10.90
N LYS F 55 -0.27 -1.98 -10.55
CA LYS F 55 0.43 -2.69 -11.60
C LYS F 55 -0.51 -3.33 -12.58
N GLN F 56 -1.60 -3.92 -12.09
CA GLN F 56 -2.48 -4.59 -13.02
C GLN F 56 -3.26 -3.62 -13.86
N LEU F 57 -3.63 -2.48 -13.30
CA LEU F 57 -4.37 -1.55 -14.09
C LEU F 57 -3.47 -0.97 -15.15
N GLN F 58 -2.20 -0.71 -14.82
CA GLN F 58 -1.30 -0.15 -15.79
C GLN F 58 -1.13 -1.09 -16.94
N ALA F 59 -1.06 -2.38 -16.64
CA ALA F 59 -0.88 -3.34 -17.70
C ALA F 59 -2.03 -3.31 -18.68
N ARG F 60 -3.26 -3.18 -18.19
CA ARG F 60 -4.33 -3.15 -19.16
C ARG F 60 -4.30 -1.87 -19.96
N VAL F 61 -3.94 -0.78 -19.31
CA VAL F 61 -3.89 0.48 -20.01
C VAL F 61 -2.85 0.44 -21.10
N LEU F 62 -1.71 -0.15 -20.82
CA LEU F 62 -0.69 -0.24 -21.82
C LEU F 62 -1.14 -1.07 -22.99
N ALA F 63 -1.83 -2.17 -22.75
CA ALA F 63 -2.28 -2.97 -23.87
C ALA F 63 -3.16 -2.14 -24.77
N VAL F 64 -4.00 -1.30 -24.18
CA VAL F 64 -4.85 -0.46 -24.98
C VAL F 64 -4.05 0.55 -25.77
N GLU F 65 -3.06 1.16 -25.14
CA GLU F 65 -2.29 2.15 -25.83
C GLU F 65 -1.60 1.53 -27.03
N HIS F 66 -1.11 0.33 -26.85
CA HIS F 66 -0.42 -0.34 -27.92
C HIS F 66 -1.37 -0.56 -29.07
N TYR F 67 -2.54 -1.09 -28.75
CA TYR F 67 -3.54 -1.39 -29.74
C TYR F 67 -3.86 -0.17 -30.56
N LEU F 68 -4.08 0.94 -29.88
CA LEU F 68 -4.46 2.14 -30.56
C LEU F 68 -3.38 2.63 -31.50
N ARG F 69 -2.09 2.47 -31.15
CA ARG F 69 -1.08 2.98 -32.07
C ARG F 69 -1.15 2.21 -33.38
N ASP F 70 -1.37 0.90 -33.30
CA ASP F 70 -1.42 0.18 -34.56
C ASP F 70 -2.64 0.58 -35.37
N GLN F 71 -3.76 0.82 -34.69
CA GLN F 71 -4.93 1.18 -35.44
C GLN F 71 -4.77 2.55 -36.05
N GLN F 72 -4.10 3.44 -35.33
CA GLN F 72 -3.91 4.76 -35.85
C GLN F 72 -3.12 4.71 -37.12
N LEU F 73 -2.07 3.89 -37.15
CA LEU F 73 -1.26 3.80 -38.34
C LEU F 73 -2.00 3.23 -39.51
N LEU F 74 -2.83 2.24 -39.28
CA LEU F 74 -3.54 1.69 -40.41
C LEU F 74 -4.45 2.74 -40.99
N GLY F 75 -5.02 3.56 -40.13
CA GLY F 75 -5.86 4.65 -40.63
C GLY F 75 -5.02 5.64 -41.45
N ILE F 76 -3.85 6.02 -40.93
CA ILE F 76 -2.98 7.00 -41.56
C ILE F 76 -2.53 6.58 -42.92
N TRP F 77 -2.26 5.31 -43.08
CA TRP F 77 -1.79 4.76 -44.32
C TRP F 77 -2.89 4.43 -45.32
N GLY F 78 -4.15 4.63 -44.93
CA GLY F 78 -5.27 4.32 -45.81
C GLY F 78 -5.77 2.87 -45.83
N CYS F 79 -5.43 2.04 -44.83
CA CYS F 79 -5.82 0.64 -44.72
C CYS F 79 -7.06 0.54 -43.84
N SER F 80 -7.04 1.34 -42.78
CA SER F 80 -8.14 1.42 -41.84
C SER F 80 -8.58 0.10 -41.23
N GLY F 81 -9.79 -0.35 -41.55
CA GLY F 81 -10.34 -1.57 -40.95
C GLY F 81 -10.01 -2.86 -41.66
N LYS F 82 -9.23 -2.80 -42.72
CA LYS F 82 -8.86 -3.98 -43.48
C LYS F 82 -7.72 -4.73 -42.82
N LEU F 83 -7.64 -6.05 -43.02
CA LEU F 83 -6.50 -6.79 -42.51
C LEU F 83 -5.48 -6.91 -43.62
N ILE F 84 -5.97 -6.94 -44.86
CA ILE F 84 -5.11 -7.08 -46.02
C ILE F 84 -5.20 -5.84 -46.93
N CYS F 85 -4.08 -5.10 -47.06
CA CYS F 85 -3.98 -3.88 -47.87
C CYS F 85 -2.87 -3.94 -48.89
N CYS F 86 -3.04 -3.15 -49.94
CA CYS F 86 -2.06 -3.04 -50.99
C CYS F 86 -2.01 -1.54 -51.27
N THR F 87 -0.79 -1.00 -51.33
CA THR F 87 -0.55 0.44 -51.49
C THR F 87 0.11 0.82 -52.81
N ASN F 88 0.40 2.11 -52.94
CA ASN F 88 1.03 2.71 -54.10
C ASN F 88 2.53 2.93 -53.95
N VAL F 89 3.06 2.41 -52.86
CA VAL F 89 4.46 2.50 -52.54
C VAL F 89 5.15 1.25 -53.12
N PRO F 90 6.21 1.39 -53.93
CA PRO F 90 6.97 0.32 -54.57
C PRO F 90 7.80 -0.45 -53.58
N TRP F 91 8.11 -1.68 -53.91
CA TRP F 91 9.01 -2.47 -53.10
C TRP F 91 10.43 -2.12 -53.57
N ASN F 92 11.38 -1.92 -52.64
CA ASN F 92 12.76 -1.54 -52.90
C ASN F 92 13.75 -2.71 -52.84
N SER F 93 14.76 -2.68 -53.76
CA SER F 93 15.91 -3.59 -53.82
C SER F 93 16.89 -3.31 -52.69
N SER F 94 16.73 -2.14 -52.06
CA SER F 94 17.54 -1.77 -50.94
C SER F 94 17.00 -2.45 -49.67
N TRP F 95 15.80 -3.05 -49.75
CA TRP F 95 15.17 -3.70 -48.61
C TRP F 95 15.42 -5.19 -48.77
N SER F 96 15.14 -5.71 -49.96
CA SER F 96 15.40 -7.12 -50.21
C SER F 96 15.55 -7.46 -51.67
N ASN F 97 16.22 -8.58 -51.92
CA ASN F 97 16.42 -9.12 -53.26
C ASN F 97 16.24 -10.62 -53.28
N ARG F 98 15.00 -11.04 -53.10
CA ARG F 98 14.65 -12.45 -52.98
C ARG F 98 13.53 -12.69 -53.96
N ASN F 99 13.31 -13.96 -54.38
CA ASN F 99 12.22 -14.29 -55.31
C ASN F 99 10.87 -14.14 -54.59
N LEU F 100 9.84 -13.60 -55.28
CA LEU F 100 8.52 -13.38 -54.66
C LEU F 100 7.90 -14.68 -54.13
N SER F 101 8.09 -15.78 -54.87
CA SER F 101 7.57 -17.06 -54.42
C SER F 101 8.44 -17.63 -53.31
N GLU F 102 9.72 -17.26 -53.27
CA GLU F 102 10.56 -17.76 -52.20
C GLU F 102 9.99 -17.20 -50.92
N ILE F 103 9.66 -15.92 -50.97
CA ILE F 103 9.14 -15.24 -49.83
C ILE F 103 7.78 -15.77 -49.44
N TRP F 104 6.85 -15.77 -50.37
CA TRP F 104 5.51 -16.18 -50.00
C TRP F 104 5.27 -17.66 -49.76
N ASP F 105 5.98 -18.53 -50.43
CA ASP F 105 5.72 -19.93 -50.18
C ASP F 105 6.63 -20.54 -49.14
N ASN F 106 7.89 -20.10 -49.05
CA ASN F 106 8.83 -20.75 -48.16
C ASN F 106 9.24 -20.01 -46.90
N MET F 107 9.17 -18.67 -46.85
CA MET F 107 9.65 -18.04 -45.64
C MET F 107 8.57 -18.00 -44.59
N THR F 108 8.98 -18.21 -43.34
CA THR F 108 8.12 -18.15 -42.15
C THR F 108 7.89 -16.69 -41.85
N TRP F 109 6.71 -16.30 -41.39
CA TRP F 109 6.56 -14.86 -41.06
C TRP F 109 7.61 -14.36 -40.06
N LEU F 110 8.00 -15.20 -39.12
CA LEU F 110 9.03 -14.83 -38.14
C LEU F 110 10.36 -14.60 -38.84
N GLN F 111 10.66 -15.43 -39.83
CA GLN F 111 11.91 -15.33 -40.57
C GLN F 111 11.88 -14.09 -41.41
N TRP F 112 10.72 -13.80 -41.94
CA TRP F 112 10.53 -12.64 -42.76
C TRP F 112 10.84 -11.40 -41.98
N ASP F 113 10.33 -11.29 -40.75
CA ASP F 113 10.66 -10.11 -39.97
C ASP F 113 12.15 -10.00 -39.76
N LYS F 114 12.82 -11.13 -39.59
CA LYS F 114 14.26 -11.09 -39.48
C LYS F 114 14.91 -10.61 -40.79
N GLU F 115 14.31 -10.97 -41.93
CA GLU F 115 14.82 -10.59 -43.25
C GLU F 115 14.70 -9.08 -43.44
N ILE F 116 13.57 -8.51 -43.03
CA ILE F 116 13.39 -7.07 -43.17
C ILE F 116 13.60 -6.43 -41.83
N SER F 117 14.74 -5.84 -41.67
CA SER F 117 15.10 -5.30 -40.39
C SER F 117 15.58 -3.87 -40.56
N ASN F 118 15.15 -2.98 -39.67
CA ASN F 118 15.44 -1.52 -39.74
C ASN F 118 15.12 -0.98 -41.15
N TYR F 119 13.85 -1.11 -41.55
CA TYR F 119 13.29 -0.43 -42.73
C TYR F 119 11.90 0.06 -42.42
N THR F 120 11.46 -0.25 -41.23
CA THR F 120 10.10 -0.02 -40.81
C THR F 120 9.70 1.42 -40.91
N GLN F 121 10.58 2.27 -40.44
CA GLN F 121 10.36 3.70 -40.39
C GLN F 121 10.43 4.34 -41.76
N ILE F 122 11.01 3.64 -42.73
CA ILE F 122 11.15 4.17 -44.05
C ILE F 122 9.87 3.90 -44.74
N ILE F 123 9.43 2.66 -44.60
CA ILE F 123 8.25 2.26 -45.28
C ILE F 123 7.11 3.04 -44.72
N TYR F 124 7.05 3.20 -43.42
CA TYR F 124 5.96 3.95 -42.87
C TYR F 124 6.00 5.37 -43.37
N GLY F 125 7.17 6.01 -43.44
CA GLY F 125 7.13 7.38 -43.92
C GLY F 125 6.56 7.45 -45.33
N LEU F 126 6.91 6.48 -46.16
CA LEU F 126 6.41 6.46 -47.52
C LEU F 126 4.91 6.23 -47.56
N LEU F 127 4.41 5.36 -46.69
CA LEU F 127 3.00 5.06 -46.68
C LEU F 127 2.19 6.26 -46.26
N GLU F 128 2.72 7.00 -45.28
CA GLU F 128 2.05 8.16 -44.72
C GLU F 128 1.96 9.28 -45.72
N GLU F 129 3.05 9.50 -46.45
CA GLU F 129 3.05 10.59 -47.41
C GLU F 129 2.19 10.27 -48.61
N SER F 130 2.24 9.01 -49.05
CA SER F 130 1.48 8.64 -50.21
C SER F 130 0.01 8.82 -49.91
N GLN F 131 -0.45 8.40 -48.73
CA GLN F 131 -1.86 8.55 -48.43
C GLN F 131 -2.25 10.00 -48.32
N ASN F 132 -1.37 10.83 -47.77
CA ASN F 132 -1.67 12.24 -47.61
C ASN F 132 -1.92 12.87 -48.98
N GLN F 133 -1.07 12.56 -49.96
CA GLN F 133 -1.28 13.12 -51.27
C GLN F 133 -2.53 12.58 -51.93
N GLN F 134 -2.84 11.30 -51.71
CA GLN F 134 -4.00 10.74 -52.34
C GLN F 134 -5.27 11.42 -51.87
N GLU F 135 -5.36 11.74 -50.57
CA GLU F 135 -6.57 12.38 -50.11
C GLU F 135 -6.69 13.78 -50.68
N LYS F 136 -5.57 14.46 -50.84
CA LYS F 136 -5.63 15.79 -51.41
C LYS F 136 -6.13 15.72 -52.84
N ASN F 137 -5.70 14.72 -53.59
CA ASN F 137 -6.12 14.64 -54.97
C ASN F 137 -7.63 14.43 -55.04
N GLU F 138 -8.17 13.61 -54.13
CA GLU F 138 -9.62 13.38 -54.14
C GLU F 138 -10.38 14.66 -53.84
N GLN F 139 -9.84 15.46 -52.91
CA GLN F 139 -10.49 16.70 -52.53
C GLN F 139 -10.54 17.67 -53.68
N ASP F 140 -9.47 17.74 -54.46
CA ASP F 140 -9.48 18.67 -55.57
C ASP F 140 -10.47 18.22 -56.62
N LEU F 141 -10.56 16.91 -56.86
CA LEU F 141 -11.46 16.43 -57.89
C LEU F 141 -12.92 16.69 -57.53
N LEU F 142 -13.26 16.52 -56.26
CA LEU F 142 -14.64 16.73 -55.88
C LEU F 142 -14.99 18.21 -55.97
N GLU F 143 -14.08 19.12 -55.55
CA GLU F 143 -14.40 20.54 -55.65
C GLU F 143 -14.56 20.98 -57.09
N UNK G 1 12.43 -40.52 47.86
CA UNK G 1 13.71 -39.84 47.94
C UNK G 1 14.85 -40.84 47.95
N UNK G 2 15.97 -40.41 47.43
CA UNK G 2 17.20 -41.16 47.48
C UNK G 2 17.89 -40.89 48.80
N UNK G 3 18.81 -41.78 49.20
CA UNK G 3 19.57 -41.60 50.46
C UNK G 3 20.66 -42.65 50.64
N UNK G 4 21.63 -42.42 51.55
CA UNK G 4 22.68 -43.40 51.85
C UNK G 4 23.08 -43.30 53.34
N UNK G 5 23.62 -44.38 53.93
CA UNK G 5 23.95 -44.37 55.37
C UNK G 5 25.27 -45.10 55.65
N UNK G 6 26.11 -44.56 56.55
CA UNK G 6 27.37 -45.24 56.97
C UNK G 6 28.22 -45.64 55.76
N UNK G 7 28.37 -44.74 54.78
CA UNK G 7 29.20 -45.03 53.59
C UNK G 7 30.67 -44.74 53.88
N UNK G 8 31.29 -45.53 54.76
CA UNK G 8 32.69 -45.30 55.18
C UNK G 8 33.48 -46.61 55.17
N UNK G 9 34.69 -46.60 54.62
CA UNK G 9 35.54 -47.81 54.63
C UNK G 9 36.81 -47.52 55.44
N UNK G 10 37.09 -48.33 56.46
CA UNK G 10 37.81 -47.87 57.66
C UNK G 10 39.33 -48.05 57.48
N UNK G 11 39.80 -48.03 56.24
CA UNK G 11 41.26 -48.20 55.96
C UNK G 11 41.74 -47.09 55.03
N UNK G 12 42.97 -46.60 55.27
CA UNK G 12 43.57 -45.55 54.39
C UNK G 12 43.97 -46.17 53.04
N UNK G 13 44.04 -45.35 51.99
CA UNK G 13 44.43 -45.85 50.64
C UNK G 13 43.41 -46.88 50.15
N UNK G 14 42.12 -46.58 50.35
CA UNK G 14 41.00 -47.43 49.90
C UNK G 14 40.07 -46.67 48.95
N UNK G 15 39.69 -47.30 47.82
CA UNK G 15 38.74 -46.68 46.88
C UNK G 15 37.34 -46.63 47.50
N UNK G 16 36.54 -45.62 47.15
CA UNK G 16 35.18 -45.47 47.73
C UNK G 16 34.11 -45.49 46.63
N UNK G 17 33.05 -46.28 46.80
CA UNK G 17 31.95 -46.34 45.81
C UNK G 17 30.66 -45.79 46.43
N UNK G 18 29.50 -46.10 45.84
CA UNK G 18 28.25 -45.44 46.21
C UNK G 18 27.11 -46.00 45.41
N UNK G 19 25.92 -45.70 45.86
CA UNK G 19 24.71 -46.01 45.17
C UNK G 19 23.64 -45.03 45.56
N UNK G 20 22.63 -44.92 44.73
CA UNK G 20 21.47 -44.11 44.97
C UNK G 20 20.29 -44.93 44.51
N UNK G 21 19.11 -44.38 44.56
CA UNK G 21 17.97 -45.14 44.12
C UNK G 21 17.01 -44.24 43.43
N UNK G 22 16.36 -44.74 42.39
CA UNK G 22 15.31 -43.92 41.84
C UNK G 22 14.22 -43.93 42.88
N UNK G 23 13.65 -42.78 43.15
CA UNK G 23 12.58 -42.71 44.10
C UNK G 23 11.76 -41.51 43.75
N UNK G 24 10.55 -41.75 43.22
CA UNK G 24 9.74 -40.66 42.70
C UNK G 24 10.56 -39.90 41.68
N UNK G 25 11.31 -40.66 40.88
CA UNK G 25 12.17 -40.10 39.88
C UNK G 25 12.47 -41.12 38.82
N UNK G 26 12.85 -40.66 37.65
CA UNK G 26 13.29 -41.56 36.59
C UNK G 26 14.78 -41.86 36.69
N UNK G 27 15.48 -41.12 37.55
CA UNK G 27 16.95 -41.21 37.69
C UNK G 27 17.58 -41.01 36.32
N UNK G 28 16.99 -40.11 35.56
CA UNK G 28 17.38 -39.80 34.22
C UNK G 28 16.91 -38.40 33.97
N UNK G 29 15.87 -38.06 34.72
CA UNK G 29 15.19 -36.79 34.61
C UNK G 29 16.14 -35.64 34.94
N UNK G 30 17.05 -35.85 35.86
CA UNK G 30 17.94 -34.76 36.21
C UNK G 30 19.26 -35.31 36.64
N UNK G 31 20.31 -34.55 36.38
CA UNK G 31 21.64 -34.90 36.81
C UNK G 31 21.72 -34.76 38.30
N UNK G 32 22.45 -35.62 38.99
CA UNK G 32 22.61 -35.42 40.44
C UNK G 32 24.05 -35.46 40.85
N UNK G 33 24.42 -34.55 41.73
CA UNK G 33 25.78 -34.53 42.25
C UNK G 33 25.84 -35.37 43.48
N UNK G 34 27.02 -35.94 43.76
CA UNK G 34 27.24 -36.71 44.98
C UNK G 34 28.03 -35.86 45.99
N UNK G 35 28.07 -34.56 45.69
CA UNK G 35 28.77 -33.57 46.50
C UNK G 35 28.20 -33.55 47.88
N UNK G 36 29.07 -33.45 48.88
CA UNK G 36 28.53 -33.43 50.22
C UNK G 36 29.37 -32.65 51.20
N UNK G 37 28.67 -32.18 52.22
CA UNK G 37 29.22 -31.43 53.34
C UNK G 37 30.02 -32.30 54.26
N UNK G 38 30.87 -31.65 55.04
CA UNK G 38 31.75 -32.28 55.99
C UNK G 38 31.73 -31.49 57.27
N UNK G 39 32.33 -32.03 58.32
CA UNK G 39 32.36 -31.23 59.51
C UNK G 39 33.01 -29.91 59.16
N UNK G 40 32.35 -28.83 59.56
CA UNK G 40 32.79 -27.47 59.34
C UNK G 40 33.02 -27.14 57.87
N UNK G 41 32.26 -27.74 56.94
CA UNK G 41 32.47 -27.39 55.54
C UNK G 41 31.24 -27.57 54.65
N UNK G 42 31.16 -26.70 53.65
CA UNK G 42 30.16 -26.77 52.60
C UNK G 42 30.55 -27.88 51.65
N UNK G 43 29.58 -28.39 50.92
CA UNK G 43 29.86 -29.45 49.97
C UNK G 43 30.79 -29.06 48.85
N UNK G 44 31.63 -30.01 48.46
CA UNK G 44 32.51 -29.84 47.32
C UNK G 44 31.71 -30.16 46.11
N UNK G 45 31.38 -29.15 45.35
CA UNK G 45 30.41 -29.25 44.28
C UNK G 45 30.88 -29.88 43.01
N UNK G 46 31.01 -31.19 43.07
CA UNK G 46 31.33 -31.96 41.91
C UNK G 46 30.16 -31.76 40.99
N UNK G 47 30.38 -31.71 39.69
CA UNK G 47 29.26 -31.51 38.81
C UNK G 47 28.32 -32.67 38.93
N UNK G 48 27.05 -32.38 38.76
CA UNK G 48 26.03 -33.39 38.79
C UNK G 48 26.20 -34.36 37.65
N UNK G 49 25.97 -35.65 37.93
CA UNK G 49 26.10 -36.68 36.91
C UNK G 49 24.79 -36.92 36.20
N UNK G 50 24.83 -36.55 34.95
CA UNK G 50 23.76 -36.60 33.99
C UNK G 50 23.48 -37.99 33.53
N UNK G 51 22.28 -38.16 32.98
CA UNK G 51 21.80 -39.40 32.40
C UNK G 51 22.74 -39.83 31.29
N UNK G 52 23.34 -38.85 30.65
CA UNK G 52 24.27 -39.05 29.58
C UNK G 52 25.33 -37.99 29.75
N UNK G 53 26.57 -38.34 29.42
CA UNK G 53 27.76 -37.49 29.52
C UNK G 53 28.21 -37.24 30.97
N UNK G 54 27.59 -37.94 31.92
CA UNK G 54 27.99 -37.94 33.32
C UNK G 54 28.31 -36.56 33.92
N UNK G 55 29.54 -36.39 34.46
CA UNK G 55 29.91 -35.17 35.17
C UNK G 55 31.38 -34.85 35.21
N UNK G 56 31.66 -33.58 35.43
CA UNK G 56 32.99 -33.09 35.73
C UNK G 56 33.19 -33.04 37.25
N UNK G 57 33.99 -33.94 37.81
CA UNK G 57 34.16 -34.00 39.26
C UNK G 57 34.97 -32.80 39.76
N UNK G 58 34.73 -32.37 41.00
CA UNK G 58 35.45 -31.23 41.56
C UNK G 58 36.81 -31.63 42.12
N UNK G 59 37.70 -32.02 41.21
CA UNK G 59 39.06 -32.47 41.54
C UNK G 59 39.06 -33.56 42.61
N UNK G 60 38.14 -34.50 42.47
CA UNK G 60 37.96 -35.59 43.44
C UNK G 60 38.84 -36.80 43.20
N UNK G 61 39.61 -36.81 42.11
CA UNK G 61 40.42 -37.98 41.77
C UNK G 61 39.53 -39.22 41.78
N UNK G 62 38.38 -39.07 41.14
CA UNK G 62 37.34 -40.07 41.12
C UNK G 62 36.63 -40.08 39.80
N UNK G 63 36.02 -41.21 39.48
CA UNK G 63 35.21 -41.29 38.28
C UNK G 63 33.90 -40.59 38.55
N UNK G 64 33.24 -40.10 37.52
CA UNK G 64 31.93 -39.51 37.75
C UNK G 64 31.00 -40.57 38.27
N UNK G 65 30.13 -40.17 39.18
CA UNK G 65 29.16 -41.09 39.76
C UNK G 65 27.95 -41.27 38.85
N UNK G 66 28.21 -41.88 37.71
CA UNK G 66 27.22 -42.15 36.69
C UNK G 66 26.55 -43.47 37.02
N UNK G 67 25.33 -43.67 36.53
CA UNK G 67 24.66 -44.94 36.75
C UNK G 67 23.65 -45.22 35.69
N UNK G 68 23.33 -46.48 35.49
CA UNK G 68 22.20 -46.77 34.63
C UNK G 68 21.04 -46.17 35.34
N UNK G 69 20.11 -45.52 34.65
CA UNK G 69 18.98 -44.94 35.38
C UNK G 69 18.23 -45.97 36.17
N UNK G 70 18.12 -47.17 35.61
CA UNK G 70 17.43 -48.25 36.26
C UNK G 70 18.08 -48.65 37.57
N UNK G 71 19.40 -48.56 37.64
CA UNK G 71 20.12 -49.00 38.82
C UNK G 71 20.31 -47.91 39.83
N UNK G 72 20.58 -46.71 39.33
CA UNK G 72 20.91 -45.53 40.12
C UNK G 72 22.14 -45.80 41.00
N UNK G 73 22.97 -46.76 40.61
CA UNK G 73 24.18 -47.16 41.33
C UNK G 73 25.32 -46.23 40.99
N UNK G 74 25.17 -45.00 41.43
CA UNK G 74 26.06 -43.89 41.13
C UNK G 74 27.28 -43.93 42.01
N UNK G 75 28.17 -44.87 41.72
CA UNK G 75 29.34 -45.05 42.55
C UNK G 75 30.26 -43.87 42.57
N UNK G 76 30.73 -43.50 43.77
CA UNK G 76 31.66 -42.39 43.93
C UNK G 76 32.93 -42.71 43.18
N UNK G 77 33.33 -43.97 43.24
CA UNK G 77 34.46 -44.48 42.51
C UNK G 77 35.74 -43.68 42.69
N UNK G 78 36.03 -43.23 43.90
CA UNK G 78 37.28 -42.51 44.17
C UNK G 78 38.40 -43.49 44.09
N UNK G 79 39.53 -43.07 43.52
CA UNK G 79 40.65 -44.00 43.47
C UNK G 79 41.13 -44.38 44.85
N UNK G 80 41.17 -43.40 45.74
CA UNK G 80 41.61 -43.62 47.11
C UNK G 80 41.14 -42.51 48.02
N UNK G 81 40.84 -42.84 49.27
CA UNK G 81 40.53 -41.88 50.31
C UNK G 81 41.80 -41.36 50.92
N UNK G 82 42.65 -40.80 50.07
CA UNK G 82 43.96 -40.31 50.46
C UNK G 82 43.90 -38.91 51.02
N UNK G 83 42.77 -38.26 50.80
CA UNK G 83 42.55 -36.91 51.24
C UNK G 83 42.32 -36.89 52.73
N UNK G 84 42.73 -35.81 53.37
CA UNK G 84 42.43 -35.64 54.78
C UNK G 84 41.03 -35.06 54.90
N UNK G 85 40.04 -35.87 54.55
CA UNK G 85 38.66 -35.43 54.50
C UNK G 85 37.71 -36.59 54.72
N UNK G 86 36.52 -36.26 55.23
CA UNK G 86 35.49 -37.28 55.45
C UNK G 86 34.07 -36.74 55.25
N UNK G 87 33.78 -36.21 54.06
CA UNK G 87 32.44 -35.67 53.82
C UNK G 87 31.43 -36.78 53.90
N UNK G 88 30.26 -36.47 54.39
CA UNK G 88 29.23 -37.48 54.52
C UNK G 88 28.52 -37.55 53.20
N UNK G 89 28.70 -38.65 52.48
CA UNK G 89 28.22 -38.78 51.13
C UNK G 89 26.77 -38.42 51.06
N UNK G 90 26.39 -37.68 50.04
CA UNK G 90 25.02 -37.23 49.92
C UNK G 90 24.81 -36.96 48.47
N UNK G 91 23.60 -36.81 48.01
CA UNK G 91 23.44 -36.47 46.61
C UNK G 91 22.20 -35.66 46.37
N UNK G 92 22.21 -34.88 45.29
CA UNK G 92 20.99 -34.16 44.93
C UNK G 92 20.87 -33.84 43.46
N UNK G 93 19.70 -34.18 42.95
CA UNK G 93 19.32 -33.87 41.59
C UNK G 93 19.08 -32.40 41.42
N UNK G 94 19.58 -31.89 40.30
CA UNK G 94 19.45 -30.52 39.90
C UNK G 94 18.01 -30.20 39.56
N UNK G 95 17.54 -29.03 39.94
CA UNK G 95 16.21 -28.64 39.50
C UNK G 95 16.38 -27.71 38.33
N UNK G 96 15.45 -27.72 37.38
CA UNK G 96 15.52 -26.72 36.32
C UNK G 96 14.82 -25.46 36.80
N UNK G 97 14.05 -25.65 37.86
CA UNK G 97 13.22 -24.64 38.47
C UNK G 97 13.97 -23.83 39.51
N UNK G 98 15.22 -24.15 39.69
CA UNK G 98 16.01 -23.50 40.69
C UNK G 98 17.44 -23.57 40.27
N UNK G 99 18.25 -22.66 40.78
CA UNK G 99 19.67 -22.79 40.53
C UNK G 99 20.22 -24.01 41.29
N UNK G 100 19.60 -24.27 42.45
CA UNK G 100 19.94 -25.32 43.39
C UNK G 100 19.53 -26.73 42.97
N UNK G 101 20.27 -27.70 43.51
CA UNK G 101 19.88 -29.08 43.41
C UNK G 101 19.01 -29.35 44.61
N UNK G 102 17.72 -29.43 44.35
CA UNK G 102 16.70 -29.52 45.37
C UNK G 102 16.59 -30.88 46.03
N UNK G 103 16.96 -31.96 45.35
CA UNK G 103 16.71 -33.27 45.97
C UNK G 103 17.78 -33.66 46.97
N UNK G 104 17.80 -32.97 48.09
CA UNK G 104 18.85 -33.11 49.11
C UNK G 104 18.72 -34.39 49.92
N UNK G 105 19.30 -35.47 49.37
CA UNK G 105 19.28 -36.84 49.91
C UNK G 105 20.06 -36.92 51.21
N UNK G 106 19.65 -37.85 52.07
CA UNK G 106 20.30 -38.07 53.36
C UNK G 106 21.78 -38.42 53.20
N UNK G 107 22.59 -37.84 54.08
CA UNK G 107 24.02 -38.05 54.08
C UNK G 107 24.50 -39.32 54.78
N UNK G 108 25.69 -39.81 54.40
CA UNK G 108 26.36 -40.95 55.04
C UNK G 108 27.86 -40.70 55.27
N UNK G 109 28.29 -40.83 56.53
CA UNK G 109 29.66 -40.53 56.94
C UNK G 109 30.74 -41.37 56.26
N UNK G 110 31.86 -40.72 55.99
CA UNK G 110 33.04 -41.31 55.37
C UNK G 110 34.16 -41.51 56.38
N UNK G 111 35.10 -42.39 56.06
CA UNK G 111 36.27 -42.61 56.91
C UNK G 111 37.48 -43.02 56.05
N UNK G 112 38.71 -42.80 56.57
CA UNK G 112 39.97 -43.18 55.92
C UNK G 112 40.85 -43.89 56.96
N UNK H 1 35.18 -18.65 46.18
CA UNK H 1 35.88 -17.39 45.85
C UNK H 1 35.44 -16.29 46.83
N UNK H 2 34.14 -16.02 46.90
CA UNK H 2 33.64 -14.94 47.78
C UNK H 2 32.82 -15.53 48.92
N UNK H 3 33.18 -15.20 50.17
CA UNK H 3 32.42 -15.67 51.34
C UNK H 3 32.24 -14.49 52.31
N UNK H 4 31.21 -14.55 53.16
CA UNK H 4 31.02 -13.47 54.15
C UNK H 4 30.17 -13.96 55.34
N UNK H 5 30.42 -13.37 56.51
CA UNK H 5 29.60 -13.50 57.71
C UNK H 5 29.40 -14.93 58.17
N UNK H 6 30.51 -15.65 58.39
CA UNK H 6 30.50 -17.04 58.84
C UNK H 6 29.91 -17.21 60.25
N UNK H 7 29.84 -16.15 61.02
CA UNK H 7 29.25 -16.17 62.36
C UNK H 7 27.92 -15.42 62.30
N UNK H 8 26.95 -15.81 63.12
CA UNK H 8 25.67 -15.09 63.06
C UNK H 8 24.99 -14.92 64.42
N UNK H 9 25.46 -13.96 65.20
CA UNK H 9 24.80 -13.74 66.48
C UNK H 9 23.37 -13.36 66.15
N UNK H 10 22.43 -13.85 66.93
CA UNK H 10 21.03 -13.60 66.68
C UNK H 10 20.20 -13.81 67.93
N UNK H 11 19.00 -13.28 67.88
CA UNK H 11 18.01 -13.38 68.94
C UNK H 11 16.64 -13.31 68.32
N UNK H 12 15.63 -13.73 69.05
CA UNK H 12 14.28 -13.66 68.51
C UNK H 12 13.94 -12.24 68.14
N UNK H 13 13.30 -12.08 66.98
CA UNK H 13 12.84 -10.82 66.40
C UNK H 13 13.97 -9.86 66.08
N UNK H 14 15.19 -10.37 66.07
CA UNK H 14 16.33 -9.59 65.68
C UNK H 14 16.44 -9.65 64.18
N UNK H 15 15.53 -8.96 63.49
CA UNK H 15 15.50 -9.05 62.05
C UNK H 15 16.89 -8.71 61.57
N UNK H 16 17.39 -9.48 60.61
CA UNK H 16 18.76 -9.29 60.18
C UNK H 16 19.03 -9.93 58.83
N UNK H 17 20.16 -9.53 58.23
CA UNK H 17 20.59 -10.14 56.99
C UNK H 17 22.08 -10.02 56.81
N UNK H 18 22.65 -10.91 56.00
CA UNK H 18 24.07 -10.86 55.65
C UNK H 18 24.30 -11.47 54.28
N UNK H 19 25.39 -11.08 53.61
CA UNK H 19 25.70 -11.61 52.27
C UNK H 19 27.18 -11.63 51.92
N UNK H 20 27.50 -12.52 50.98
CA UNK H 20 28.79 -12.69 50.35
C UNK H 20 29.09 -11.52 49.42
N UNK H 21 30.38 -11.30 49.14
CA UNK H 21 30.93 -10.25 48.28
C UNK H 21 30.58 -10.37 46.79
N UNK H 22 30.82 -9.25 46.09
CA UNK H 22 30.54 -9.00 44.67
C UNK H 22 31.13 -9.99 43.71
N UNK H 23 32.15 -10.73 44.10
CA UNK H 23 32.75 -11.69 43.18
C UNK H 23 31.71 -12.72 42.72
N UNK H 24 30.66 -12.93 43.52
CA UNK H 24 29.61 -13.87 43.23
C UNK H 24 28.43 -13.20 42.51
N UNK H 25 28.59 -11.94 42.14
CA UNK H 25 27.55 -11.16 41.46
C UNK H 25 27.39 -11.62 40.02
N UNK H 26 26.20 -11.37 39.45
CA UNK H 26 25.91 -11.72 38.06
C UNK H 26 26.09 -13.21 37.83
N UNK H 27 25.61 -13.93 38.83
CA UNK H 27 25.63 -15.36 38.94
C UNK H 27 24.48 -15.73 39.85
N UNK H 28 24.10 -16.99 39.83
CA UNK H 28 23.06 -17.45 40.75
C UNK H 28 23.60 -17.39 42.17
N UNK H 29 22.69 -17.18 43.11
CA UNK H 29 22.99 -17.18 44.53
C UNK H 29 21.83 -17.82 45.26
N UNK H 30 21.85 -19.13 45.29
CA UNK H 30 20.75 -19.90 45.81
C UNK H 30 20.81 -20.17 47.30
N UNK H 31 19.96 -19.51 48.07
CA UNK H 31 20.00 -19.71 49.51
C UNK H 31 19.52 -21.11 49.83
N UNK H 32 20.14 -21.75 50.82
CA UNK H 32 19.80 -23.08 51.32
C UNK H 32 20.20 -23.15 52.77
N UNK H 33 19.58 -24.06 53.53
CA UNK H 33 19.99 -24.15 54.93
C UNK H 33 20.07 -25.58 55.46
N UNK H 34 21.13 -25.78 56.23
CA UNK H 34 21.51 -27.02 56.87
C UNK H 34 20.80 -27.20 58.16
N UNK H 35 19.55 -27.60 58.09
CA UNK H 35 18.79 -27.79 59.30
C UNK H 35 19.54 -28.81 60.13
N UNK H 36 19.47 -28.67 61.43
CA UNK H 36 20.20 -29.58 62.27
C UNK H 36 19.85 -31.00 61.93
N UNK H 37 20.88 -31.83 61.82
CA UNK H 37 20.78 -33.25 61.51
C UNK H 37 20.05 -33.50 60.20
N UNK H 38 20.26 -32.65 59.20
CA UNK H 38 19.61 -32.84 57.92
C UNK H 38 20.45 -32.31 56.77
N UNK H 39 20.20 -32.82 55.56
CA UNK H 39 20.86 -32.29 54.38
C UNK H 39 20.38 -30.87 54.20
N UNK H 40 21.24 -29.99 53.72
CA UNK H 40 20.79 -28.63 53.45
C UNK H 40 19.87 -28.63 52.28
N UNK H 41 18.90 -27.73 52.30
CA UNK H 41 18.00 -27.64 51.17
C UNK H 41 17.64 -26.20 50.88
N UNK H 42 17.25 -25.94 49.64
CA UNK H 42 16.96 -24.59 49.20
C UNK H 42 15.93 -23.90 50.08
N UNK H 43 16.26 -22.66 50.38
CA UNK H 43 15.49 -21.73 51.18
C UNK H 43 14.94 -20.60 50.31
N UNK H 44 15.74 -20.19 49.34
CA UNK H 44 15.41 -19.09 48.42
C UNK H 44 16.39 -19.18 47.27
N UNK H 45 16.20 -20.19 46.44
CA UNK H 45 17.11 -20.46 45.35
C UNK H 45 17.12 -19.35 44.31
N UNK H 46 18.25 -19.22 43.62
CA UNK H 46 18.50 -18.27 42.54
C UNK H 46 18.27 -16.80 42.92
N UNK H 47 18.67 -16.42 44.14
CA UNK H 47 18.54 -15.05 44.68
C UNK H 47 17.13 -14.56 44.54
N UNK H 48 16.17 -15.44 44.74
CA UNK H 48 14.80 -15.13 44.61
C UNK H 48 14.03 -16.17 45.33
N UNK H 49 12.75 -16.00 45.52
CA UNK H 49 12.09 -17.16 46.10
C UNK H 49 11.80 -18.19 45.00
N UNK H 50 12.86 -18.84 44.44
CA UNK H 50 12.67 -19.87 43.41
C UNK H 50 12.29 -21.15 44.15
N UNK H 51 12.47 -21.09 45.46
CA UNK H 51 12.14 -22.08 46.44
C UNK H 51 10.98 -21.49 47.20
N UNK H 52 10.07 -22.28 47.72
CA UNK H 52 9.00 -21.63 48.47
C UNK H 52 9.59 -20.75 49.56
N UNK H 53 9.08 -19.53 49.66
CA UNK H 53 9.55 -18.57 50.66
C UNK H 53 9.11 -18.96 52.05
N UNK H 54 9.91 -18.59 53.04
CA UNK H 54 9.54 -18.80 54.42
C UNK H 54 8.62 -17.68 54.81
N UNK H 55 7.74 -17.89 55.77
CA UNK H 55 6.90 -16.78 56.17
C UNK H 55 7.73 -15.58 56.60
N UNK H 56 8.97 -15.82 57.07
CA UNK H 56 9.89 -14.70 57.33
C UNK H 56 11.22 -14.89 56.58
N UNK H 57 11.18 -14.90 55.23
CA UNK H 57 12.45 -15.01 54.46
C UNK H 57 12.41 -14.15 53.19
N UNK H 58 13.56 -13.62 52.76
CA UNK H 58 13.68 -12.94 51.46
C UNK H 58 15.15 -12.86 51.04
N UNK H 59 15.42 -12.90 49.73
CA UNK H 59 16.81 -12.74 49.25
C UNK H 59 16.83 -11.67 48.14
N UNK H 60 17.74 -10.69 48.25
CA UNK H 60 17.85 -9.63 47.21
C UNK H 60 19.25 -9.63 46.63
N UNK H 61 19.37 -9.70 45.29
CA UNK H 61 20.70 -9.62 44.64
C UNK H 61 21.31 -8.25 44.89
N UNK H 62 20.52 -7.17 44.75
CA UNK H 62 21.04 -5.82 45.10
C UNK H 62 22.40 -5.64 44.43
N UNK H 63 23.41 -5.21 45.21
CA UNK H 63 24.79 -5.11 44.68
C UNK H 63 25.71 -5.89 45.63
N UNK H 64 26.53 -6.79 45.11
CA UNK H 64 27.39 -7.64 45.97
C UNK H 64 26.56 -8.22 47.11
N UNK H 65 25.44 -8.86 46.77
CA UNK H 65 24.38 -9.22 47.74
C UNK H 65 23.60 -10.46 47.30
N UNK H 66 23.38 -11.36 48.25
CA UNK H 66 22.33 -12.37 48.31
C UNK H 66 21.93 -12.40 49.75
N UNK H 67 21.54 -11.25 50.26
CA UNK H 67 21.32 -11.12 51.67
C UNK H 67 20.19 -11.95 52.21
N UNK H 68 20.46 -12.48 53.40
CA UNK H 68 19.51 -13.30 54.14
C UNK H 68 18.49 -12.42 54.82
N UNK H 69 17.59 -11.88 54.02
CA UNK H 69 16.60 -10.92 54.47
C UNK H 69 15.46 -11.56 55.24
N UNK H 70 15.73 -11.84 56.52
CA UNK H 70 14.76 -12.50 57.39
C UNK H 70 14.24 -11.57 58.48
N UNK H 71 12.98 -11.77 58.87
CA UNK H 71 12.31 -11.00 59.92
C UNK H 71 12.60 -11.51 61.32
N UNK H 72 13.33 -12.62 61.40
CA UNK H 72 13.68 -13.30 62.64
C UNK H 72 12.47 -13.73 63.48
N UNK H 73 11.41 -14.17 62.83
CA UNK H 73 10.27 -14.66 63.55
C UNK H 73 10.60 -16.06 64.01
N UNK H 74 10.00 -16.53 65.10
CA UNK H 74 10.27 -17.89 65.56
C UNK H 74 11.77 -18.09 65.75
N UNK H 75 12.37 -19.07 65.07
CA UNK H 75 13.78 -19.34 65.20
C UNK H 75 14.32 -19.89 63.88
N UNK H 76 15.58 -19.56 63.58
CA UNK H 76 16.18 -20.04 62.35
C UNK H 76 17.67 -20.31 62.51
N UNK H 77 18.03 -21.27 63.35
CA UNK H 77 19.44 -21.52 63.65
C UNK H 77 20.15 -22.40 62.64
N UNK H 78 19.46 -22.86 61.60
CA UNK H 78 20.11 -23.70 60.59
C UNK H 78 21.24 -22.92 59.94
N UNK H 79 22.37 -23.58 59.68
CA UNK H 79 23.47 -22.91 59.01
C UNK H 79 23.12 -22.62 57.57
N UNK H 80 23.42 -21.43 57.09
CA UNK H 80 23.07 -21.21 55.69
C UNK H 80 23.98 -20.28 54.94
N UNK H 81 24.18 -20.62 53.67
CA UNK H 81 24.93 -19.82 52.71
C UNK H 81 24.31 -20.02 51.37
N UNK H 82 24.35 -19.00 50.54
CA UNK H 82 23.83 -19.16 49.21
C UNK H 82 24.88 -19.79 48.34
N UNK H 83 24.45 -20.64 47.42
CA UNK H 83 25.39 -21.24 46.53
C UNK H 83 25.44 -20.65 45.15
N UNK H 84 26.66 -20.59 44.65
CA UNK H 84 26.95 -20.23 43.28
C UNK H 84 26.49 -21.41 42.50
N UNK H 85 26.10 -21.23 41.25
CA UNK H 85 25.68 -22.38 40.48
C UNK H 85 25.85 -22.20 38.98
N UNK H 86 26.00 -23.32 38.32
CA UNK H 86 26.07 -23.42 36.87
C UNK H 86 25.63 -24.81 36.51
N UNK H 87 25.35 -25.08 35.24
CA UNK H 87 24.93 -26.43 34.88
C UNK H 87 25.96 -27.47 35.34
N UNK H 88 27.25 -27.13 35.33
CA UNK H 88 28.27 -28.07 35.76
C UNK H 88 29.08 -27.53 36.95
N UNK H 89 28.51 -26.69 37.80
CA UNK H 89 29.28 -26.16 38.93
C UNK H 89 28.43 -25.61 40.07
N UNK H 90 29.05 -25.50 41.24
CA UNK H 90 28.41 -24.80 42.35
C UNK H 90 29.43 -24.49 43.41
N UNK H 91 29.10 -23.59 44.31
CA UNK H 91 29.99 -23.36 45.45
C UNK H 91 29.29 -22.68 46.59
N UNK H 92 29.71 -22.94 47.82
CA UNK H 92 29.15 -22.19 48.94
C UNK H 92 30.14 -22.17 50.07
N UNK H 93 30.08 -21.12 50.90
CA UNK H 93 30.90 -21.03 52.08
C UNK H 93 30.31 -20.00 53.04
N UNK H 94 30.83 -19.99 54.28
CA UNK H 94 30.39 -19.09 55.36
C UNK H 94 28.93 -19.31 55.69
N UNK H 95 28.56 -20.57 55.77
CA UNK H 95 27.20 -20.91 56.11
C UNK H 95 27.02 -20.78 57.58
N UNK H 96 26.81 -19.55 58.00
CA UNK H 96 26.69 -19.23 59.42
C UNK H 96 25.42 -19.75 60.01
N UNK H 97 25.50 -20.24 61.25
CA UNK H 97 24.30 -20.64 61.96
C UNK H 97 23.90 -19.53 62.87
N UNK H 98 22.66 -19.12 62.76
CA UNK H 98 22.14 -18.08 63.62
C UNK H 98 22.00 -18.58 65.02
N UNK H 99 22.34 -17.73 65.96
CA UNK H 99 22.13 -18.08 67.38
C UNK H 99 20.63 -18.13 67.79
N UNK H 100 19.71 -17.54 67.00
CA UNK H 100 18.26 -17.42 67.19
C UNK H 100 17.94 -16.97 68.63
C1 NAG I . 24.63 27.74 -6.24
C2 NAG I . 24.25 26.87 -4.96
C3 NAG I . 25.56 26.51 -4.18
C4 NAG I . 26.53 25.73 -5.14
C5 NAG I . 26.84 26.62 -6.38
C6 NAG I . 27.74 25.95 -7.42
C7 NAG I . 22.04 27.40 -3.98
C8 NAG I . 21.18 28.28 -3.12
N2 NAG I . 23.35 27.68 -4.11
O3 NAG I . 25.23 25.68 -3.05
O4 NAG I . 27.77 25.41 -4.44
O5 NAG I . 25.57 26.98 -7.07
O6 NAG I . 27.23 24.70 -7.88
O7 NAG I . 21.53 26.43 -4.56
C1 NAG I . 28.02 23.94 -4.17
C2 NAG I . 29.56 23.66 -4.06
C3 NAG I . 29.76 22.12 -3.83
C4 NAG I . 29.02 21.68 -2.51
C5 NAG I . 27.50 22.06 -2.66
C6 NAG I . 26.71 21.82 -1.37
C7 NAG I . 31.27 24.90 -5.39
C8 NAG I . 31.89 25.23 -6.71
N2 NAG I . 30.23 24.05 -5.33
O3 NAG I . 31.18 21.87 -3.75
O4 NAG I . 29.08 20.22 -2.38
O5 NAG I . 27.33 23.51 -2.97
O6 NAG I . 27.19 22.57 -0.26
O7 NAG I . 31.75 25.42 -4.36
C1 BMA I . 30.05 19.67 -1.36
C2 BMA I . 29.71 18.15 -1.10
C3 BMA I . 30.68 17.62 0.00
C4 BMA I . 32.14 17.78 -0.51
C5 BMA I . 32.41 19.28 -0.79
C6 BMA I . 33.80 19.51 -1.36
O2 BMA I . 29.81 17.42 -2.31
O3 BMA I . 30.42 16.22 0.28
O4 BMA I . 33.04 17.30 0.48
O5 BMA I . 31.44 19.79 -1.78
O6 BMA I . 34.03 18.74 -2.55
C1 MAN I . 29.27 15.93 1.24
C2 MAN I . 29.48 14.53 1.92
C3 MAN I . 29.32 13.42 0.82
C4 MAN I . 27.91 13.55 0.14
C5 MAN I . 27.78 14.99 -0.49
C6 MAN I . 26.42 15.27 -1.12
O2 MAN I . 28.58 14.35 3.01
O3 MAN I . 29.48 12.12 1.41
O4 MAN I . 27.78 12.54 -0.88
O5 MAN I . 27.97 16.01 0.58
O6 MAN I . 26.19 14.53 -2.33
C1 MAN I . 35.29 17.93 -2.57
C2 MAN I . 36.53 18.86 -2.89
C3 MAN I . 36.35 19.39 -4.36
C4 MAN I . 36.26 18.20 -5.36
C5 MAN I . 35.03 17.30 -4.95
C6 MAN I . 34.89 16.03 -5.80
O2 MAN I . 37.75 18.15 -2.71
O3 MAN I . 37.47 20.25 -4.68
O4 MAN I . 36.09 18.72 -6.68
O5 MAN I . 35.21 16.84 -3.54
O6 MAN I . 34.42 16.30 -7.12
C1 NAG J . 27.40 32.51 -11.32
C2 NAG J . 28.41 31.35 -10.84
C3 NAG J . 29.67 31.38 -11.78
C4 NAG J . 29.25 31.16 -13.27
C5 NAG J . 28.22 32.31 -13.66
C6 NAG J . 27.68 32.18 -15.08
C7 NAG J . 28.33 31.08 -8.36
C8 NAG J . 28.83 31.48 -7.01
N2 NAG J . 28.85 31.66 -9.45
O3 NAG J . 30.54 30.30 -11.37
O4 NAG J . 30.44 31.34 -14.10
O5 NAG J . 27.06 32.28 -12.73
O6 NAG J . 27.08 30.92 -15.36
O7 NAG J . 27.45 30.21 -8.43
C1 NAG J . 30.75 30.24 -15.08
C2 NAG J . 31.84 30.76 -16.09
C3 NAG J . 32.15 29.63 -17.12
C4 NAG J . 32.63 28.34 -16.37
C5 NAG J . 31.52 27.89 -15.36
C6 NAG J . 31.93 26.69 -14.50
C7 NAG J . 31.94 33.15 -16.82
C8 NAG J . 31.33 34.30 -17.58
N2 NAG J . 31.31 31.96 -16.81
O3 NAG J . 33.18 30.07 -18.03
O4 NAG J . 32.88 27.30 -17.32
O5 NAG J . 31.21 29.01 -14.43
O6 NAG J . 33.10 26.94 -13.73
O7 NAG J . 33.01 33.32 -16.23
C1 NAG K . 17.87 11.24 34.75
C2 NAG K . 18.54 12.60 35.21
C3 NAG K . 19.13 12.40 36.64
C4 NAG K . 18.03 11.95 37.66
C5 NAG K . 17.39 10.61 37.11
C6 NAG K . 16.23 10.10 37.97
C7 NAG K . 19.61 13.73 33.25
C8 NAG K . 20.85 13.96 32.46
N2 NAG K . 19.67 12.93 34.31
O3 NAG K . 19.69 13.66 37.08
O4 NAG K . 18.73 11.63 38.89
O5 NAG K . 16.86 10.83 35.73
O6 NAG K . 15.70 8.88 37.46
O7 NAG K . 18.53 14.29 32.95
C1 NAG K . 18.21 12.26 40.16
C2 NAG K . 19.08 11.69 41.36
C3 NAG K . 18.52 12.29 42.70
C4 NAG K . 18.58 13.86 42.63
C5 NAG K . 17.72 14.35 41.40
C6 NAG K . 17.78 15.86 41.21
C7 NAG K . 19.94 9.37 40.97
C8 NAG K . 19.72 7.88 41.00
N2 NAG K . 18.96 10.20 41.37
O3 NAG K . 19.34 11.83 43.79
O4 NAG K . 18.05 14.39 43.85
O5 NAG K . 18.25 13.72 40.16
O6 NAG K . 16.82 16.31 40.26
O7 NAG K . 21.02 9.80 40.55
C1 NAG L . 34.31 34.05 -2.69
C2 NAG L . 34.90 35.52 -2.78
C3 NAG L . 35.67 35.67 -4.14
C4 NAG L . 36.80 34.57 -4.23
C5 NAG L . 36.13 33.15 -4.12
C6 NAG L . 37.12 31.99 -4.16
C7 NAG L . 33.63 37.42 -1.73
C8 NAG L . 32.43 38.35 -1.73
N2 NAG L . 33.78 36.50 -2.70
O3 NAG L . 36.24 36.98 -4.24
O4 NAG L . 37.53 34.69 -5.49
O5 NAG L . 35.38 33.06 -2.83
O6 NAG L . 36.47 30.73 -4.17
O7 NAG L . 34.47 37.54 -0.82
C1 NAG L . 39.03 34.85 -5.35
C2 NAG L . 39.71 34.60 -6.75
C3 NAG L . 41.27 34.74 -6.58
C4 NAG L . 41.60 36.17 -6.01
C5 NAG L . 40.86 36.37 -4.64
C6 NAG L . 41.05 37.76 -4.05
C7 NAG L . 38.81 32.91 -8.37
C8 NAG L . 38.55 31.48 -8.72
N2 NAG L . 39.41 33.21 -7.20
O3 NAG L . 41.91 34.58 -7.85
O4 NAG L . 43.02 36.29 -5.83
O5 NAG L . 39.40 36.17 -4.83
O6 NAG L . 40.55 37.84 -2.71
O7 NAG L . 38.48 33.80 -9.17
C1 NAG M . 4.93 26.33 22.37
C2 NAG M . 3.55 27.08 22.22
C3 NAG M . 3.79 28.50 21.61
C4 NAG M . 4.75 29.33 22.55
C5 NAG M . 6.10 28.50 22.67
C6 NAG M . 7.16 29.05 23.62
C7 NAG M . 1.44 25.95 21.54
C8 NAG M . 0.72 25.04 20.57
N2 NAG M . 2.73 26.22 21.32
O3 NAG M . 2.52 29.16 21.52
O4 NAG M . 4.96 30.61 21.88
O5 NAG M . 5.82 27.14 23.20
O6 NAG M . 6.65 29.35 24.92
O7 NAG M . 0.84 26.42 22.53
C1 NAG M . 5.24 31.82 22.76
C2 NAG M . 6.14 32.83 21.92
C3 NAG M . 6.48 34.05 22.84
C4 NAG M . 5.15 34.73 23.34
C5 NAG M . 4.29 33.66 24.12
C6 NAG M . 2.93 34.18 24.58
C7 NAG M . 7.58 31.59 20.31
C8 NAG M . 8.88 30.91 19.97
N2 NAG M . 7.40 32.15 21.52
O3 NAG M . 7.25 35.01 22.11
O4 NAG M . 5.47 35.82 24.19
O5 NAG M . 4.03 32.49 23.22
O6 NAG M . 3.04 35.09 25.67
O7 NAG M . 6.70 31.61 19.44
C1 NAG N . 29.08 19.91 29.23
C2 NAG N . 30.45 19.96 28.40
C3 NAG N . 31.23 18.62 28.65
C4 NAG N . 31.50 18.43 30.18
C5 NAG N . 30.12 18.44 30.94
C6 NAG N . 30.19 18.33 32.46
C7 NAG N . 30.15 21.24 26.25
C8 NAG N . 29.73 21.31 24.81
N2 NAG N . 30.08 20.09 26.94
O3 NAG N . 32.48 18.69 27.93
O4 NAG N . 32.15 17.12 30.40
O5 NAG N . 29.40 19.71 30.66
O6 NAG N . 31.08 19.28 33.06
O7 NAG N . 30.56 22.29 26.80
C1 NAG N . 33.35 17.10 31.32
C2 NAG N . 33.50 15.64 31.94
C3 NAG N . 34.73 15.65 32.92
C4 NAG N . 36.03 16.09 32.15
C5 NAG N . 35.80 17.51 31.53
C6 NAG N . 36.96 17.98 30.66
C7 NAG N . 31.37 14.39 32.24
C8 NAG N . 30.15 14.08 33.06
N2 NAG N . 32.27 15.27 32.69
O3 NAG N . 34.92 14.33 33.47
O4 NAG N . 37.12 16.13 33.08
O5 NAG N . 34.59 17.48 30.64
O6 NAG N . 37.21 17.13 29.55
O7 NAG N . 31.52 13.80 31.15
C1 NAG O . 38.16 19.48 13.06
C2 NAG O . 38.70 19.28 11.64
C3 NAG O . 39.12 17.82 11.45
C4 NAG O . 40.12 17.43 12.53
C5 NAG O . 39.54 17.70 13.90
C6 NAG O . 40.51 17.43 15.03
C7 NAG O . 37.67 20.87 10.09
C8 NAG O . 36.80 21.01 8.88
N2 NAG O . 37.73 19.65 10.63
O3 NAG O . 39.65 17.64 10.15
O4 NAG O . 40.42 16.04 12.41
O5 NAG O . 39.13 19.08 14.02
O6 NAG O . 41.84 17.80 14.67
O7 NAG O . 38.29 21.82 10.56
C1 NAG O . 41.76 15.90 11.89
C2 NAG O . 42.44 14.73 12.59
C3 NAG O . 43.84 14.56 12.05
C4 NAG O . 43.80 14.41 10.53
C5 NAG O . 43.08 15.60 9.92
C6 NAG O . 42.90 15.48 8.42
C7 NAG O . 42.47 13.90 14.89
C8 NAG O . 41.63 14.06 16.12
N2 NAG O . 42.47 14.91 14.04
O3 NAG O . 44.46 13.43 12.66
O4 NAG O . 45.14 14.38 10.03
O5 NAG O . 41.76 15.74 10.49
O6 NAG O . 42.19 16.59 7.89
O7 NAG O . 43.13 12.88 14.69
C1 NAG P . 13.33 35.44 -31.24
C2 NAG P . 13.45 34.71 -32.68
C3 NAG P . 14.81 33.92 -32.69
C4 NAG P . 16.04 34.87 -32.39
C5 NAG P . 15.79 35.57 -31.00
C6 NAG P . 16.86 36.58 -30.58
C7 NAG P . 11.20 33.90 -33.52
C8 NAG P . 10.13 32.84 -33.57
N2 NAG P . 12.34 33.71 -32.82
O3 NAG P . 14.97 33.33 -33.99
O4 NAG P . 17.21 33.99 -32.30
O5 NAG P . 14.50 36.30 -31.03
O6 NAG P . 16.52 37.26 -29.37
O7 NAG P . 11.00 34.98 -34.10
C1 NAG P . 18.49 34.50 -32.92
C2 NAG P . 19.54 33.31 -32.98
C3 NAG P . 20.89 33.87 -33.56
C4 NAG P . 20.64 34.50 -34.98
C5 NAG P . 19.56 35.64 -34.85
C6 NAG P . 19.18 36.27 -36.19
C7 NAG P . 19.80 31.48 -31.30
C8 NAG P . 20.03 31.04 -29.88
N2 NAG P . 19.76 32.79 -31.59
O3 NAG P . 21.85 32.81 -33.66
O4 NAG P . 21.86 35.04 -35.48
O5 NAG P . 18.31 35.08 -34.26
O6 NAG P . 18.40 37.45 -36.03
O7 NAG P . 19.66 30.62 -32.18
C1 NAG Q . 34.31 38.33 5.48
C2 NAG Q . 35.13 36.96 5.38
C3 NAG Q . 36.01 36.82 6.66
C4 NAG Q . 36.97 38.05 6.81
C5 NAG Q . 36.09 39.35 6.89
C6 NAG Q . 36.88 40.65 7.02
C7 NAG Q . 33.75 35.25 4.16
C8 NAG Q . 32.75 34.15 4.19
N2 NAG Q . 34.15 35.84 5.31
O3 NAG Q . 36.79 35.61 6.56
O4 NAG Q . 37.74 37.93 8.04
O5 NAG Q . 35.25 39.45 5.67
O6 NAG Q . 36.03 41.76 7.27
O7 NAG Q . 34.21 35.62 3.07
C1 NAG Q . 39.24 38.06 7.91
C2 NAG Q . 39.84 38.27 9.35
C3 NAG Q . 41.40 38.41 9.21
C4 NAG Q . 41.99 37.13 8.52
C5 NAG Q . 41.32 36.99 7.09
C6 NAG Q . 41.77 35.74 6.34
C7 NAG Q . 38.60 39.61 11.06
C8 NAG Q . 38.08 40.94 11.52
N2 NAG Q . 39.28 39.53 9.91
O3 NAG Q . 41.98 38.53 10.53
O4 NAG Q . 43.41 37.28 8.37
O5 NAG Q . 39.84 36.89 7.26
O6 NAG Q . 41.38 35.78 4.97
O7 NAG Q . 38.40 38.60 11.75
C1 NAG R . -33.63 15.24 10.75
C2 NAG R . -32.38 15.02 11.71
C3 NAG R . -32.32 16.21 12.73
C4 NAG R . -32.18 17.56 11.94
C5 NAG R . -33.41 17.70 10.98
C6 NAG R . -33.31 18.92 10.06
C7 NAG R . -31.99 12.58 11.96
C8 NAG R . -32.23 11.31 12.70
N2 NAG R . -32.55 13.72 12.41
O3 NAG R . -31.19 16.03 13.61
O4 NAG R . -32.17 18.70 12.87
O5 NAG R . -33.47 16.53 10.07
O6 NAG R . -34.55 19.19 9.41
O7 NAG R . -31.29 12.56 10.94
C1 NAG R . -30.94 19.58 12.82
C2 NAG R . -31.31 21.05 13.32
C3 NAG R . -30.00 21.92 13.19
C4 NAG R . -28.84 21.29 14.03
C5 NAG R . -28.60 19.83 13.53
C6 NAG R . -27.54 19.08 14.35
C7 NAG R . -33.62 21.82 12.82
C8 NAG R . -34.60 22.41 11.84
N2 NAG R . -32.36 21.63 12.43
O3 NAG R . -30.29 23.24 13.70
O4 NAG R . -27.63 22.05 13.76
O5 NAG R . -29.85 19.04 13.62
O6 NAG R . -27.94 18.83 15.70
O7 NAG R . -34.01 21.52 13.95
C1 BMA R . -26.97 22.72 14.92
C2 BMA R . -25.51 23.11 14.49
C3 BMA R . -24.80 23.78 15.70
C4 BMA R . -25.61 25.03 16.13
C5 BMA R . -27.06 24.58 16.52
C6 BMA R . -27.94 25.76 16.89
O2 BMA R . -25.54 23.99 13.36
O3 BMA R . -23.46 24.19 15.31
O4 BMA R . -24.97 25.64 17.26
O5 BMA R . -27.69 23.90 15.37
O6 BMA R . -28.09 26.65 15.78
C1 MAN R . -22.34 23.16 15.48
C2 MAN R . -21.54 23.45 16.81
C3 MAN R . -20.78 24.81 16.65
C4 MAN R . -19.83 24.75 15.40
C5 MAN R . -20.71 24.43 14.12
C6 MAN R . -19.87 24.28 12.85
O2 MAN R . -20.63 22.37 17.08
O3 MAN R . -20.03 25.09 17.84
O4 MAN R . -19.18 26.02 15.24
O5 MAN R . -21.44 23.16 14.33
O6 MAN R . -20.67 24.14 11.67
C1 MAN R . -29.48 27.17 15.58
C2 MAN R . -29.61 27.70 14.10
C3 MAN R . -28.71 28.96 13.96
C4 MAN R . -29.12 30.04 15.03
C5 MAN R . -28.97 29.41 16.46
C6 MAN R . -29.42 30.37 17.58
O2 MAN R . -30.99 27.93 13.77
O3 MAN R . -28.84 29.49 12.63
O4 MAN R . -28.25 31.18 14.90
O5 MAN R . -29.82 28.19 16.55
O6 MAN R . -29.12 29.83 18.87
C1 NAG S . -41.18 16.03 8.64
C2 NAG S . -40.10 17.02 8.01
C3 NAG S . -40.77 18.41 7.75
C4 NAG S . -41.99 18.22 6.77
C5 NAG S . -43.01 17.21 7.44
C6 NAG S . -44.22 16.89 6.54
C7 NAG S . -37.79 16.52 8.75
C8 NAG S . -36.69 16.66 9.75
N2 NAG S . -38.96 17.15 8.94
O3 NAG S . -39.80 19.30 7.17
O4 NAG S . -42.66 19.50 6.58
O5 NAG S . -42.31 15.92 7.71
O6 NAG S . -45.13 16.01 7.19
O7 NAG S . -37.59 15.81 7.75
C1 NAG S . -42.83 19.94 5.14
C2 NAG S . -43.82 21.18 5.10
C3 NAG S . -44.03 21.58 3.60
C4 NAG S . -42.64 21.93 2.95
C5 NAG S . -41.70 20.67 3.07
C6 NAG S . -40.28 20.94 2.56
C7 NAG S . -45.57 21.23 6.89
C8 NAG S . -46.89 20.76 7.42
N2 NAG S . -45.12 20.77 5.70
O3 NAG S . -44.89 22.73 3.52
O4 NAG S . -42.83 22.25 1.57
O5 NAG S . -41.57 20.28 4.51
O6 NAG S . -39.63 21.99 3.27
O7 NAG S . -44.89 22.03 7.57
C1 NAG T . -0.43 9.25 40.20
C2 NAG T . -1.50 8.46 41.09
C3 NAG T . -1.15 8.70 42.59
C4 NAG T . 0.30 8.22 42.91
C5 NAG T . 1.29 8.99 41.98
C6 NAG T . 2.76 8.57 42.15
C7 NAG T . -3.92 8.27 40.56
C8 NAG T . -5.24 8.93 40.32
N2 NAG T . -2.84 9.02 40.81
O3 NAG T . -2.10 7.97 43.41
O4 NAG T . 0.56 8.59 44.30
O5 NAG T . 0.92 8.77 40.55
O6 NAG T . 3.62 9.28 41.27
O7 NAG T . -3.84 7.03 40.52
C1 NAG T . 1.18 7.54 45.20
C2 NAG T . 1.43 8.20 46.61
C3 NAG T . 2.12 7.14 47.54
C4 NAG T . 1.22 5.86 47.64
C5 NAG T . 0.99 5.29 46.20
C6 NAG T . 0.06 4.07 46.17
C7 NAG T . 1.85 10.66 46.37
C8 NAG T . 2.81 11.80 46.19
N2 NAG T . 2.31 9.40 46.44
O3 NAG T . 2.31 7.71 48.85
O4 NAG T . 1.87 4.90 48.48
O5 NAG T . 0.36 6.33 45.33
O6 NAG T . 0.69 2.89 46.64
O7 NAG T . 0.63 10.90 46.45
C1 NAG U . -41.65 19.09 19.12
C2 NAG U . -43.13 18.81 19.65
C3 NAG U . -44.14 19.59 18.74
C4 NAG U . -43.80 21.13 18.81
C5 NAG U . -42.33 21.34 18.30
C6 NAG U . -41.85 22.79 18.34
C7 NAG U . -43.64 16.58 20.67
C8 NAG U . -43.88 15.10 20.52
N2 NAG U . -43.40 17.34 19.59
O3 NAG U . -45.48 19.36 19.21
O4 NAG U . -44.72 21.91 17.97
O5 NAG U . -41.40 20.55 19.15
O6 NAG U . -42.05 23.42 19.61
O7 NAG U . -43.67 17.08 21.81
C1 NAG U . -45.47 23.01 18.70
C2 NAG U . -45.98 24.07 17.64
C3 NAG U . -46.74 25.20 18.42
C4 NAG U . -47.92 24.59 19.26
C5 NAG U . -47.33 23.53 20.26
C6 NAG U . -48.41 22.80 21.07
C7 NAG U . -44.61 24.59 15.62
C8 NAG U . -43.39 25.23 15.02
N2 NAG U . -44.81 24.67 16.94
O3 NAG U . -47.27 26.16 17.47
O4 NAG U . -48.59 25.63 19.98
O5 NAG U . -46.59 22.49 19.49
O6 NAG U . -47.86 22.10 22.18
O7 NAG U . -45.42 24.02 14.87
C1 NAG V . -13.22 -6.83 28.62
C2 NAG V . -13.39 -8.27 27.96
C3 NAG V . -14.92 -8.59 27.87
C4 NAG V . -15.57 -8.58 29.30
C5 NAG V . -15.30 -7.15 29.94
C6 NAG V . -15.72 -7.01 31.41
C7 NAG V . -11.47 -8.62 26.40
C8 NAG V . -10.86 -8.56 25.03
N2 NAG V . -12.76 -8.26 26.61
O3 NAG V . -15.08 -9.90 27.27
O4 NAG V . -17.01 -8.76 29.12
O5 NAG V . -13.85 -6.86 29.95
O6 NAG V . -15.30 -8.10 32.23
O7 NAG V . -10.77 -9.02 27.35
C1 NAG V . -17.76 -9.61 30.14
C2 NAG V . -19.24 -9.05 30.25
C3 NAG V . -20.01 -9.91 31.32
C4 NAG V . -20.00 -11.42 30.90
C5 NAG V . -18.50 -11.90 30.77
C6 NAG V . -18.36 -13.34 30.28
C7 NAG V . -19.38 -6.58 29.90
C8 NAG V . -19.32 -5.19 30.45
N2 NAG V . -19.21 -7.64 30.72
O3 NAG V . -21.37 -9.45 31.41
O4 NAG V . -20.68 -12.19 31.89
O5 NAG V . -17.78 -11.03 29.79
O6 NAG V . -18.75 -14.30 31.26
O7 NAG V . -19.58 -6.73 28.68
C1 NAG W . -14.39 15.18 41.63
C2 NAG W . -15.45 16.34 41.90
C3 NAG W . -14.68 17.70 42.03
C4 NAG W . -13.63 17.62 43.20
C5 NAG W . -12.64 16.44 42.88
C6 NAG W . -11.58 16.16 43.96
C7 NAG W . -17.57 15.76 40.69
C8 NAG W . -18.43 15.87 39.48
N2 NAG W . -16.38 16.40 40.73
O3 NAG W . -15.63 18.74 42.33
O4 NAG W . -12.90 18.89 43.21
O5 NAG W . -13.40 15.16 42.72
O6 NAG W . -12.13 16.04 45.26
O7 NAG W . -17.96 15.07 41.65
C1 NAG W . -12.56 19.47 44.56
C2 NAG W . -11.40 20.54 44.36
C3 NAG W . -11.03 21.13 45.77
C4 NAG W . -12.30 21.77 46.44
C5 NAG W . -13.41 20.65 46.57
C6 NAG W . -14.72 21.17 47.16
C7 NAG W . -9.91 19.85 42.48
C8 NAG W . -8.70 19.12 42.01
N2 NAG W . -10.21 19.85 43.79
O3 NAG W . -10.02 22.14 45.61
O4 NAG W . -11.95 22.29 47.73
O5 NAG W . -13.71 20.09 45.23
O6 NAG W . -15.59 20.09 47.51
O7 NAG W . -10.61 20.45 41.65
C1 NAG X . -41.60 15.55 27.61
C2 NAG X . -40.72 16.89 27.55
C3 NAG X . -40.41 17.33 29.02
C4 NAG X . -41.75 17.56 29.82
C5 NAG X . -42.58 16.22 29.80
C6 NAG X . -43.93 16.31 30.50
C7 NAG X . -39.30 16.82 25.50
C8 NAG X . -38.02 16.45 24.80
N2 NAG X . -39.46 16.57 26.82
O3 NAG X . -39.66 18.56 28.97
O4 NAG X . -41.45 17.90 31.20
O5 NAG X . -42.83 15.81 28.39
O6 NAG X . -44.72 17.42 30.08
O7 NAG X . -40.22 17.33 24.84
C1 NAG X . -42.03 19.21 31.72
C2 NAG X . -42.11 19.14 33.30
C3 NAG X . -42.72 20.50 33.81
C4 NAG X . -41.85 21.70 33.31
C5 NAG X . -41.78 21.67 31.74
C6 NAG X . -40.87 22.76 31.17
C7 NAG X . -42.57 17.02 34.51
C8 NAG X . -43.53 15.92 34.88
N2 NAG X . -42.98 18.03 33.73
O3 NAG X . -42.76 20.50 35.25
O4 NAG X . -42.43 22.93 33.75
O5 NAG X . -41.23 20.36 31.29
O6 NAG X . -39.51 22.65 31.62
O7 NAG X . -41.41 16.97 34.93
C1 NAG Y . -48.70 -2.04 29.60
C2 NAG Y . -47.80 -1.08 30.49
C3 NAG Y . -47.90 -1.57 31.98
C4 NAG Y . -49.38 -1.53 32.48
C5 NAG Y . -50.24 -2.44 31.51
C6 NAG Y . -51.75 -2.43 31.79
C7 NAG Y . -45.87 -0.23 29.16
C8 NAG Y . -44.46 -0.36 28.67
N2 NAG Y . -46.40 -1.15 29.99
O3 NAG Y . -47.08 -0.71 32.80
O4 NAG Y . -49.39 -2.08 33.84
O5 NAG Y . -50.09 -1.98 30.09
O6 NAG Y . -52.29 -1.11 31.98
O7 NAG Y . -46.55 0.75 28.79
C1 NAG Y . -50.28 -1.39 34.86
C2 NAG Y . -49.98 -1.99 36.29
C3 NAG Y . -50.95 -1.30 37.32
C4 NAG Y . -50.74 0.25 37.29
C5 NAG Y . -51.01 0.78 35.84
C6 NAG Y . -50.74 2.28 35.69
C7 NAG Y . -49.43 -4.35 36.91
C8 NAG Y . -49.75 -5.82 36.83
N2 NAG Y . -50.21 -3.47 36.27
O3 NAG Y . -50.67 -1.79 38.65
O4 NAG Y . -51.64 0.87 38.21
O5 NAG Y . -50.10 0.07 34.87
O6 NAG Y . -51.14 2.75 34.40
O7 NAG Y . -48.45 -3.98 37.57
C1 NAG Z . 6.05 -31.42 0.43
C2 NAG Z . 6.00 -30.38 1.63
C3 NAG Z . 5.43 -31.07 2.91
C4 NAG Z . 3.99 -31.63 2.60
C5 NAG Z . 4.12 -32.65 1.42
C6 NAG Z . 2.77 -33.26 1.00
C7 NAG Z . 7.75 -28.64 1.78
C8 NAG Z . 9.19 -28.28 2.02
N2 NAG Z . 7.38 -29.91 1.86
O3 NAG Z . 5.38 -30.11 3.99
O4 NAG Z . 3.40 -32.32 3.73
O5 NAG Z . 4.71 -31.97 0.23
O6 NAG Z . 1.82 -32.29 0.56
O7 NAG Z . 6.95 -27.74 1.51
C1 NAG Z . 2.27 -31.59 4.41
C2 NAG Z . 1.47 -32.55 5.37
C3 NAG Z . 0.28 -31.73 6.00
C4 NAG Z . 0.84 -30.46 6.77
C5 NAG Z . 1.67 -29.60 5.75
C6 NAG Z . 2.37 -28.41 6.39
C7 NAG Z . 1.37 -34.95 4.70
C8 NAG Z . 0.76 -36.03 3.85
N2 NAG Z . 0.93 -33.68 4.58
O3 NAG Z . -0.43 -32.58 6.91
O4 NAG Z . -0.24 -29.59 7.21
O5 NAG Z . 2.74 -30.43 5.13
O6 NAG Z . 3.30 -28.79 7.39
O7 NAG Z . 2.26 -35.25 5.52
C1 BMA Z . -0.95 -29.89 8.52
C2 BMA Z . -1.29 -28.52 9.20
C3 BMA Z . -1.99 -28.83 10.58
C4 BMA Z . -3.27 -29.67 10.31
C5 BMA Z . -2.86 -30.99 9.59
C6 BMA Z . -4.06 -31.85 9.25
O2 BMA Z . -2.14 -27.77 8.33
O3 BMA Z . -2.29 -27.67 11.43
O4 BMA Z . -3.91 -29.97 11.54
O5 BMA Z . -2.16 -30.67 8.33
O6 BMA Z . -3.66 -33.07 8.61
C1 MAN Z . -2.48 -26.27 10.87
C2 MAN Z . -2.41 -25.22 12.05
C3 MAN Z . -3.68 -25.37 12.94
C4 MAN Z . -4.97 -25.19 12.07
C5 MAN Z . -4.96 -26.27 10.92
C6 MAN Z . -6.15 -26.12 9.96
O2 MAN Z . -2.29 -23.89 11.50
O3 MAN Z . -3.65 -24.41 14.01
O4 MAN Z . -6.12 -25.36 12.90
O5 MAN Z . -3.72 -26.11 10.11
O6 MAN Z . -6.25 -27.24 9.07
C1 MAN Z . -3.86 -34.27 9.47
C2 MAN Z . -3.27 -35.51 8.71
C3 MAN Z . -4.14 -35.74 7.43
C4 MAN Z . -5.65 -35.96 7.83
C5 MAN Z . -6.14 -34.70 8.63
C6 MAN Z . -7.57 -34.85 9.16
O2 MAN Z . -3.23 -36.65 9.56
O3 MAN Z . -3.65 -36.89 6.71
O4 MAN Z . -6.41 -36.07 6.63
O5 MAN Z . -5.26 -34.49 9.81
O6 MAN Z . -8.05 -33.64 9.74
C1 NAG AA . 7.45 -37.84 -4.07
C2 NAG AA . 5.99 -37.21 -4.17
C3 NAG AA . 4.95 -38.36 -4.36
C4 NAG AA . 5.29 -39.15 -5.68
C5 NAG AA . 6.75 -39.74 -5.52
C6 NAG AA . 7.22 -40.47 -6.78
C7 NAG AA . 5.70 -35.08 -2.90
C8 NAG AA . 5.48 -34.35 -1.61
N2 NAG AA . 5.74 -36.43 -2.93
O3 NAG AA . 3.64 -37.76 -4.45
O4 NAG AA . 4.36 -40.27 -5.84
O5 NAG AA . 7.72 -38.63 -5.28
O6 NAG AA . 8.52 -41.03 -6.62
O7 NAG AA . 5.86 -34.42 -3.94
C1 NAG AA . 3.37 -40.14 -6.97
C2 NAG AA . 2.69 -41.55 -7.22
C3 NAG AA . 1.65 -41.41 -8.38
C4 NAG AA . 0.59 -40.31 -8.02
C5 NAG AA . 1.33 -38.95 -7.77
C6 NAG AA . 0.39 -37.83 -7.32
C7 NAG AA . 3.84 -43.77 -7.13
C8 NAG AA . 4.94 -44.67 -7.60
N2 NAG AA . 3.75 -42.53 -7.62
O3 NAG AA . 0.97 -42.67 -8.57
O4 NAG AA . -0.34 -40.17 -9.09
O5 NAG AA . 2.35 -39.13 -6.69
O6 NAG AA . -0.38 -38.16 -6.16
O7 NAG AA . 3.02 -44.19 -6.30
C1 NAG BA . 10.33 -5.99 36.81
C2 NAG BA . 11.83 -5.87 37.05
C3 NAG BA . 12.14 -6.35 38.46
C4 NAG BA . 11.32 -5.55 39.46
C5 NAG BA . 9.84 -5.67 39.13
C6 NAG BA . 8.95 -4.83 40.02
C7 NAG BA . 13.15 -7.82 36.25
C8 NAG BA . 13.83 -8.41 35.05
N2 NAG BA . 12.55 -6.63 36.04
O3 NAG BA . 13.54 -6.22 38.73
O4 NAG BA . 11.54 -6.07 40.77
O5 NAG BA . 9.60 -5.24 37.78
O6 NAG BA . 7.58 -4.97 39.65
O7 NAG BA . 13.12 -8.40 37.33
C1 NAG BA . 12.08 -5.02 41.58
C2 NAG BA . 11.70 -5.29 43.04
C3 NAG BA . 12.25 -4.18 43.93
C4 NAG BA . 13.75 -4.07 43.72
C5 NAG BA . 14.05 -3.84 42.24
C6 NAG BA . 15.52 -3.81 41.93
C7 NAG BA . 9.66 -5.77 44.33
C8 NAG BA . 8.17 -5.81 44.28
N2 NAG BA . 10.26 -5.41 43.18
O3 NAG BA . 11.95 -4.45 45.28
O4 NAG BA . 14.27 -2.98 44.47
O5 NAG BA . 13.48 -4.90 41.45
O6 NAG BA . 15.77 -3.60 40.55
O7 NAG BA . 10.30 -6.03 45.33
C1 NAG CA . 9.14 -41.76 6.29
C2 NAG CA . 10.19 -42.95 6.10
C3 NAG CA . 9.51 -44.07 5.26
C4 NAG CA . 8.20 -44.58 5.97
C5 NAG CA . 7.23 -43.35 6.18
C6 NAG CA . 5.96 -43.70 6.94
C7 NAG CA . 12.56 -42.16 5.93
C8 NAG CA . 13.70 -41.61 5.12
N2 NAG CA . 11.37 -42.42 5.35
O3 NAG CA . 10.43 -45.15 5.09
O4 NAG CA . 7.56 -45.52 5.08
O5 NAG CA . 7.93 -42.27 6.95
O6 NAG CA . 5.05 -42.62 6.98
O7 NAG CA . 12.74 -42.36 7.15
C1 NAG CA . 7.31 -46.90 5.62
C2 NAG CA . 6.25 -47.61 4.67
C3 NAG CA . 5.97 -49.04 5.25
C4 NAG CA . 7.31 -49.86 5.33
C5 NAG CA . 8.33 -49.08 6.26
C6 NAG CA . 9.70 -49.75 6.32
C7 NAG CA . 4.67 -45.95 3.67
C8 NAG CA . 3.38 -45.18 3.74
N2 NAG CA . 5.00 -46.80 4.66
O3 NAG CA . 5.04 -49.73 4.38
O4 NAG CA . 7.05 -51.16 5.87
O5 NAG CA . 8.53 -47.70 5.72
O6 NAG CA . 10.53 -49.19 7.34
O7 NAG CA . 5.41 -45.78 2.69
C1 NAG DA . 24.22 -6.91 17.73
C2 NAG DA . 25.30 -6.33 16.71
C3 NAG DA . 26.01 -7.54 16.01
C4 NAG DA . 26.66 -8.48 17.09
C5 NAG DA . 25.55 -8.97 18.08
C6 NAG DA . 26.06 -9.88 19.20
C7 NAG DA . 24.38 -4.22 15.76
C8 NAG DA . 23.64 -3.53 14.65
N2 NAG DA . 24.60 -5.53 15.67
O3 NAG DA . 27.05 -7.05 15.14
O4 NAG DA . 27.14 -9.65 16.36
O5 NAG DA . 24.88 -7.78 18.70
O6 NAG DA . 27.26 -9.42 19.83
O7 NAG DA . 24.77 -3.54 16.73
C1 NAG DA . 28.60 -9.93 16.44
C2 NAG DA . 28.82 -11.43 16.02
C3 NAG DA . 30.37 -11.75 16.13
C4 NAG DA . 31.17 -10.76 15.21
C5 NAG DA . 30.85 -9.28 15.65
C6 NAG DA . 31.52 -8.23 14.75
C7 NAG DA . 26.87 -12.86 16.64
C8 NAG DA . 26.12 -13.71 17.63
N2 NAG DA . 28.05 -12.29 16.96
O3 NAG DA . 30.61 -13.10 15.71
O4 NAG DA . 32.57 -11.03 15.36
O5 NAG DA . 29.38 -9.04 15.59
O6 NAG DA . 31.20 -8.39 13.37
O7 NAG DA . 26.36 -12.71 15.50
C1 NAG EA . 11.46 -21.73 34.67
C2 NAG EA . 10.71 -23.13 34.75
C3 NAG EA . 9.47 -22.99 35.68
C4 NAG EA . 9.91 -22.52 37.10
C5 NAG EA . 10.65 -21.14 36.96
C6 NAG EA . 11.19 -20.59 38.27
C7 NAG EA . 10.40 -24.75 32.89
C8 NAG EA . 9.94 -25.09 31.50
N2 NAG EA . 10.27 -23.51 33.38
O3 NAG EA . 8.81 -24.27 35.80
O4 NAG EA . 8.72 -22.37 37.92
O5 NAG EA . 11.80 -21.30 36.04
O6 NAG EA . 11.78 -19.30 38.11
O7 NAG EA . 10.90 -25.66 33.56
C1 NAG EA . 8.77 -23.00 39.30
C2 NAG EA . 7.66 -22.31 40.19
C3 NAG EA . 7.75 -22.93 41.63
C4 NAG EA . 7.55 -24.49 41.56
C5 NAG EA . 8.66 -25.09 40.61
C6 NAG EA . 8.51 -26.60 40.40
C7 NAG EA . 7.33 -19.97 39.40
C8 NAG EA . 7.66 -18.51 39.51
N2 NAG EA . 7.92 -20.85 40.24
O3 NAG EA . 6.73 -22.34 42.45
O4 NAG EA . 7.73 -25.01 42.91
O5 NAG EA . 8.57 -24.45 39.26
O6 NAG EA . 9.54 -27.16 39.57
O7 NAG EA . 6.51 -20.34 38.55
C1 BMA EA . 6.66 -25.95 43.39
C2 BMA EA . 7.09 -26.52 44.81
C3 BMA EA . 5.98 -27.54 45.25
C4 BMA EA . 4.58 -26.84 45.28
C5 BMA EA . 4.25 -26.26 43.85
C6 BMA EA . 2.95 -25.47 43.81
O2 BMA EA . 7.25 -25.47 45.77
O3 BMA EA . 6.31 -28.07 46.54
O4 BMA EA . 3.59 -27.81 45.64
O5 BMA EA . 5.34 -25.33 43.45
O6 BMA EA . 2.55 -25.18 42.47
C1 NAG FA . 1.55 -32.97 25.59
C2 NAG FA . 0.55 -33.91 24.93
C3 NAG FA . -0.87 -33.56 25.38
C4 NAG FA . -0.95 -33.58 26.90
C5 NAG FA . 0.09 -32.64 27.48
C6 NAG FA . 0.14 -32.68 28.99
C7 NAG FA . 1.23 -34.84 22.77
C8 NAG FA . 2.00 -34.38 21.58
N2 NAG FA . 0.64 -33.88 23.49
O3 NAG FA . -1.78 -34.48 24.80
O4 NAG FA . -2.25 -33.14 27.29
O5 NAG FA . 1.40 -33.00 27.01
O6 NAG FA . -0.01 -34.01 29.48
O7 NAG FA . 1.17 -36.03 23.09
C1 NAG FA . -2.96 -34.27 27.83
C2 NAG FA . -3.85 -33.80 28.98
C3 NAG FA . -4.59 -35.01 29.56
C4 NAG FA . -5.36 -35.72 28.47
C5 NAG FA . -4.41 -36.12 27.34
C6 NAG FA . -5.12 -36.74 26.16
C7 NAG FA . -3.46 -31.95 30.52
C8 NAG FA . -2.83 -30.75 29.90
N2 NAG FA . -3.09 -33.13 30.02
O3 NAG FA . -5.46 -34.57 30.61
O4 NAG FA . -5.95 -36.90 29.01
O5 NAG FA . -3.72 -34.96 26.85
O6 NAG FA . -6.32 -36.03 25.86
O7 NAG FA . -4.27 -31.87 31.44
C1 NAG GA . 6.50 -28.14 -41.63
C2 NAG GA . 5.05 -27.67 -42.06
C3 NAG GA . 4.27 -28.90 -42.66
C4 NAG GA . 5.09 -29.45 -43.90
C5 NAG GA . 6.54 -29.86 -43.43
C6 NAG GA . 7.43 -30.35 -44.58
C7 NAG GA . 4.38 -25.71 -40.64
C8 NAG GA . 3.71 -25.06 -39.47
N2 NAG GA . 4.36 -27.05 -40.86
O3 NAG GA . 2.96 -28.53 -43.08
O4 NAG GA . 4.44 -30.60 -44.52
O5 NAG GA . 7.21 -28.68 -42.81
O6 NAG GA . 8.72 -30.73 -44.13
O7 NAG GA . 4.96 -24.96 -41.44
C1 NAG GA . 3.45 -30.34 -45.65
C2 NAG GA . 3.83 -31.26 -46.89
C3 NAG GA . 2.78 -30.97 -48.04
C4 NAG GA . 1.33 -31.26 -47.51
C5 NAG GA . 1.04 -30.34 -46.27
C6 NAG GA . -0.32 -30.62 -45.61
C7 NAG GA . 6.07 -31.76 -47.88
C8 NAG GA . 7.44 -31.30 -48.33
N2 NAG GA . 5.20 -30.88 -47.36
O3 NAG GA . 3.04 -31.81 -49.18
O4 NAG GA . 0.38 -30.97 -48.55
O5 NAG GA . 2.08 -30.60 -45.22
O6 NAG GA . -0.41 -31.92 -45.05
O7 NAG GA . 5.78 -32.97 -47.99
C1 NAG HA . 7.76 -32.80 -27.94
C2 NAG HA . 6.88 -32.72 -29.27
C3 NAG HA . 5.58 -33.53 -28.97
C4 NAG HA . 5.85 -35.03 -28.57
C5 NAG HA . 6.83 -35.00 -27.32
C6 NAG HA . 7.40 -36.37 -26.91
C7 NAG HA . 7.14 -30.46 -30.38
C8 NAG HA . 6.65 -29.04 -30.55
N2 NAG HA . 6.49 -31.29 -29.54
O3 NAG HA . 4.77 -33.51 -30.18
O4 NAG HA . 4.49 -35.44 -28.16
O5 NAG HA . 8.05 -34.19 -27.62
O6 NAG HA . 8.14 -36.33 -25.69
O7 NAG HA . 8.13 -30.85 -31.02
C1 NAG HA . 4.09 -36.90 -28.14
C2 NAG HA . 3.32 -37.16 -26.78
C3 NAG HA . 2.91 -38.68 -26.73
C4 NAG HA . 2.00 -39.01 -27.96
C5 NAG HA . 2.80 -38.68 -29.28
C6 NAG HA . 1.95 -38.87 -30.54
C7 NAG HA . 4.12 -35.67 -24.94
C8 NAG HA . 5.04 -35.43 -23.77
N2 NAG HA . 4.18 -36.84 -25.60
O3 NAG HA . 2.18 -38.94 -25.51
O4 NAG HA . 1.66 -40.40 -27.93
O5 NAG HA . 3.23 -37.25 -29.27
O6 NAG HA . 0.84 -37.96 -30.59
O7 NAG HA . 3.34 -34.78 -25.27
C1 NAG IA . 15.35 -41.37 12.03
C2 NAG IA . 13.96 -41.33 12.69
C3 NAG IA . 14.12 -41.54 14.19
C4 NAG IA . 14.89 -42.81 14.49
C5 NAG IA . 16.23 -42.79 13.76
C6 NAG IA . 17.01 -44.08 13.90
C7 NAG IA . 12.42 -39.90 11.44
C8 NAG IA . 11.66 -38.61 11.46
N2 NAG IA . 13.29 -40.08 12.43
O3 NAG IA . 12.83 -41.57 14.79
O4 NAG IA . 15.13 -42.91 15.88
O5 NAG IA . 16.04 -42.57 12.35
O6 NAG IA . 17.94 -44.01 14.97
O7 NAG IA . 12.25 -40.75 10.56
C1 NAG IA . 14.66 -44.21 16.31
C2 NAG IA . 15.39 -44.60 17.59
C3 NAG IA . 14.90 -45.99 18.04
C4 NAG IA . 13.38 -45.97 18.19
C5 NAG IA . 12.74 -45.52 16.88
C6 NAG IA . 11.23 -45.38 16.98
C7 NAG IA . 17.69 -44.61 18.41
C8 NAG IA . 18.49 -43.36 18.58
N2 NAG IA . 16.82 -44.62 17.40
O3 NAG IA . 15.53 -46.33 19.26
O4 NAG IA . 12.93 -47.30 18.49
O5 NAG IA . 13.25 -44.23 16.49
O6 NAG IA . 10.58 -46.29 16.10
O7 NAG IA . 17.82 -45.58 19.16
C1 NAG JA . 24.68 -22.46 29.40
C2 NAG JA . 25.94 -22.26 30.37
C3 NAG JA . 27.03 -21.44 29.59
C4 NAG JA . 27.45 -22.22 28.28
C5 NAG JA . 26.15 -22.40 27.41
C6 NAG JA . 26.35 -23.20 26.12
C7 NAG JA . 25.25 -22.10 32.75
C8 NAG JA . 24.78 -21.30 33.94
N2 NAG JA . 25.50 -21.51 31.57
O3 NAG JA . 28.17 -21.26 30.45
O4 NAG JA . 28.45 -21.48 27.50
O5 NAG JA . 25.12 -23.14 28.18
O6 NAG JA . 25.16 -23.25 25.34
O7 NAG JA . 25.39 -23.32 32.89
C1 NAG JA . 29.88 -22.05 27.46
C2 NAG JA . 30.55 -21.68 26.08
C3 NAG JA . 32.02 -22.26 26.07
C4 NAG JA . 32.84 -21.70 27.28
C5 NAG JA . 32.08 -22.08 28.61
C6 NAG JA . 32.76 -21.50 29.86
C7 NAG JA . 29.45 -21.62 23.84
C8 NAG JA . 28.66 -22.32 22.76
N2 NAG JA . 29.78 -22.28 24.96
O3 NAG JA . 32.67 -21.91 24.84
O4 NAG JA . 34.15 -22.28 27.27
O5 NAG JA . 30.69 -21.54 28.57
O6 NAG JA . 32.88 -20.08 29.83
O7 NAG JA . 29.76 -20.43 23.67
C1 NAG KA . -3.14 48.25 -9.13
C2 NAG KA . -3.99 48.79 -10.28
C3 NAG KA . -4.36 50.24 -9.98
C4 NAG KA . -5.05 50.34 -8.63
C5 NAG KA . -4.16 49.74 -7.56
C6 NAG KA . -4.82 49.71 -6.20
C7 NAG KA . -3.74 47.86 -12.52
C8 NAG KA . -2.92 47.88 -13.77
N2 NAG KA . -3.32 48.67 -11.55
O3 NAG KA . -5.18 50.75 -11.02
O4 NAG KA . -5.31 51.70 -8.33
O5 NAG KA . -3.83 48.38 -7.89
O6 NAG KA . -3.94 49.17 -5.20
O7 NAG KA . -4.71 47.14 -12.39
C1 NAG LA . 20.42 43.26 12.14
C2 NAG LA . 19.17 42.75 12.98
C3 NAG LA . 18.56 43.96 13.76
C4 NAG LA . 19.64 44.60 14.71
C5 NAG LA . 20.84 45.07 13.82
C6 NAG LA . 21.99 45.68 14.63
C7 NAG LA . 17.77 40.93 12.00
C8 NAG LA . 16.75 40.49 10.98
N2 NAG LA . 18.17 42.21 12.02
O3 NAG LA . 17.42 43.54 14.54
O4 NAG LA . 19.07 45.70 15.43
O5 NAG LA . 21.39 43.92 13.07
O6 NAG LA . 21.68 47.00 15.10
O7 NAG LA . 18.21 40.10 12.81
C1 NAG MA . 15.60 47.11 11.18
C2 NAG MA . 15.32 45.99 12.30
C3 NAG MA . 15.11 46.71 13.68
C4 NAG MA . 16.34 47.60 14.03
C5 NAG MA . 16.57 48.66 12.90
C6 NAG MA . 17.82 49.50 13.12
C7 NAG MA . 14.00 44.25 11.07
C8 NAG MA . 12.70 43.53 10.86
N2 NAG MA . 14.08 45.21 12.00
O3 NAG MA . 14.94 45.72 14.71
O4 NAG MA . 16.11 48.26 15.28
O5 NAG MA . 16.74 47.94 11.60
O6 NAG MA . 17.92 50.57 12.18
O7 NAG MA . 14.98 43.93 10.37
C1 NAG NA . 4.20 44.79 -19.35
C2 NAG NA . 3.48 45.39 -18.06
C3 NAG NA . 1.98 45.64 -18.43
C4 NAG NA . 1.87 46.60 -19.66
C5 NAG NA . 2.68 46.00 -20.88
C6 NAG NA . 2.72 46.93 -22.09
C7 NAG NA . 4.45 44.39 -15.99
C8 NAG NA . 4.48 43.28 -14.97
N2 NAG NA . 3.57 44.36 -16.99
O3 NAG NA . 1.32 46.26 -17.31
O4 NAG NA . 0.48 46.49 -20.06
O5 NAG NA . 4.09 45.74 -20.47
O6 NAG NA . 3.16 46.24 -23.26
O7 NAG NA . 5.28 45.32 -15.88
C1 NAG OA . 22.98 33.02 29.38
C2 NAG OA . 23.25 34.03 30.59
C3 NAG OA . 22.01 34.98 30.74
C4 NAG OA . 21.77 35.75 29.40
C5 NAG OA . 21.53 34.71 28.25
C6 NAG OA . 21.37 35.36 26.87
C7 NAG OA . 24.64 32.99 32.39
C8 NAG OA . 24.73 32.17 33.65
N2 NAG OA . 23.44 33.23 31.84
O3 NAG OA . 22.28 35.93 31.79
O4 NAG OA . 20.61 36.58 29.53
O5 NAG OA . 22.71 33.80 28.16
O6 NAG OA . 22.51 36.10 26.46
O7 NAG OA . 25.68 33.42 31.89
C1 NAG PA . 4.99 34.82 -42.51
C2 NAG PA . 4.82 33.46 -43.27
C3 NAG PA . 5.85 33.38 -44.44
C4 NAG PA . 5.62 34.60 -45.40
C5 NAG PA . 5.75 35.95 -44.59
C6 NAG PA . 5.44 37.19 -45.43
C7 NAG PA . 4.05 31.39 -42.07
C8 NAG PA . 4.27 30.35 -41.02
N2 NAG PA . 4.98 32.36 -42.27
O3 NAG PA . 5.68 32.16 -45.17
O4 NAG PA . 6.59 34.58 -46.46
O5 NAG PA . 4.78 35.94 -43.45
O6 NAG PA . 5.69 38.40 -44.71
O7 NAG PA . 3.02 31.37 -42.76
C1 NAG QA . 24.31 44.59 -16.64
C2 NAG QA . 25.59 44.37 -17.57
C3 NAG QA . 26.69 45.43 -17.19
C4 NAG QA . 26.10 46.88 -17.37
C5 NAG QA . 24.83 47.02 -16.47
C6 NAG QA . 24.09 48.36 -16.65
C7 NAG QA . 25.71 41.92 -18.05
C8 NAG QA . 26.23 40.55 -17.73
N2 NAG QA . 26.09 42.99 -17.31
O3 NAG QA . 27.83 45.25 -18.05
O4 NAG QA . 27.09 47.83 -17.00
O5 NAG QA . 23.82 45.98 -16.83
O6 NAG QA . 24.79 49.47 -16.12
O7 NAG QA . 24.92 42.05 -19.01
C1 NAG RA . 27.15 54.10 -4.12
C2 NAG RA . 28.63 54.40 -3.61
C3 NAG RA . 28.64 55.81 -2.96
C4 NAG RA . 28.17 56.88 -4.03
C5 NAG RA . 26.74 56.50 -4.55
C6 NAG RA . 26.22 57.44 -5.65
C7 NAG RA . 29.79 52.25 -3.02
C8 NAG RA . 30.15 51.18 -2.03
N2 NAG RA . 29.03 53.32 -2.65
O3 NAG RA . 29.98 56.13 -2.52
O4 NAG RA . 28.14 58.17 -3.41
O5 NAG RA . 26.77 55.12 -5.12
O6 NAG RA . 24.81 57.30 -5.84
O7 NAG RA . 30.19 52.12 -4.18
C1 NAG SA . 13.22 61.56 -17.17
C2 NAG SA . 13.95 60.17 -16.93
C3 NAG SA . 14.59 59.71 -18.28
C4 NAG SA . 13.45 59.57 -19.37
C5 NAG SA . 12.70 60.94 -19.52
C6 NAG SA . 11.51 60.86 -20.49
C7 NAG SA . 14.95 59.72 -14.69
C8 NAG SA . 15.99 59.99 -13.63
N2 NAG SA . 14.97 60.39 -15.87
O3 NAG SA . 15.25 58.44 -18.11
O4 NAG SA . 14.04 59.20 -20.62
O5 NAG SA . 12.17 61.40 -18.21
O6 NAG SA . 10.94 62.14 -20.72
O7 NAG SA . 14.09 58.88 -14.43
C1 NAG TA . 23.41 53.25 8.17
C2 NAG TA . 24.12 52.22 9.15
C3 NAG TA . 24.36 52.93 10.54
C4 NAG TA . 25.24 54.21 10.32
C5 NAG TA . 24.52 55.17 9.31
C6 NAG TA . 25.35 56.42 8.98
C7 NAG TA . 23.52 49.85 8.65
C8 NAG TA . 22.60 48.68 8.82
N2 NAG TA . 23.27 51.02 9.30
O3 NAG TA . 25.02 52.02 11.44
O4 NAG TA . 25.42 54.88 11.58
O5 NAG TA . 24.26 54.45 8.03
O6 NAG TA . 26.64 56.12 8.46
O7 NAG TA . 24.50 49.74 7.91
C1 NAG UA . -19.73 34.88 -31.40
C2 NAG UA . -20.13 35.55 -30.09
C3 NAG UA . -19.49 36.93 -30.02
C4 NAG UA . -17.98 36.81 -30.18
C5 NAG UA . -17.67 36.08 -31.49
C6 NAG UA . -16.19 35.83 -31.68
C7 NAG UA . -22.24 35.01 -28.98
C8 NAG UA . -23.73 35.20 -28.98
N2 NAG UA . -21.57 35.64 -29.94
O3 NAG UA . -19.81 37.56 -28.79
O4 NAG UA . -17.38 38.10 -30.20
O5 NAG UA . -18.32 34.80 -31.51
O6 NAG UA . -15.93 35.22 -32.93
O7 NAG UA . -21.67 34.34 -28.13
C1 NAG VA . -28.50 30.21 -39.84
C2 NAG VA . -29.78 29.42 -40.38
C3 NAG VA . -31.07 30.21 -39.94
C4 NAG VA . -31.09 30.34 -38.37
C5 NAG VA . -29.78 31.07 -37.90
C6 NAG VA . -29.65 31.19 -36.38
C7 NAG VA . -29.17 28.31 -42.52
C8 NAG VA . -29.06 28.33 -44.02
N2 NAG VA . -29.68 29.37 -41.87
O3 NAG VA . -32.24 29.49 -40.37
O4 NAG VA . -32.24 31.07 -37.96
O5 NAG VA . -28.60 30.32 -38.38
O6 NAG VA . -28.50 31.95 -36.01
O7 NAG VA . -28.76 27.31 -41.92
C1 NAG WA . -41.09 -18.28 3.40
C2 NAG WA . -41.93 -18.37 2.13
C3 NAG WA . -42.56 -19.75 2.03
C4 NAG WA . -41.48 -20.82 2.09
C5 NAG WA . -40.66 -20.64 3.36
C6 NAG WA . -39.50 -21.60 3.45
C7 NAG WA . -42.97 -16.30 1.30
C8 NAG WA . -44.15 -15.38 1.41
N2 NAG WA . -42.96 -17.34 2.13
O3 NAG WA . -43.31 -19.85 0.83
O4 NAG WA . -42.08 -22.10 2.09
O5 NAG WA . -40.11 -19.30 3.41
O6 NAG WA . -38.77 -21.40 4.66
O7 NAG WA . -42.07 -16.10 0.49
C1 NAG XA . -37.48 -0.22 29.71
C2 NAG XA . -36.43 -1.43 29.62
C3 NAG XA . -36.98 -2.62 30.47
C4 NAG XA . -37.25 -2.18 31.95
C5 NAG XA . -38.28 -1.00 31.94
C6 NAG XA . -38.58 -0.44 33.32
C7 NAG XA . -35.37 -1.52 27.36
C8 NAG XA . -35.35 -2.01 25.93
N2 NAG XA . -36.33 -1.88 28.20
O3 NAG XA . -35.97 -3.67 30.51
O4 NAG XA . -37.77 -3.28 32.69
O5 NAG XA . -37.73 0.11 31.12
O6 NAG XA . -39.40 -1.31 34.11
O7 NAG XA . -34.45 -0.76 27.72
C1 NAG YA . -39.18 -6.23 27.87
C2 NAG YA . -37.67 -6.04 28.30
C3 NAG YA . -37.33 -7.09 29.43
C4 NAG YA . -38.29 -6.88 30.66
C5 NAG YA . -39.77 -7.03 30.17
C6 NAG YA . -40.79 -6.71 31.28
C7 NAG YA . -35.62 -5.57 26.98
C8 NAG YA . -34.84 -5.78 25.73
N2 NAG YA . -36.81 -6.18 27.11
O3 NAG YA . -35.97 -6.94 29.87
O4 NAG YA . -37.99 -7.86 31.66
O5 NAG YA . -40.05 -6.06 29.06
O6 NAG YA . -40.79 -7.68 32.32
O7 NAG YA . -35.15 -4.85 27.87
C1 NAG ZA . -45.66 -9.02 -4.43
C2 NAG ZA . -45.01 -10.10 -3.43
C3 NAG ZA . -44.81 -11.44 -4.21
C4 NAG ZA . -46.18 -11.95 -4.76
C5 NAG ZA . -46.79 -10.84 -5.71
C6 NAG ZA . -48.18 -11.20 -6.24
C7 NAG ZA . -43.42 -9.10 -1.78
C8 NAG ZA . -42.05 -8.59 -1.46
N2 NAG ZA . -43.68 -9.58 -3.00
O3 NAG ZA . -44.27 -12.42 -3.30
O4 NAG ZA . -45.98 -13.16 -5.50
O5 NAG ZA . -46.94 -9.56 -4.94
O6 NAG ZA . -48.13 -12.21 -7.25
O7 NAG ZA . -44.29 -9.06 -0.90
C1 NAG AB . -22.58 3.26 43.70
C2 NAG AB . -22.12 2.85 45.17
C3 NAG AB . -22.09 1.28 45.27
C4 NAG AB . -23.51 0.71 44.94
C5 NAG AB . -23.94 1.18 43.50
C6 NAG AB . -25.36 0.73 43.14
C7 NAG AB . -20.53 4.52 46.17
C8 NAG AB . -19.13 5.03 46.34
N2 NAG AB . -20.77 3.41 45.42
O3 NAG AB . -21.72 0.91 46.61
O4 NAG AB . -23.46 -0.72 44.99
O5 NAG AB . -23.92 2.67 43.44
O6 NAG AB . -25.64 0.96 41.76
O7 NAG AB . -21.47 5.13 46.72
C1 NAG BB . -24.80 26.86 30.80
C2 NAG BB . -25.69 27.87 29.96
C3 NAG BB . -24.79 29.13 29.61
C4 NAG BB . -24.26 29.80 30.93
C5 NAG BB . -23.46 28.72 31.76
C6 NAG BB . -22.98 29.17 33.14
C7 NAG BB . -27.31 26.52 28.61
C8 NAG BB . -27.67 25.85 27.33
N2 NAG BB . -26.14 27.19 28.71
O3 NAG BB . -25.58 30.06 28.87
O4 NAG BB . -23.32 30.86 30.50
O5 NAG BB . -24.32 27.54 32.01
O6 NAG BB . -24.00 29.83 33.90
O7 NAG BB . -28.09 26.43 29.58
C1 NAG CB . -46.86 1.32 -27.15
C2 NAG CB . -46.02 2.33 -28.05
C3 NAG CB . -47.03 3.29 -28.78
C4 NAG CB . -48.01 2.44 -29.67
C5 NAG CB . -48.76 1.40 -28.75
C6 NAG CB . -49.68 0.46 -29.53
C7 NAG CB . -43.76 3.24 -27.51
C8 NAG CB . -42.82 3.94 -26.58
N2 NAG CB . -45.05 3.04 -27.17
O3 NAG CB . -46.30 4.24 -29.59
O4 NAG CB . -49.04 3.29 -30.30
O5 NAG CB . -47.78 0.56 -28.01
O6 NAG CB . -48.97 -0.34 -30.49
O7 NAG CB . -43.32 2.86 -28.61
C1 NAG DB . -46.60 6.64 -13.50
C2 NAG DB . -46.58 7.13 -15.05
C3 NAG DB . -46.66 8.71 -15.06
C4 NAG DB . -47.93 9.21 -14.29
C5 NAG DB . -47.88 8.66 -12.82
C6 NAG DB . -49.10 9.04 -11.98
C7 NAG DB . -45.13 5.90 -16.70
C8 NAG DB . -43.76 5.54 -17.19
N2 NAG DB . -45.28 6.72 -15.64
O3 NAG DB . -46.72 9.16 -16.42
O4 NAG DB . -47.94 10.63 -14.28
O5 NAG DB . -47.80 7.17 -12.84
O6 NAG DB . -48.90 8.73 -10.60
O7 NAG DB . -46.12 5.43 -17.28
C1 NAG EB . -52.10 7.53 4.72
C2 NAG EB . -52.78 8.89 4.26
C3 NAG EB . -54.20 9.00 4.92
C4 NAG EB . -55.08 7.76 4.53
C5 NAG EB . -54.34 6.46 4.99
C6 NAG EB . -55.05 5.16 4.57
C7 NAG EB . -51.21 10.80 3.88
C8 NAG EB . -50.34 11.90 4.41
N2 NAG EB . -51.92 10.01 4.71
O3 NAG EB . -54.84 10.21 4.46
O4 NAG EB . -56.35 7.87 5.17
O5 NAG EB . -52.99 6.40 4.37
O6 NAG EB . -56.22 4.92 5.34
O7 NAG EB . -51.26 10.63 2.64
C1 NAG FB . -55.86 3.01 20.10
C2 NAG FB . -56.64 3.67 21.33
C3 NAG FB . -57.56 2.58 21.97
C4 NAG FB . -58.56 2.01 20.91
C5 NAG FB . -57.73 1.42 19.70
C6 NAG FB . -58.61 0.92 18.55
C7 NAG FB . -55.31 5.49 22.40
C8 NAG FB . -54.29 5.93 23.41
N2 NAG FB . -55.65 4.19 22.31
O3 NAG FB . -58.29 3.18 23.06
O4 NAG FB . -59.36 1.00 21.51
O5 NAG FB . -56.84 2.47 19.13
O6 NAG FB . -59.24 -0.32 18.86
O7 NAG FB . -55.83 6.35 21.66
C1 NAG GB . -62.02 -9.71 4.74
C2 NAG GB . -61.73 -8.16 4.49
C3 NAG GB . -62.11 -7.83 2.99
C4 NAG GB . -61.26 -8.73 2.03
C5 NAG GB . -61.54 -10.25 2.36
C6 NAG GB . -60.68 -11.21 1.52
C7 NAG GB . -62.05 -6.56 6.37
C8 NAG GB . -62.97 -5.83 7.30
N2 NAG GB . -62.57 -7.38 5.44
O3 NAG GB . -61.83 -6.44 2.72
O4 NAG GB . -61.63 -8.45 0.68
O5 NAG GB . -61.22 -10.52 3.80
O6 NAG GB . -61.06 -12.56 1.72
O7 NAG GB . -60.82 -6.40 6.48
C1 NAG HB . -31.33 -21.27 -24.18
C2 NAG HB . -32.67 -22.08 -24.54
C3 NAG HB . -33.35 -22.54 -23.20
C4 NAG HB . -32.34 -23.44 -22.38
C5 NAG HB . -31.05 -22.61 -22.08
C6 NAG HB . -29.97 -23.43 -21.36
C7 NAG HB . -33.87 -21.28 -26.59
C8 NAG HB . -34.81 -20.30 -27.24
N2 NAG HB . -33.60 -21.17 -25.28
O3 NAG HB . -34.52 -23.31 -23.50
O4 NAG HB . -32.96 -23.83 -21.16
O5 NAG HB . -30.45 -22.14 -23.37
O6 NAG HB . -28.87 -22.62 -20.95
O7 NAG HB . -33.36 -22.17 -27.28
C1 NAG IB . -28.31 -24.17 -39.37
C2 NAG IB . -27.27 -24.31 -40.58
C3 NAG IB . -27.13 -25.83 -40.92
C4 NAG IB . -26.66 -26.63 -39.65
C5 NAG IB . -27.68 -26.41 -38.49
C6 NAG IB . -27.26 -27.08 -37.18
C7 NAG IB . -27.30 -22.35 -42.15
C8 NAG IB . -27.89 -21.61 -43.32
N2 NAG IB . -27.79 -23.54 -41.76
O3 NAG IB . -26.16 -25.99 -41.98
O4 NAG IB . -26.59 -28.02 -39.97
O5 NAG IB . -27.83 -24.95 -38.21
O6 NAG IB . -28.23 -26.91 -36.15
O7 NAG IB . -26.35 -21.81 -41.55
C1 NAG JB . 33.56 -18.14 -18.39
C2 NAG JB . 34.12 -18.96 -19.63
C3 NAG JB . 35.68 -18.76 -19.67
C4 NAG JB . 36.02 -17.24 -19.79
C5 NAG JB . 35.39 -16.46 -18.58
C6 NAG JB . 35.57 -14.95 -18.66
C7 NAG JB . 32.63 -20.90 -20.02
C8 NAG JB . 32.29 -22.34 -19.80
N2 NAG JB . 33.73 -20.37 -19.45
O3 NAG JB . 36.21 -19.48 -20.80
O4 NAG JB . 37.44 -17.08 -19.79
O5 NAG JB . 33.91 -16.72 -18.53
O6 NAG JB . 36.91 -14.55 -18.36
O7 NAG JB . 31.87 -20.22 -20.73
C1 NAG KB . 28.22 -30.80 11.79
C2 NAG KB . 28.87 -29.34 11.69
C3 NAG KB . 30.43 -29.47 11.85
C4 NAG KB . 30.79 -30.17 13.19
C5 NAG KB . 30.12 -31.59 13.21
C6 NAG KB . 30.37 -32.36 14.51
C7 NAG KB . 27.58 -27.96 10.05
C8 NAG KB . 27.32 -27.50 8.64
N2 NAG KB . 28.57 -28.82 10.32
O3 NAG KB . 31.01 -28.15 11.91
O4 NAG KB . 32.22 -30.31 13.29
O5 NAG KB . 28.64 -31.43 13.06
O6 NAG KB . 31.69 -32.89 14.59
O7 NAG KB . 26.84 -27.53 10.95
C1 NAG LB . 33.17 -28.72 7.71
C2 NAG LB . 32.64 -27.66 8.76
C3 NAG LB . 33.87 -27.03 9.51
C4 NAG LB . 34.67 -28.18 10.23
C5 NAG LB . 35.13 -29.24 9.17
C6 NAG LB . 35.83 -30.45 9.78
C7 NAG LB . 30.79 -26.02 8.58
C8 NAG LB . 30.03 -25.04 7.75
N2 NAG LB . 31.82 -26.67 8.03
O3 NAG LB . 33.44 -26.07 10.50
O4 NAG LB . 35.81 -27.60 10.89
O5 NAG LB . 33.95 -29.76 8.42
O6 NAG LB . 37.11 -30.15 10.33
O7 NAG LB . 30.43 -26.19 9.76
C1 NAG MB . 24.26 -25.93 -22.73
C2 NAG MB . 25.82 -25.75 -22.46
C3 NAG MB . 26.43 -24.88 -23.62
C4 NAG MB . 26.17 -25.56 -25.00
C5 NAG MB . 24.62 -25.75 -25.19
C6 NAG MB . 24.24 -26.48 -26.48
C7 NAG MB . 26.91 -25.50 -20.21
C8 NAG MB . 27.12 -24.73 -18.94
N2 NAG MB . 26.05 -25.05 -21.16
O3 NAG MB . 27.85 -24.72 -23.44
O4 NAG MB . 26.69 -24.74 -26.05
O5 NAG MB . 24.07 -26.55 -24.06
O6 NAG MB . 22.92 -26.15 -26.90
O7 NAG MB . 27.55 -26.55 -20.38
C1 NAG NB . 17.56 -41.27 -13.89
C2 NAG NB . 17.14 -42.53 -14.79
C3 NAG NB . 18.29 -43.59 -14.73
C4 NAG NB . 19.64 -42.94 -15.22
C5 NAG NB . 19.98 -41.70 -14.30
C6 NAG NB . 21.25 -40.95 -14.69
C7 NAG NB . 14.78 -43.36 -14.89
C8 NAG NB . 13.58 -43.87 -14.17
N2 NAG NB . 15.88 -43.07 -14.19
O3 NAG NB . 17.96 -44.70 -15.59
O4 NAG NB . 20.68 -43.91 -15.16
O5 NAG NB . 18.86 -40.72 -14.35
O6 NAG NB . 22.43 -41.65 -14.30
O7 NAG NB . 14.72 -43.20 -16.12
C1 NAG OB . 28.21 -46.11 -2.77
C2 NAG OB . 28.13 -47.45 -1.91
C3 NAG OB . 29.56 -48.08 -1.82
C4 NAG OB . 30.07 -48.38 -3.28
C5 NAG OB . 30.08 -47.05 -4.11
C6 NAG OB . 30.47 -47.25 -5.58
C7 NAG OB . 26.23 -47.30 -0.27
C8 NAG OB . 25.66 -46.93 1.08
N2 NAG OB . 27.54 -47.12 -0.56
O3 NAG OB . 29.50 -49.30 -1.05
O4 NAG OB . 31.40 -48.92 -3.19
O5 NAG OB . 28.71 -46.45 -4.12
O6 NAG OB . 31.85 -47.54 -5.75
O7 NAG OB . 25.45 -47.77 -1.11
C1 NAG PB . 35.00 -41.21 -22.18
C2 NAG PB . 33.52 -41.14 -21.60
C3 NAG PB . 32.52 -41.43 -22.77
C4 NAG PB . 32.73 -40.35 -23.90
C5 NAG PB . 34.22 -40.40 -24.40
C6 NAG PB . 34.55 -39.30 -25.42
C7 NAG PB . 33.33 -41.80 -19.19
C8 NAG PB . 33.25 -42.87 -18.14
N2 NAG PB . 33.41 -42.15 -20.50
O3 NAG PB . 31.16 -41.36 -22.29
O4 NAG PB . 31.86 -40.63 -24.99
O5 NAG PB . 35.15 -40.20 -23.24
O6 NAG PB . 35.88 -39.42 -25.92
O7 NAG PB . 33.31 -40.63 -18.82
C1 NAG QB . 34.07 -38.59 7.48
C2 NAG QB . 33.53 -39.46 8.71
C3 NAG QB . 34.68 -39.59 9.78
C4 NAG QB . 35.93 -40.25 9.11
C5 NAG QB . 36.40 -39.37 7.89
C6 NAG QB . 37.58 -39.97 7.13
C7 NAG QB . 31.08 -39.10 9.00
C8 NAG QB . 29.94 -38.34 9.62
N2 NAG QB . 32.36 -38.76 9.29
O3 NAG QB . 34.22 -40.41 10.87
O4 NAG QB . 36.99 -40.33 10.08
O5 NAG QB . 35.27 -39.23 6.92
O6 NAG QB . 38.09 -39.05 6.16
O7 NAG QB . 30.83 -40.05 8.23
C1 NAG RB . 10.49 -32.89 33.32
C2 NAG RB . 9.76 -31.46 33.28
C3 NAG RB . 8.68 -31.39 34.41
C4 NAG RB . 7.63 -32.54 34.20
C5 NAG RB . 8.37 -33.92 34.20
C6 NAG RB . 7.43 -35.11 33.91
C7 NAG RB . 11.28 -29.67 32.43
C8 NAG RB . 12.24 -28.54 32.64
N2 NAG RB . 10.74 -30.34 33.47
O3 NAG RB . 8.01 -30.11 34.39
O4 NAG RB . 6.66 -32.51 35.25
O5 NAG RB . 9.44 -33.93 33.16
O6 NAG RB . 6.70 -34.94 32.69
O7 NAG RB . 10.99 -29.97 31.27
C1 NAG SB . 19.49 -3.53 -40.36
C2 NAG SB . 20.83 -3.46 -39.63
C3 NAG SB . 21.91 -4.13 -40.46
C4 NAG SB . 21.49 -5.56 -40.80
C5 NAG SB . 20.14 -5.55 -41.49
C6 NAG SB . 19.60 -6.93 -41.77
C7 NAG SB . 21.46 -1.66 -38.10
C8 NAG SB . 20.32 -1.00 -37.38
N2 NAG SB . 21.20 -2.09 -39.33
O3 NAG SB . 23.14 -4.12 -39.75
O4 NAG SB . 22.46 -6.14 -41.68
O5 NAG SB . 19.16 -4.87 -40.68
O6 NAG SB . 18.31 -6.87 -42.39
O7 NAG SB . 22.56 -1.80 -37.57
C1 NAG TB . 14.66 -16.57 -58.85
C2 NAG TB . 14.03 -17.85 -59.54
C3 NAG TB . 15.12 -18.56 -60.41
C4 NAG TB . 15.68 -17.54 -61.48
C5 NAG TB . 16.25 -16.28 -60.73
C6 NAG TB . 16.75 -15.20 -61.71
C7 NAG TB . 12.18 -18.88 -58.20
C8 NAG TB . 11.71 -19.78 -57.09
N2 NAG TB . 13.50 -18.75 -58.47
O3 NAG TB . 14.55 -19.71 -61.08
O4 NAG TB . 16.71 -18.18 -62.23
O5 NAG TB . 15.19 -15.66 -59.88
O6 NAG TB . 17.46 -14.17 -61.02
O7 NAG TB . 11.32 -18.24 -58.85
C1 NAG UB . 15.41 2.64 -52.31
C2 NAG UB . 14.52 3.73 -53.04
C3 NAG UB . 15.49 4.82 -53.65
C4 NAG UB . 16.35 5.45 -52.48
C5 NAG UB . 17.16 4.31 -51.75
C6 NAG UB . 17.96 4.82 -50.55
C7 NAG UB . 12.41 2.65 -53.90
C8 NAG UB . 11.66 1.89 -54.95
N2 NAG UB . 13.71 3.02 -54.10
O3 NAG UB . 14.71 5.85 -54.28
O4 NAG UB . 17.25 6.41 -53.04
O5 NAG UB . 16.21 3.28 -51.24
O6 NAG UB . 18.87 3.82 -50.07
O7 NAG UB . 11.82 2.94 -52.84
#